data_8JZQ
#
_entry.id   8JZQ
#
_cell.length_a   46.987
_cell.length_b   80.886
_cell.length_c   126.377
_cell.angle_alpha   93.96
_cell.angle_beta   90.00
_cell.angle_gamma   93.75
#
_symmetry.space_group_name_H-M   'P 1'
#
_entity_poly.entity_id   1
_entity_poly.type   'polypeptide(L)'
_entity_poly.pdbx_seq_one_letter_code
;MDNQKGRISIALLPFLAHGHISPFFELAKQLAKRNCNVFLCSTPINLSSIKDKDSSASIKLVELHLPSSPDLPPHYHTTN
GLPSHLMLPLRNAFETAGPTFSEILKTLNPDLLIYDFNPSWAPEIASSHNIPAVYFLTTAAASSSIGLHAFKNPGEKYPF
PDFYDNSNIIPEPPSADNMKLLHDFIACFERSCDIILIKSFRELEGKYIDLLSTLSDKTLVPVGPLVQDPMGHNEDPKTE
QIINWLDKRAESTVVFVCFGSEYFLSNEELEEVAIGLEISTVNFIWAVRLIEGEKKGILPEGFVQRVGDRGLVVEGWAPQ
ARILGHSSTGGFVSHCGWSSIAESMKFGVPVIAMARHLDQPLNGKLAAEVGVGMEVVRDENGKYKREGIAEVIRKVVVEK
SGEVIRRKARELSEKMKEKGEQEIDRAVEELVQICKKKKDEQENLYFQGHHHHHH
;
_entity_poly.pdbx_strand_id   A,B,C,D
#
# COMPACT_ATOMS: atom_id res chain seq x y z
N ILE A 8 18.88 -25.65 -11.52
CA ILE A 8 20.07 -26.23 -12.14
C ILE A 8 20.62 -25.32 -13.23
N SER A 9 19.73 -24.72 -14.04
CA SER A 9 20.13 -23.85 -15.12
C SER A 9 20.06 -22.39 -14.69
N ILE A 10 21.10 -21.62 -15.05
CA ILE A 10 21.23 -20.22 -14.67
C ILE A 10 21.56 -19.40 -15.90
N ALA A 11 21.02 -18.19 -15.97
CA ALA A 11 21.32 -17.24 -17.04
C ALA A 11 21.91 -15.97 -16.42
N LEU A 12 22.96 -15.45 -17.05
CA LEU A 12 23.69 -14.30 -16.55
C LEU A 12 23.56 -13.15 -17.54
N LEU A 13 23.26 -11.96 -17.01
CA LEU A 13 23.11 -10.74 -17.81
C LEU A 13 23.97 -9.65 -17.18
N PRO A 14 25.27 -9.64 -17.49
CA PRO A 14 26.12 -8.55 -17.01
C PRO A 14 25.82 -7.26 -17.75
N PHE A 15 26.48 -6.18 -17.32
CA PHE A 15 26.34 -4.90 -17.99
C PHE A 15 27.34 -4.80 -19.14
N LEU A 16 27.16 -3.78 -19.98
CA LEU A 16 27.97 -3.60 -21.19
C LEU A 16 29.27 -2.87 -20.88
N ALA A 17 30.09 -3.52 -20.07
CA ALA A 17 31.39 -2.99 -19.70
C ALA A 17 32.31 -4.14 -19.36
N HIS A 18 33.52 -4.14 -19.92
CA HIS A 18 34.45 -5.23 -19.68
C HIS A 18 34.86 -5.34 -18.22
N GLY A 19 34.67 -4.27 -17.43
CA GLY A 19 34.87 -4.38 -15.99
C GLY A 19 33.87 -5.26 -15.29
N HIS A 20 32.71 -5.50 -15.93
CA HIS A 20 31.70 -6.39 -15.37
C HIS A 20 31.57 -7.70 -16.15
N ILE A 21 32.14 -7.77 -17.36
CA ILE A 21 32.07 -9.02 -18.12
C ILE A 21 32.99 -10.07 -17.51
N SER A 22 34.17 -9.65 -17.05
CA SER A 22 35.12 -10.61 -16.47
C SER A 22 34.59 -11.24 -15.19
N PRO A 23 34.10 -10.49 -14.19
CA PRO A 23 33.58 -11.17 -12.99
C PRO A 23 32.41 -12.09 -13.28
N PHE A 24 31.49 -11.68 -14.15
CA PHE A 24 30.38 -12.56 -14.52
C PHE A 24 30.88 -13.82 -15.21
N PHE A 25 31.87 -13.68 -16.10
CA PHE A 25 32.38 -14.85 -16.81
C PHE A 25 33.11 -15.80 -15.88
N GLU A 26 33.86 -15.26 -14.92
CA GLU A 26 34.55 -16.11 -13.96
C GLU A 26 33.56 -16.81 -13.03
N LEU A 27 32.51 -16.09 -12.61
CA LEU A 27 31.44 -16.74 -11.85
C LEU A 27 30.77 -17.83 -12.66
N ALA A 28 30.62 -17.61 -13.97
CA ALA A 28 30.05 -18.63 -14.84
C ALA A 28 30.94 -19.88 -14.85
N LYS A 29 32.24 -19.69 -15.01
CA LYS A 29 33.16 -20.82 -15.00
C LYS A 29 33.13 -21.54 -13.65
N GLN A 30 32.95 -20.79 -12.56
CA GLN A 30 32.94 -21.41 -11.24
C GLN A 30 31.64 -22.18 -11.00
N LEU A 31 30.52 -21.67 -11.48
CA LEU A 31 29.25 -22.37 -11.27
C LEU A 31 29.04 -23.48 -12.28
N ALA A 32 29.80 -23.50 -13.38
CA ALA A 32 29.68 -24.57 -14.37
C ALA A 32 30.46 -25.82 -13.99
N LYS A 33 31.46 -25.70 -13.12
CA LYS A 33 32.26 -26.83 -12.71
C LYS A 33 31.70 -27.54 -11.48
N ARG A 34 30.66 -26.92 -10.90
CA ARG A 34 29.99 -27.48 -9.70
C ARG A 34 28.50 -27.60 -9.98
N ASN A 35 27.93 -28.77 -9.73
CA ASN A 35 26.48 -29.02 -9.92
C ASN A 35 26.18 -29.01 -11.42
N CYS A 36 27.22 -28.92 -12.25
CA CYS A 36 27.04 -29.03 -13.70
C CYS A 36 25.93 -28.08 -14.10
N ASN A 37 25.87 -26.94 -13.43
CA ASN A 37 24.82 -25.95 -13.72
C ASN A 37 24.86 -25.61 -15.20
N VAL A 38 23.74 -25.81 -15.90
CA VAL A 38 23.66 -25.42 -17.34
C VAL A 38 23.85 -23.91 -17.35
N PHE A 39 24.78 -23.39 -18.14
CA PHE A 39 25.06 -21.95 -18.01
C PHE A 39 24.80 -21.17 -19.29
N LEU A 40 24.00 -20.10 -19.18
CA LEU A 40 23.69 -19.25 -20.35
C LEU A 40 24.14 -17.83 -20.01
N CYS A 41 25.04 -17.19 -20.77
CA CYS A 41 25.59 -15.84 -20.45
C CYS A 41 25.20 -14.88 -21.58
N SER A 42 24.34 -13.89 -21.29
CA SER A 42 23.81 -13.00 -22.35
C SER A 42 24.72 -11.79 -22.56
N THR A 43 25.48 -11.79 -23.65
CA THR A 43 26.40 -10.68 -23.94
C THR A 43 26.29 -10.31 -25.42
N PRO A 44 26.45 -9.02 -25.86
CA PRO A 44 26.50 -8.68 -27.28
C PRO A 44 27.68 -9.42 -27.92
N ILE A 45 27.61 -9.77 -29.21
CA ILE A 45 28.62 -10.66 -29.87
C ILE A 45 30.02 -10.04 -29.70
N ASN A 46 30.14 -8.71 -29.82
CA ASN A 46 31.46 -8.04 -29.64
C ASN A 46 31.97 -8.26 -28.21
N LEU A 47 31.08 -8.12 -27.21
CA LEU A 47 31.49 -8.34 -25.79
C LEU A 47 31.83 -9.81 -25.53
N SER A 48 31.07 -10.75 -26.11
CA SER A 48 31.31 -12.19 -25.85
C SER A 48 32.58 -12.63 -26.59
N SER A 49 32.90 -11.97 -27.70
CA SER A 49 34.10 -12.33 -28.52
C SER A 49 35.36 -12.42 -27.68
N ILE A 50 35.55 -11.48 -26.75
CA ILE A 50 36.77 -11.44 -25.88
C ILE A 50 36.82 -12.65 -24.96
N LYS A 51 35.66 -13.14 -24.52
CA LYS A 51 35.63 -14.23 -23.54
C LYS A 51 35.77 -15.58 -24.24
N ASP A 52 35.88 -15.59 -25.56
CA ASP A 52 35.92 -16.93 -26.23
C ASP A 52 37.37 -17.45 -26.19
N LYS A 53 37.67 -18.29 -25.20
CA LYS A 53 39.05 -18.79 -25.04
C LYS A 53 38.98 -20.06 -24.20
N ASP A 54 38.56 -19.99 -22.93
CA ASP A 54 38.35 -21.26 -22.19
C ASP A 54 36.95 -21.22 -21.56
N SER A 55 35.91 -21.34 -22.39
CA SER A 55 34.52 -21.23 -21.87
C SER A 55 33.66 -22.40 -22.37
N SER A 56 34.29 -23.47 -22.91
CA SER A 56 33.52 -24.62 -23.33
C SER A 56 32.51 -25.06 -22.27
N ALA A 57 32.73 -24.70 -21.00
CA ALA A 57 31.80 -25.08 -19.95
C ALA A 57 30.55 -24.22 -19.98
N SER A 58 30.69 -22.92 -20.20
CA SER A 58 29.56 -22.01 -20.29
C SER A 58 29.03 -21.94 -21.72
N ILE A 59 27.81 -21.45 -21.85
CA ILE A 59 27.17 -21.23 -23.14
C ILE A 59 26.91 -19.73 -23.29
N LYS A 60 27.51 -19.18 -24.33
CA LYS A 60 27.38 -17.72 -24.53
C LYS A 60 26.22 -17.51 -25.49
N LEU A 61 25.42 -16.50 -25.20
CA LEU A 61 24.20 -16.23 -25.97
C LEU A 61 24.28 -14.80 -26.50
N VAL A 62 23.92 -14.55 -27.75
CA VAL A 62 24.11 -13.16 -28.25
C VAL A 62 22.93 -12.28 -27.87
N GLU A 63 23.14 -10.97 -27.77
CA GLU A 63 22.04 -10.00 -27.50
C GLU A 63 22.29 -8.79 -28.39
N LEU A 64 21.39 -8.49 -29.32
CA LEU A 64 21.64 -7.39 -30.29
C LEU A 64 20.67 -6.24 -30.08
N HIS A 65 21.19 -5.03 -29.90
CA HIS A 65 20.38 -3.82 -29.59
C HIS A 65 20.37 -2.89 -30.81
N ARG A 91 22.97 7.40 -25.04
CA ARG A 91 21.99 6.57 -24.30
C ARG A 91 22.16 5.10 -24.72
N ASN A 92 22.72 4.27 -23.83
CA ASN A 92 22.81 2.83 -24.15
C ASN A 92 21.41 2.36 -24.53
N ALA A 93 21.29 1.72 -25.69
CA ALA A 93 19.99 1.20 -26.11
C ALA A 93 19.68 0.00 -25.21
N PHE A 94 20.66 -0.39 -24.39
CA PHE A 94 20.41 -1.47 -23.41
C PHE A 94 19.05 -1.19 -22.74
N GLU A 95 18.75 0.09 -22.51
CA GLU A 95 17.49 0.42 -21.81
C GLU A 95 16.32 0.27 -22.77
N THR A 96 16.55 -0.34 -23.93
CA THR A 96 15.48 -0.54 -24.92
C THR A 96 15.39 -2.02 -25.29
N ALA A 97 16.44 -2.78 -24.98
CA ALA A 97 16.48 -4.20 -25.39
C ALA A 97 15.73 -5.01 -24.35
N GLY A 98 14.81 -4.38 -23.65
CA GLY A 98 14.01 -5.15 -22.69
C GLY A 98 13.37 -6.31 -23.43
N PRO A 99 12.39 -6.05 -24.32
CA PRO A 99 11.69 -7.16 -24.99
C PRO A 99 12.60 -8.12 -25.71
N THR A 100 13.80 -7.68 -26.13
CA THR A 100 14.75 -8.61 -26.73
C THR A 100 15.21 -9.64 -25.70
N PHE A 101 15.58 -9.17 -24.50
CA PHE A 101 15.95 -10.10 -23.44
C PHE A 101 14.75 -10.92 -22.98
N SER A 102 13.55 -10.35 -23.07
CA SER A 102 12.34 -11.13 -22.78
C SER A 102 12.21 -12.30 -23.75
N GLU A 103 12.46 -12.05 -25.04
CA GLU A 103 12.45 -13.12 -26.03
C GLU A 103 13.54 -14.16 -25.74
N ILE A 104 14.73 -13.68 -25.36
CA ILE A 104 15.82 -14.61 -25.04
C ILE A 104 15.44 -15.52 -23.88
N LEU A 105 14.86 -14.95 -22.83
CA LEU A 105 14.42 -15.77 -21.70
C LEU A 105 13.26 -16.67 -22.08
N LYS A 106 12.39 -16.20 -22.98
CA LYS A 106 11.27 -17.03 -23.44
C LYS A 106 11.78 -18.27 -24.17
N THR A 107 12.92 -18.12 -24.84
CA THR A 107 13.54 -19.28 -25.53
C THR A 107 14.38 -20.08 -24.51
N LEU A 108 15.29 -19.41 -23.81
CA LEU A 108 16.19 -20.12 -22.86
C LEU A 108 15.40 -20.63 -21.65
N ASN A 109 14.57 -19.77 -21.05
CA ASN A 109 13.80 -20.17 -19.84
C ASN A 109 14.75 -20.72 -18.78
N PRO A 110 15.67 -19.91 -18.22
CA PRO A 110 16.60 -20.38 -17.18
C PRO A 110 15.88 -20.57 -15.83
N ASP A 111 16.44 -21.43 -14.97
CA ASP A 111 15.82 -21.67 -13.63
C ASP A 111 16.12 -20.47 -12.72
N LEU A 112 16.96 -19.53 -13.18
CA LEU A 112 17.34 -18.39 -12.36
C LEU A 112 18.12 -17.40 -13.20
N LEU A 113 17.98 -16.12 -12.86
CA LEU A 113 18.68 -15.05 -13.54
C LEU A 113 19.60 -14.30 -12.57
N ILE A 114 20.81 -14.01 -13.03
CA ILE A 114 21.79 -13.24 -12.26
C ILE A 114 22.08 -11.97 -13.04
N TYR A 115 21.58 -10.84 -12.53
CA TYR A 115 21.63 -9.56 -13.23
C TYR A 115 22.62 -8.62 -12.57
N ASP A 116 22.92 -7.53 -13.27
CA ASP A 116 23.87 -6.53 -12.81
C ASP A 116 23.14 -5.31 -12.25
N PHE A 117 23.77 -4.14 -12.28
CA PHE A 117 23.23 -2.98 -11.57
C PHE A 117 22.40 -2.06 -12.44
N ASN A 118 22.71 -1.96 -13.72
CA ASN A 118 22.08 -0.95 -14.57
C ASN A 118 21.02 -1.47 -15.55
N PRO A 119 21.02 -2.75 -15.94
CA PRO A 119 19.93 -3.24 -16.80
C PRO A 119 18.53 -2.82 -16.35
N SER A 120 18.32 -2.55 -15.06
CA SER A 120 17.02 -2.01 -14.56
C SER A 120 15.80 -2.92 -14.84
N TRP A 121 15.52 -3.21 -16.11
CA TRP A 121 14.33 -4.00 -16.47
C TRP A 121 14.59 -5.48 -16.23
N ALA A 122 15.85 -5.84 -16.01
CA ALA A 122 16.20 -7.26 -15.84
C ALA A 122 15.33 -7.87 -14.75
N PRO A 123 15.28 -7.32 -13.54
CA PRO A 123 14.52 -7.94 -12.46
C PRO A 123 13.03 -8.00 -12.83
N GLU A 124 12.52 -6.99 -13.53
CA GLU A 124 11.07 -6.93 -13.87
C GLU A 124 10.72 -7.95 -14.95
N ILE A 125 11.51 -8.06 -16.01
CA ILE A 125 11.24 -8.99 -17.14
C ILE A 125 11.39 -10.42 -16.65
N ALA A 126 12.30 -10.64 -15.69
CA ALA A 126 12.50 -12.01 -15.15
C ALA A 126 11.26 -12.46 -14.38
N SER A 127 10.65 -11.54 -13.64
CA SER A 127 9.45 -11.85 -12.85
C SER A 127 8.25 -12.06 -13.76
N SER A 128 8.27 -11.46 -14.95
CA SER A 128 7.17 -11.64 -15.93
C SER A 128 7.27 -13.03 -16.53
N HIS A 129 8.39 -13.70 -16.34
CA HIS A 129 8.51 -15.11 -16.80
C HIS A 129 8.56 -16.00 -15.56
N ASN A 130 8.26 -15.44 -14.39
CA ASN A 130 8.26 -16.20 -13.11
C ASN A 130 9.67 -16.74 -12.88
N ILE A 131 10.68 -15.95 -13.21
CA ILE A 131 12.06 -16.36 -12.97
C ILE A 131 12.59 -15.58 -11.77
N PRO A 132 13.05 -16.24 -10.72
CA PRO A 132 13.63 -15.50 -9.59
C PRO A 132 14.94 -14.84 -10.00
N ALA A 133 15.10 -13.59 -9.57
CA ALA A 133 16.23 -12.77 -9.96
C ALA A 133 17.13 -12.52 -8.76
N VAL A 134 18.43 -12.80 -8.92
CA VAL A 134 19.43 -12.60 -7.89
C VAL A 134 20.45 -11.58 -8.40
N TYR A 135 20.81 -10.63 -7.54
CA TYR A 135 21.73 -9.57 -7.91
C TYR A 135 23.18 -9.97 -7.62
N PHE A 136 24.08 -9.57 -8.52
CA PHE A 136 25.50 -9.84 -8.40
C PHE A 136 26.22 -8.51 -8.22
N LEU A 137 26.77 -8.28 -7.04
CA LEU A 137 27.50 -7.06 -6.73
C LEU A 137 28.99 -7.34 -6.85
N THR A 138 29.65 -6.67 -7.80
CA THR A 138 31.07 -6.86 -8.05
C THR A 138 31.93 -5.83 -7.34
N THR A 139 31.37 -5.09 -6.40
CA THR A 139 32.06 -4.04 -5.67
C THR A 139 32.11 -4.41 -4.19
N ALA A 140 33.00 -3.74 -3.46
CA ALA A 140 33.11 -3.96 -2.03
C ALA A 140 31.79 -3.68 -1.33
N ALA A 141 31.56 -4.38 -0.23
CA ALA A 141 30.30 -4.22 0.50
C ALA A 141 30.22 -2.88 1.22
N ALA A 142 31.36 -2.34 1.66
CA ALA A 142 31.34 -1.09 2.43
C ALA A 142 30.94 0.10 1.57
N SER A 143 31.51 0.19 0.36
CA SER A 143 31.23 1.31 -0.52
C SER A 143 29.75 1.38 -0.86
N SER A 144 29.11 0.23 -1.06
CA SER A 144 27.67 0.21 -1.30
C SER A 144 26.89 0.45 -0.01
N SER A 145 27.42 -0.05 1.12
CA SER A 145 26.78 0.16 2.41
C SER A 145 26.64 1.63 2.73
N ILE A 146 27.59 2.46 2.29
CA ILE A 146 27.51 3.90 2.46
C ILE A 146 26.14 4.40 2.01
N GLY A 147 25.88 4.30 0.71
CA GLY A 147 24.62 4.79 0.17
C GLY A 147 23.40 4.03 0.65
N LEU A 148 23.54 2.71 0.83
CA LEU A 148 22.37 1.93 1.26
C LEU A 148 21.95 2.33 2.67
N HIS A 149 22.88 2.68 3.54
CA HIS A 149 22.52 3.14 4.92
C HIS A 149 21.83 4.50 4.86
N ALA A 150 22.32 5.37 3.99
CA ALA A 150 21.78 6.74 3.90
C ALA A 150 20.32 6.71 3.51
N PHE A 151 19.87 5.58 2.94
CA PHE A 151 18.44 5.42 2.55
C PHE A 151 17.73 4.63 3.64
N LYS A 152 18.20 3.44 3.96
CA LYS A 152 17.41 2.64 4.92
C LYS A 152 17.31 3.41 6.23
N ASN A 153 18.43 3.91 6.73
CA ASN A 153 18.43 4.63 8.02
C ASN A 153 18.89 6.06 7.72
N PRO A 154 17.97 7.01 7.47
CA PRO A 154 18.39 8.33 7.00
C PRO A 154 19.34 9.13 7.90
N GLY A 155 19.09 9.19 9.20
CA GLY A 155 19.93 10.03 10.07
C GLY A 155 20.57 9.25 11.20
N GLU A 156 20.83 7.96 11.01
CA GLU A 156 21.32 7.14 12.14
C GLU A 156 22.84 7.08 12.20
N LYS A 157 23.55 7.70 11.25
CA LYS A 157 25.04 7.78 11.28
C LYS A 157 25.62 6.45 10.80
N TYR A 158 26.72 6.49 10.07
CA TYR A 158 27.33 5.20 9.66
C TYR A 158 27.84 4.51 10.92
N PRO A 159 27.73 3.17 11.01
CA PRO A 159 28.10 2.45 12.22
C PRO A 159 29.59 2.58 12.57
N PHE A 160 30.42 3.09 11.64
CA PHE A 160 31.87 3.22 11.90
C PHE A 160 32.42 4.61 11.51
N PRO A 161 32.67 5.64 12.39
CA PRO A 161 33.23 6.90 11.90
C PRO A 161 34.59 6.70 11.20
N ASP A 162 35.43 5.81 11.73
CA ASP A 162 36.79 5.59 11.16
C ASP A 162 36.71 5.41 9.63
N PHE A 163 35.75 4.60 9.16
CA PHE A 163 35.66 4.31 7.71
C PHE A 163 34.87 5.43 7.05
N TYR A 164 33.66 5.69 7.54
CA TYR A 164 32.87 6.83 7.00
C TYR A 164 32.35 7.68 8.15
N ASP A 165 32.72 8.96 8.14
CA ASP A 165 32.19 9.87 9.17
C ASP A 165 31.05 10.68 8.54
N ASN A 166 29.82 10.24 8.77
CA ASN A 166 28.63 10.93 8.19
C ASN A 166 28.60 12.38 8.64
N SER A 167 28.71 12.64 9.95
CA SER A 167 28.54 14.04 10.44
C SER A 167 29.06 15.03 9.39
N ASN A 178 18.77 13.71 -8.34
CA ASN A 178 18.39 14.02 -6.96
C ASN A 178 17.51 12.92 -6.37
N MET A 179 16.92 12.11 -7.25
CA MET A 179 16.04 11.03 -6.83
C MET A 179 16.05 9.89 -7.84
N LYS A 180 16.13 10.23 -9.12
CA LYS A 180 15.90 9.27 -10.19
C LYS A 180 17.07 8.30 -10.34
N LEU A 181 18.06 8.45 -9.47
CA LEU A 181 19.22 7.56 -9.42
C LEU A 181 19.35 6.82 -8.10
N LEU A 182 18.97 7.43 -6.97
CA LEU A 182 19.03 6.75 -5.69
C LEU A 182 18.10 5.54 -5.67
N HIS A 183 16.88 5.69 -6.19
CA HIS A 183 15.96 4.57 -6.27
C HIS A 183 16.50 3.48 -7.18
N ASP A 184 17.27 3.89 -8.19
CA ASP A 184 17.75 2.87 -9.15
C ASP A 184 18.96 2.14 -8.57
N PHE A 185 19.51 2.63 -7.45
CA PHE A 185 20.64 1.94 -6.78
C PHE A 185 20.08 0.89 -5.83
N ILE A 186 19.00 1.22 -5.15
CA ILE A 186 18.43 0.32 -4.10
C ILE A 186 17.66 -0.77 -4.81
N ALA A 187 17.14 -0.43 -5.97
CA ALA A 187 16.33 -1.39 -6.75
C ALA A 187 17.05 -2.74 -6.80
N CYS A 188 18.28 -2.72 -7.30
CA CYS A 188 18.92 -4.02 -7.47
C CYS A 188 19.07 -4.75 -6.15
N PHE A 189 19.09 -4.03 -5.03
CA PHE A 189 19.11 -4.69 -3.73
C PHE A 189 17.72 -5.14 -3.32
N GLU A 190 16.71 -4.30 -3.58
CA GLU A 190 15.33 -4.63 -3.19
C GLU A 190 14.78 -5.78 -4.03
N ARG A 191 14.90 -5.67 -5.35
CA ARG A 191 14.31 -6.66 -6.24
C ARG A 191 15.06 -7.98 -6.26
N SER A 192 16.20 -8.07 -5.58
CA SER A 192 16.93 -9.33 -5.53
C SER A 192 16.16 -10.35 -4.71
N CYS A 193 16.01 -11.56 -5.24
CA CYS A 193 15.20 -12.60 -4.61
C CYS A 193 16.03 -13.27 -3.51
N ASP A 194 15.60 -13.07 -2.25
CA ASP A 194 16.15 -13.75 -1.08
C ASP A 194 17.61 -13.38 -0.79
N ILE A 195 18.52 -13.63 -1.73
CA ILE A 195 19.95 -13.47 -1.49
C ILE A 195 20.50 -12.40 -2.43
N ILE A 196 21.75 -12.05 -2.20
CA ILE A 196 22.52 -11.16 -3.07
C ILE A 196 23.94 -11.70 -3.14
N LEU A 197 24.37 -12.10 -4.33
CA LEU A 197 25.74 -12.57 -4.53
C LEU A 197 26.69 -11.39 -4.58
N ILE A 198 27.86 -11.55 -3.96
CA ILE A 198 28.84 -10.47 -3.92
C ILE A 198 30.23 -11.03 -4.19
N LYS A 199 30.99 -10.32 -5.03
CA LYS A 199 32.39 -10.63 -5.29
C LYS A 199 33.22 -10.05 -4.16
N SER A 200 33.25 -10.78 -3.05
CA SER A 200 34.00 -10.37 -1.87
C SER A 200 34.18 -11.60 -0.99
N PHE A 201 34.89 -11.42 0.11
CA PHE A 201 35.17 -12.51 1.04
C PHE A 201 35.15 -11.98 2.45
N ARG A 202 34.73 -12.83 3.39
CA ARG A 202 34.52 -12.41 4.77
C ARG A 202 35.83 -11.95 5.41
N GLU A 203 36.96 -12.55 5.04
CA GLU A 203 38.23 -12.22 5.66
C GLU A 203 38.64 -10.77 5.45
N LEU A 204 38.05 -10.08 4.47
CA LEU A 204 38.40 -8.69 4.20
C LEU A 204 37.38 -7.69 4.71
N GLU A 205 36.09 -8.04 4.68
CA GLU A 205 35.05 -7.09 5.06
C GLU A 205 33.81 -7.84 5.54
N GLY A 206 33.99 -8.80 6.44
CA GLY A 206 32.84 -9.51 6.98
C GLY A 206 31.91 -8.58 7.75
N LYS A 207 32.47 -7.60 8.44
CA LYS A 207 31.67 -6.62 9.16
C LYS A 207 30.76 -5.85 8.20
N TYR A 208 31.33 -5.34 7.10
CA TYR A 208 30.52 -4.57 6.15
C TYR A 208 29.57 -5.47 5.38
N ILE A 209 29.93 -6.73 5.17
CA ILE A 209 29.01 -7.66 4.50
C ILE A 209 27.80 -7.93 5.38
N ASP A 210 28.01 -8.13 6.68
CA ASP A 210 26.89 -8.29 7.59
C ASP A 210 26.05 -7.02 7.67
N LEU A 211 26.69 -5.85 7.68
CA LEU A 211 25.96 -4.61 7.64
C LEU A 211 25.07 -4.52 6.41
N LEU A 212 25.63 -4.86 5.24
CA LEU A 212 24.86 -4.84 3.99
C LEU A 212 23.71 -5.84 4.03
N SER A 213 23.96 -7.02 4.62
CA SER A 213 22.90 -8.00 4.80
C SER A 213 21.73 -7.42 5.58
N THR A 214 22.02 -6.80 6.73
CA THR A 214 20.94 -6.25 7.53
C THR A 214 20.27 -5.07 6.84
N LEU A 215 21.04 -4.25 6.13
CA LEU A 215 20.46 -3.06 5.51
C LEU A 215 19.56 -3.43 4.33
N SER A 216 19.94 -4.45 3.57
CA SER A 216 19.15 -4.85 2.40
C SER A 216 18.03 -5.81 2.72
N ASP A 217 18.02 -6.38 3.93
CA ASP A 217 17.14 -7.49 4.30
C ASP A 217 17.33 -8.71 3.41
N LYS A 218 18.52 -8.85 2.81
CA LYS A 218 18.85 -9.99 1.98
C LYS A 218 20.10 -10.67 2.54
N THR A 219 20.23 -11.95 2.26
CA THR A 219 21.39 -12.70 2.71
C THR A 219 22.53 -12.47 1.70
N LEU A 220 23.60 -11.83 2.17
CA LEU A 220 24.76 -11.61 1.32
C LEU A 220 25.54 -12.91 1.21
N VAL A 221 25.67 -13.41 0.00
CA VAL A 221 26.41 -14.64 -0.26
C VAL A 221 27.71 -14.26 -0.97
N PRO A 222 28.85 -14.38 -0.32
CA PRO A 222 30.12 -14.05 -0.97
C PRO A 222 30.65 -15.21 -1.79
N VAL A 223 31.12 -14.89 -2.99
CA VAL A 223 31.70 -15.87 -3.89
C VAL A 223 33.23 -15.74 -3.94
N GLY A 224 33.82 -15.04 -2.97
CA GLY A 224 35.25 -14.88 -2.91
C GLY A 224 35.78 -14.06 -4.08
N PRO A 225 37.09 -14.11 -4.29
CA PRO A 225 37.67 -13.46 -5.47
C PRO A 225 37.56 -14.36 -6.69
N LEU A 226 37.72 -13.74 -7.85
CA LEU A 226 37.66 -14.44 -9.13
C LEU A 226 38.92 -14.09 -9.91
N VAL A 227 39.83 -15.07 -10.01
CA VAL A 227 41.18 -14.91 -10.55
C VAL A 227 41.80 -13.59 -10.11
N ASP A 236 51.19 -10.96 -26.91
CA ASP A 236 51.29 -12.10 -25.99
C ASP A 236 52.66 -12.77 -25.96
N PRO A 237 53.37 -12.82 -27.10
CA PRO A 237 54.81 -13.14 -27.04
C PRO A 237 55.66 -12.03 -26.43
N LYS A 238 55.05 -10.93 -25.96
CA LYS A 238 55.76 -9.81 -25.37
C LYS A 238 55.91 -9.93 -23.86
N THR A 239 55.40 -11.00 -23.25
CA THR A 239 55.45 -11.15 -21.80
C THR A 239 56.57 -12.06 -21.33
N GLU A 240 57.29 -12.72 -22.24
CA GLU A 240 58.38 -13.60 -21.83
C GLU A 240 59.50 -12.82 -21.15
N GLN A 241 59.79 -11.62 -21.65
CA GLN A 241 60.77 -10.75 -21.02
C GLN A 241 60.39 -10.45 -19.56
N ILE A 242 59.09 -10.25 -19.31
CA ILE A 242 58.62 -9.93 -17.96
C ILE A 242 58.99 -11.05 -16.99
N ILE A 243 58.59 -12.28 -17.30
CA ILE A 243 58.85 -13.39 -16.38
C ILE A 243 60.33 -13.69 -16.31
N ASN A 244 61.06 -13.57 -17.43
CA ASN A 244 62.49 -13.82 -17.38
C ASN A 244 63.20 -12.81 -16.50
N TRP A 245 62.63 -11.61 -16.35
CA TRP A 245 63.23 -10.58 -15.47
C TRP A 245 62.90 -10.86 -14.00
N LEU A 246 61.66 -11.22 -13.70
CA LEU A 246 61.21 -11.40 -12.30
C LEU A 246 61.81 -12.66 -11.69
N ASP A 247 62.11 -13.64 -12.51
CA ASP A 247 62.60 -14.93 -11.96
C ASP A 247 64.03 -14.78 -11.47
N LYS A 248 64.77 -13.84 -12.05
CA LYS A 248 66.21 -13.69 -11.71
C LYS A 248 66.37 -12.70 -10.55
N ARG A 249 65.31 -12.47 -9.79
CA ARG A 249 65.35 -11.55 -8.62
C ARG A 249 64.93 -12.36 -7.41
N ALA A 250 65.32 -11.92 -6.23
CA ALA A 250 65.04 -12.73 -5.02
C ALA A 250 63.56 -12.74 -4.64
N GLU A 251 63.23 -13.48 -3.59
CA GLU A 251 61.83 -13.65 -3.22
C GLU A 251 61.33 -12.43 -2.45
N SER A 252 60.13 -11.97 -2.80
CA SER A 252 59.44 -10.89 -2.10
C SER A 252 60.28 -9.61 -2.05
N THR A 253 60.99 -9.32 -3.15
CA THR A 253 61.80 -8.12 -3.26
C THR A 253 61.33 -7.18 -4.36
N VAL A 254 60.42 -7.61 -5.23
CA VAL A 254 59.94 -6.81 -6.34
C VAL A 254 58.61 -6.18 -5.97
N VAL A 255 58.45 -4.90 -6.31
CA VAL A 255 57.22 -4.17 -6.07
C VAL A 255 56.55 -3.93 -7.41
N PHE A 256 55.33 -4.43 -7.56
CA PHE A 256 54.57 -4.24 -8.79
C PHE A 256 53.75 -2.97 -8.69
N VAL A 257 53.90 -2.08 -9.66
CA VAL A 257 53.23 -0.79 -9.69
C VAL A 257 52.34 -0.76 -10.92
N CYS A 258 51.06 -0.45 -10.69
CA CYS A 258 50.10 -0.28 -11.82
C CYS A 258 48.89 0.52 -11.34
N PHE A 259 48.42 1.46 -12.16
CA PHE A 259 47.22 2.26 -11.80
C PHE A 259 46.09 1.92 -12.77
N GLY A 260 45.93 0.64 -13.09
CA GLY A 260 44.87 0.20 -14.02
C GLY A 260 44.92 0.95 -15.34
N SER A 261 43.79 1.50 -15.78
CA SER A 261 43.73 2.30 -17.02
C SER A 261 42.85 3.52 -16.79
N GLU A 262 42.50 3.80 -15.53
CA GLU A 262 41.60 4.93 -15.21
C GLU A 262 42.26 6.26 -15.60
N TYR A 263 43.50 6.49 -15.14
CA TYR A 263 44.19 7.76 -15.42
C TYR A 263 45.68 7.50 -15.69
N PHE A 264 46.15 7.90 -16.87
CA PHE A 264 47.59 7.76 -17.21
C PHE A 264 48.36 8.82 -16.41
N LEU A 265 47.68 9.51 -15.49
CA LEU A 265 48.31 10.61 -14.69
C LEU A 265 48.73 11.72 -15.66
N SER A 266 49.88 12.33 -15.43
CA SER A 266 50.40 13.39 -16.34
C SER A 266 51.92 13.45 -16.18
N ASN A 267 52.62 14.18 -17.05
CA ASN A 267 54.09 14.36 -16.92
C ASN A 267 54.41 14.96 -15.55
N GLU A 268 53.40 15.52 -14.88
CA GLU A 268 53.67 16.16 -13.57
C GLU A 268 53.51 15.10 -12.49
N GLU A 269 52.58 14.17 -12.71
CA GLU A 269 52.32 13.14 -11.68
C GLU A 269 53.19 11.93 -11.96
N LEU A 270 53.48 11.62 -13.23
CA LEU A 270 54.41 10.52 -13.43
C LEU A 270 55.75 10.80 -12.76
N GLU A 271 56.16 12.07 -12.69
CA GLU A 271 57.44 12.41 -12.09
C GLU A 271 57.48 12.03 -10.61
N GLU A 272 56.41 12.36 -9.87
CA GLU A 272 56.41 12.15 -8.42
C GLU A 272 56.43 10.67 -8.07
N VAL A 273 56.00 9.79 -8.97
CA VAL A 273 56.01 8.36 -8.68
C VAL A 273 57.29 7.74 -9.22
N ALA A 274 57.81 8.28 -10.31
CA ALA A 274 59.05 7.75 -10.88
C ALA A 274 60.23 8.03 -9.95
N ILE A 275 60.38 9.28 -9.50
CA ILE A 275 61.48 9.58 -8.59
C ILE A 275 61.24 8.94 -7.24
N GLY A 276 59.98 8.77 -6.83
CA GLY A 276 59.68 8.06 -5.61
C GLY A 276 60.07 6.60 -5.68
N LEU A 277 59.95 5.98 -6.85
CA LEU A 277 60.42 4.61 -7.04
C LEU A 277 61.93 4.56 -7.15
N GLU A 278 62.57 5.62 -7.65
CA GLU A 278 64.03 5.63 -7.75
C GLU A 278 64.67 5.65 -6.37
N ILE A 279 64.24 6.56 -5.49
CA ILE A 279 64.82 6.67 -4.16
C ILE A 279 64.30 5.61 -3.20
N SER A 280 63.36 4.77 -3.64
CA SER A 280 62.90 3.67 -2.80
C SER A 280 63.94 2.58 -2.65
N THR A 281 64.90 2.50 -3.58
CA THR A 281 65.99 1.52 -3.55
C THR A 281 65.46 0.09 -3.41
N VAL A 282 64.50 -0.25 -4.27
CA VAL A 282 63.93 -1.59 -4.29
C VAL A 282 63.52 -1.92 -5.72
N ASN A 283 63.60 -3.20 -6.07
CA ASN A 283 63.22 -3.64 -7.40
C ASN A 283 61.73 -3.40 -7.64
N PHE A 284 61.38 -3.09 -8.88
CA PHE A 284 59.99 -2.81 -9.18
C PHE A 284 59.69 -3.16 -10.64
N ILE A 285 58.43 -3.45 -10.90
CA ILE A 285 57.88 -3.57 -12.24
C ILE A 285 56.74 -2.57 -12.32
N TRP A 286 57.00 -1.40 -12.90
CA TRP A 286 56.03 -0.32 -13.00
C TRP A 286 55.43 -0.34 -14.40
N ALA A 287 54.23 -0.92 -14.52
CA ALA A 287 53.53 -0.99 -15.79
C ALA A 287 52.71 0.28 -15.97
N VAL A 288 53.16 1.15 -16.88
CA VAL A 288 52.53 2.48 -17.07
C VAL A 288 51.43 2.42 -18.14
N PHE A 303 66.08 8.43 -12.79
CA PHE A 303 65.19 7.47 -13.51
C PHE A 303 65.58 7.45 -14.97
N VAL A 304 65.03 8.37 -15.77
CA VAL A 304 65.30 8.46 -17.23
C VAL A 304 65.35 7.05 -17.88
N GLN A 305 64.63 6.08 -17.31
CA GLN A 305 64.56 4.68 -17.84
C GLN A 305 65.92 3.98 -17.80
N ARG A 306 67.02 4.72 -17.62
CA ARG A 306 68.37 4.09 -17.69
C ARG A 306 69.06 4.13 -16.34
N VAL A 307 68.55 4.92 -15.40
CA VAL A 307 69.12 4.96 -14.02
C VAL A 307 68.04 4.44 -13.06
N GLY A 308 67.07 3.69 -13.59
CA GLY A 308 66.06 3.06 -12.73
C GLY A 308 66.71 2.03 -11.84
N ASP A 309 66.55 2.13 -10.52
CA ASP A 309 67.19 1.19 -9.56
C ASP A 309 66.57 -0.19 -9.75
N ARG A 310 66.99 -0.90 -10.78
CA ARG A 310 66.52 -2.28 -11.03
C ARG A 310 65.00 -2.29 -11.17
N GLY A 311 64.51 -1.81 -12.32
CA GLY A 311 63.06 -1.82 -12.60
C GLY A 311 62.77 -2.07 -14.05
N LEU A 312 61.48 -2.22 -14.40
CA LEU A 312 61.07 -2.45 -15.81
C LEU A 312 59.74 -1.73 -16.07
N VAL A 313 59.72 -0.81 -17.04
CA VAL A 313 58.48 -0.12 -17.39
C VAL A 313 57.86 -0.80 -18.60
N VAL A 314 56.54 -0.95 -18.58
CA VAL A 314 55.80 -1.61 -19.65
C VAL A 314 54.75 -0.64 -20.18
N GLU A 315 54.49 -0.70 -21.48
CA GLU A 315 53.53 0.19 -22.12
C GLU A 315 52.09 -0.21 -21.80
N GLY A 316 51.64 -1.34 -22.37
CA GLY A 316 50.25 -1.73 -22.25
C GLY A 316 49.97 -2.77 -21.18
N TRP A 317 49.35 -3.87 -21.57
CA TRP A 317 48.93 -4.89 -20.62
C TRP A 317 50.14 -5.59 -20.01
N ALA A 318 50.07 -5.83 -18.70
CA ALA A 318 51.12 -6.48 -17.94
C ALA A 318 50.59 -7.74 -17.27
N PRO A 319 51.45 -8.72 -17.02
CA PRO A 319 51.00 -9.95 -16.34
C PRO A 319 50.68 -9.68 -14.87
N GLN A 320 49.61 -8.94 -14.60
CA GLN A 320 49.30 -8.55 -13.23
C GLN A 320 49.12 -9.76 -12.33
N ALA A 321 48.25 -10.69 -12.74
CA ALA A 321 48.03 -11.90 -11.94
C ALA A 321 49.30 -12.74 -11.88
N ARG A 322 50.06 -12.81 -12.98
CA ARG A 322 51.26 -13.62 -13.02
C ARG A 322 52.42 -12.98 -12.27
N ILE A 323 52.43 -11.65 -12.14
CA ILE A 323 53.45 -11.00 -11.34
C ILE A 323 53.12 -11.09 -9.86
N LEU A 324 51.86 -10.83 -9.50
CA LEU A 324 51.46 -10.96 -8.10
C LEU A 324 51.58 -12.40 -7.62
N GLY A 325 51.33 -13.38 -8.50
CA GLY A 325 51.49 -14.77 -8.13
C GLY A 325 52.92 -15.24 -8.08
N HIS A 326 53.85 -14.49 -8.69
CA HIS A 326 55.25 -14.88 -8.66
C HIS A 326 55.83 -14.65 -7.26
N SER A 327 56.75 -15.53 -6.86
CA SER A 327 57.26 -15.49 -5.50
C SER A 327 58.18 -14.29 -5.26
N SER A 328 58.69 -13.66 -6.31
CA SER A 328 59.61 -12.53 -6.16
C SER A 328 58.90 -11.23 -5.82
N THR A 329 57.58 -11.18 -5.92
CA THR A 329 56.83 -9.96 -5.65
C THR A 329 56.40 -9.93 -4.19
N GLY A 330 56.70 -8.81 -3.53
CA GLY A 330 56.32 -8.61 -2.14
C GLY A 330 55.71 -7.26 -1.89
N GLY A 331 55.26 -6.59 -2.95
CA GLY A 331 54.65 -5.27 -2.86
C GLY A 331 53.85 -4.91 -4.10
N PHE A 332 52.73 -4.20 -3.91
CA PHE A 332 51.84 -3.85 -5.02
C PHE A 332 51.37 -2.41 -4.83
N VAL A 333 52.02 -1.48 -5.53
CA VAL A 333 51.58 -0.09 -5.55
C VAL A 333 50.39 0.00 -6.50
N SER A 334 49.20 0.27 -5.96
CA SER A 334 47.98 0.16 -6.75
C SER A 334 47.10 1.38 -6.52
N HIS A 335 46.23 1.64 -7.51
CA HIS A 335 45.20 2.66 -7.38
C HIS A 335 43.98 2.17 -6.63
N CYS A 336 44.02 0.94 -6.10
CA CYS A 336 42.98 0.39 -5.23
C CYS A 336 41.67 0.15 -5.98
N GLY A 337 41.78 -0.49 -7.15
CA GLY A 337 40.61 -1.10 -7.75
C GLY A 337 40.21 -2.36 -7.01
N TRP A 338 38.93 -2.68 -7.04
CA TRP A 338 38.44 -3.81 -6.26
C TRP A 338 39.04 -5.12 -6.76
N SER A 339 39.06 -5.33 -8.08
CA SER A 339 39.70 -6.53 -8.61
C SER A 339 41.19 -6.54 -8.33
N SER A 340 41.81 -5.36 -8.35
CA SER A 340 43.24 -5.27 -8.06
C SER A 340 43.54 -5.68 -6.63
N ILE A 341 42.75 -5.18 -5.67
CA ILE A 341 42.95 -5.53 -4.27
C ILE A 341 42.65 -7.01 -4.04
N ALA A 342 41.61 -7.53 -4.69
CA ALA A 342 41.30 -8.95 -4.56
C ALA A 342 42.46 -9.82 -5.07
N GLU A 343 43.02 -9.46 -6.24
CA GLU A 343 44.15 -10.21 -6.77
C GLU A 343 45.37 -10.09 -5.86
N SER A 344 45.60 -8.89 -5.31
CA SER A 344 46.72 -8.71 -4.40
C SER A 344 46.57 -9.54 -3.14
N MET A 345 45.34 -9.74 -2.68
CA MET A 345 45.14 -10.53 -1.46
C MET A 345 45.08 -12.03 -1.71
N LYS A 346 44.70 -12.46 -2.92
CA LYS A 346 44.71 -13.89 -3.20
C LYS A 346 46.13 -14.44 -3.30
N PHE A 347 47.11 -13.58 -3.58
CA PHE A 347 48.51 -14.00 -3.69
C PHE A 347 49.37 -13.50 -2.55
N GLY A 348 48.77 -12.91 -1.51
CA GLY A 348 49.51 -12.51 -0.33
C GLY A 348 50.47 -11.36 -0.54
N VAL A 349 50.20 -10.48 -1.49
CA VAL A 349 51.05 -9.33 -1.78
C VAL A 349 50.45 -8.12 -1.07
N PRO A 350 51.15 -7.52 -0.10
CA PRO A 350 50.61 -6.34 0.58
C PRO A 350 50.44 -5.16 -0.38
N VAL A 351 49.61 -4.21 0.02
CA VAL A 351 49.11 -3.17 -0.86
C VAL A 351 49.70 -1.82 -0.45
N ILE A 352 50.17 -1.07 -1.44
CA ILE A 352 50.54 0.33 -1.29
C ILE A 352 49.42 1.13 -1.92
N ALA A 353 48.57 1.75 -1.10
CA ALA A 353 47.38 2.41 -1.58
C ALA A 353 47.71 3.79 -2.12
N MET A 354 47.31 4.04 -3.38
CA MET A 354 47.47 5.33 -4.03
C MET A 354 46.19 5.60 -4.83
N ALA A 355 45.08 5.78 -4.13
CA ALA A 355 43.79 6.03 -4.76
C ALA A 355 43.64 7.49 -5.12
N ARG A 356 42.57 7.80 -5.86
CA ARG A 356 42.31 9.19 -6.24
C ARG A 356 40.82 9.47 -6.40
N HIS A 357 40.11 8.67 -7.19
CA HIS A 357 38.73 8.93 -7.52
C HIS A 357 37.89 7.67 -7.34
N LEU A 358 36.58 7.85 -7.48
CA LEU A 358 35.59 6.77 -7.34
C LEU A 358 35.68 6.19 -5.93
N ASP A 359 35.33 4.91 -5.77
CA ASP A 359 35.36 4.23 -4.48
C ASP A 359 36.75 3.71 -4.12
N GLN A 360 37.77 4.09 -4.88
CA GLN A 360 39.11 3.60 -4.62
C GLN A 360 39.66 4.02 -3.26
N PRO A 361 39.46 5.25 -2.78
CA PRO A 361 39.90 5.55 -1.40
C PRO A 361 39.25 4.64 -0.37
N LEU A 362 37.92 4.50 -0.41
CA LEU A 362 37.24 3.61 0.54
C LEU A 362 37.81 2.20 0.50
N ASN A 363 38.13 1.70 -0.69
CA ASN A 363 38.77 0.40 -0.80
C ASN A 363 40.11 0.40 -0.08
N GLY A 364 40.94 1.40 -0.36
CA GLY A 364 42.28 1.49 0.21
C GLY A 364 42.31 1.36 1.72
N LYS A 365 41.71 2.35 2.40
CA LYS A 365 41.60 2.27 3.86
C LYS A 365 40.98 0.95 4.31
N LEU A 366 40.04 0.41 3.53
CA LEU A 366 39.50 -0.92 3.85
C LEU A 366 40.63 -1.93 4.01
N ALA A 367 41.46 -2.09 2.98
CA ALA A 367 42.62 -2.98 3.11
C ALA A 367 43.60 -2.49 4.16
N ALA A 368 43.60 -1.19 4.47
CA ALA A 368 44.40 -0.68 5.57
C ALA A 368 43.76 -0.92 6.92
N GLU A 369 42.43 -1.05 6.96
CA GLU A 369 41.75 -1.35 8.22
C GLU A 369 42.05 -2.75 8.70
N VAL A 370 42.12 -3.72 7.77
CA VAL A 370 42.38 -5.11 8.15
C VAL A 370 43.87 -5.40 8.32
N GLY A 371 44.75 -4.52 7.83
CA GLY A 371 46.17 -4.63 8.08
C GLY A 371 47.00 -5.24 6.97
N VAL A 372 46.46 -5.39 5.77
CA VAL A 372 47.21 -5.99 4.66
C VAL A 372 47.71 -4.93 3.69
N GLY A 373 47.74 -3.66 4.10
CA GLY A 373 48.22 -2.61 3.23
C GLY A 373 48.40 -1.32 3.99
N MET A 374 48.90 -0.31 3.29
CA MET A 374 49.11 1.00 3.86
C MET A 374 48.95 2.06 2.79
N GLU A 375 48.31 3.17 3.15
CA GLU A 375 48.08 4.27 2.22
C GLU A 375 49.22 5.29 2.32
N VAL A 376 49.50 5.94 1.20
CA VAL A 376 50.47 7.03 1.20
C VAL A 376 49.83 8.25 1.85
N VAL A 377 50.64 9.03 2.56
CA VAL A 377 50.17 10.20 3.27
C VAL A 377 50.20 11.40 2.32
N ARG A 378 49.02 11.95 2.03
CA ARG A 378 48.94 13.09 1.07
C ARG A 378 49.51 14.36 1.71
N ASP A 379 50.48 14.99 1.06
CA ASP A 379 51.07 16.25 1.58
C ASP A 379 50.27 17.44 1.03
N GLU A 380 49.68 17.28 -0.17
CA GLU A 380 48.87 18.36 -0.77
C GLU A 380 47.39 17.96 -0.74
N ASN A 381 46.67 18.14 -1.85
CA ASN A 381 45.24 17.75 -1.95
C ASN A 381 45.02 17.08 -3.30
N GLY A 382 45.81 17.47 -4.32
CA GLY A 382 45.70 16.87 -5.65
C GLY A 382 46.51 15.58 -5.75
N LYS A 383 47.70 15.59 -5.16
CA LYS A 383 48.55 14.40 -5.35
C LYS A 383 49.51 14.19 -4.18
N TYR A 384 50.40 13.23 -4.36
CA TYR A 384 51.35 12.89 -3.27
C TYR A 384 52.75 13.25 -3.74
N LYS A 385 53.73 13.15 -2.84
CA LYS A 385 55.12 13.55 -3.17
C LYS A 385 56.02 12.32 -3.08
N ARG A 386 57.19 12.37 -3.70
CA ARG A 386 58.08 11.18 -3.76
C ARG A 386 58.39 10.64 -2.37
N GLU A 387 58.72 11.52 -1.42
CA GLU A 387 58.95 11.05 -0.03
C GLU A 387 57.77 10.18 0.43
N GLY A 388 56.55 10.73 0.40
CA GLY A 388 55.38 9.98 0.85
C GLY A 388 55.29 8.60 0.22
N ILE A 389 55.77 8.45 -1.02
CA ILE A 389 55.70 7.15 -1.69
C ILE A 389 56.86 6.26 -1.25
N ALA A 390 58.08 6.81 -1.29
CA ALA A 390 59.26 6.03 -0.93
C ALA A 390 59.19 5.56 0.51
N GLU A 391 58.72 6.41 1.43
CA GLU A 391 58.61 6.02 2.82
C GLU A 391 57.73 4.79 2.99
N VAL A 392 56.53 4.81 2.41
CA VAL A 392 55.62 3.70 2.61
C VAL A 392 56.13 2.45 1.88
N ILE A 393 56.76 2.62 0.72
CA ILE A 393 57.32 1.45 0.03
C ILE A 393 58.37 0.78 0.90
N ARG A 394 59.31 1.57 1.42
CA ARG A 394 60.36 1.00 2.27
C ARG A 394 59.77 0.39 3.54
N LYS A 395 58.79 1.07 4.14
CA LYS A 395 58.18 0.54 5.37
C LYS A 395 57.52 -0.80 5.13
N VAL A 396 56.77 -0.93 4.05
CA VAL A 396 56.01 -2.16 3.80
C VAL A 396 56.93 -3.28 3.35
N VAL A 397 57.68 -3.06 2.26
CA VAL A 397 58.28 -4.20 1.57
C VAL A 397 59.60 -4.62 2.22
N VAL A 398 60.40 -3.67 2.69
CA VAL A 398 61.78 -3.95 3.06
C VAL A 398 62.10 -3.65 4.53
N GLU A 399 61.23 -2.98 5.26
CA GLU A 399 61.52 -2.58 6.63
C GLU A 399 60.80 -3.50 7.62
N LYS A 400 61.31 -3.51 8.86
CA LYS A 400 60.70 -4.33 9.90
C LYS A 400 59.35 -3.79 10.34
N SER A 401 59.17 -2.46 10.27
CA SER A 401 57.90 -1.85 10.71
C SER A 401 56.72 -2.35 9.90
N GLY A 402 56.94 -2.82 8.69
CA GLY A 402 55.89 -3.39 7.86
C GLY A 402 55.71 -4.88 8.00
N GLU A 403 56.44 -5.53 8.92
CA GLU A 403 56.25 -6.96 9.11
C GLU A 403 54.82 -7.29 9.50
N VAL A 404 54.21 -6.46 10.33
CA VAL A 404 52.79 -6.69 10.65
C VAL A 404 52.04 -6.85 9.33
N ILE A 405 52.19 -5.90 8.40
CA ILE A 405 51.39 -5.92 7.15
C ILE A 405 51.67 -7.21 6.36
N ARG A 406 52.94 -7.57 6.23
CA ARG A 406 53.31 -8.74 5.39
C ARG A 406 52.76 -10.02 6.02
N ARG A 407 52.92 -10.17 7.33
CA ARG A 407 52.43 -11.39 8.03
C ARG A 407 50.93 -11.55 7.78
N LYS A 408 50.19 -10.45 7.92
CA LYS A 408 48.72 -10.51 7.77
C LYS A 408 48.35 -10.91 6.35
N ALA A 409 49.04 -10.36 5.36
CA ALA A 409 48.73 -10.64 3.94
C ALA A 409 48.85 -12.14 3.67
N ARG A 410 49.91 -12.77 4.19
CA ARG A 410 50.14 -14.22 3.96
C ARG A 410 49.10 -15.03 4.72
N GLU A 411 48.81 -14.67 5.97
CA GLU A 411 47.87 -15.45 6.79
C GLU A 411 46.49 -15.37 6.15
N LEU A 412 46.11 -14.19 5.70
CA LEU A 412 44.79 -14.02 5.05
C LEU A 412 44.75 -14.81 3.74
N SER A 413 45.85 -14.85 2.99
CA SER A 413 45.93 -15.61 1.71
C SER A 413 45.76 -17.09 2.00
N GLU A 414 46.39 -17.55 3.07
CA GLU A 414 46.28 -18.97 3.46
C GLU A 414 44.81 -19.23 3.78
N LYS A 415 44.16 -18.31 4.48
CA LYS A 415 42.75 -18.52 4.86
C LYS A 415 41.89 -18.56 3.61
N MET A 416 42.14 -17.67 2.67
CA MET A 416 41.28 -17.59 1.47
C MET A 416 41.42 -18.90 0.72
N LYS A 417 42.58 -19.52 0.82
CA LYS A 417 42.76 -20.84 0.23
C LYS A 417 42.53 -21.97 1.21
N GLU A 418 42.50 -21.69 2.52
CA GLU A 418 42.24 -22.73 3.49
C GLU A 418 40.76 -23.12 3.51
N LYS A 419 39.89 -22.12 3.32
CA LYS A 419 38.43 -22.39 3.20
C LYS A 419 38.07 -22.43 1.72
N GLY A 420 38.89 -23.08 0.91
CA GLY A 420 38.70 -23.04 -0.56
C GLY A 420 37.52 -23.80 -1.13
N GLU A 421 36.81 -23.21 -2.09
CA GLU A 421 35.73 -23.89 -2.85
C GLU A 421 34.40 -23.94 -2.08
N GLN A 422 34.47 -23.86 -0.76
CA GLN A 422 33.25 -23.95 0.07
C GLN A 422 32.35 -22.76 -0.19
N GLU A 423 32.91 -21.56 -0.33
CA GLU A 423 32.04 -20.36 -0.43
C GLU A 423 31.17 -20.41 -1.68
N ILE A 424 31.76 -20.75 -2.82
CA ILE A 424 30.97 -20.93 -4.07
C ILE A 424 30.08 -22.17 -3.96
N ASP A 425 30.56 -23.20 -3.27
CA ASP A 425 29.73 -24.41 -3.06
C ASP A 425 28.50 -24.07 -2.23
N ARG A 426 28.66 -23.30 -1.16
CA ARG A 426 27.51 -22.84 -0.34
C ARG A 426 26.62 -21.91 -1.15
N ALA A 427 27.22 -21.09 -2.01
CA ALA A 427 26.45 -20.18 -2.89
C ALA A 427 25.62 -21.01 -3.84
N VAL A 428 26.20 -22.07 -4.39
CA VAL A 428 25.46 -22.92 -5.32
C VAL A 428 24.33 -23.63 -4.61
N GLU A 429 24.57 -24.15 -3.42
CA GLU A 429 23.49 -24.83 -2.72
C GLU A 429 22.39 -23.85 -2.31
N GLU A 430 22.73 -22.60 -2.01
CA GLU A 430 21.69 -21.62 -1.71
C GLU A 430 20.92 -21.21 -2.97
N LEU A 431 21.60 -21.14 -4.11
CA LEU A 431 20.88 -20.89 -5.37
C LEU A 431 19.90 -22.02 -5.67
N VAL A 432 20.34 -23.27 -5.48
CA VAL A 432 19.45 -24.41 -5.66
C VAL A 432 18.29 -24.35 -4.67
N GLN A 433 18.57 -23.87 -3.45
CA GLN A 433 17.49 -23.65 -2.49
C GLN A 433 16.48 -22.64 -3.01
N ILE A 434 16.96 -21.57 -3.64
CA ILE A 434 16.04 -20.59 -4.24
C ILE A 434 15.18 -21.28 -5.30
N CYS A 435 15.82 -22.07 -6.16
CA CYS A 435 15.08 -22.73 -7.24
C CYS A 435 14.03 -23.69 -6.69
N LYS A 436 14.36 -24.44 -5.64
CA LYS A 436 13.37 -25.36 -5.07
C LYS A 436 12.29 -24.62 -4.29
N LYS A 437 12.54 -23.45 -3.75
CA LYS A 437 11.42 -22.77 -3.06
C LYS A 437 10.43 -22.32 -4.13
N LYS A 438 10.87 -22.31 -5.38
CA LYS A 438 9.99 -21.84 -6.48
C LYS A 438 9.26 -23.04 -7.09
N LYS A 439 9.53 -24.23 -6.60
CA LYS A 439 8.76 -25.41 -7.06
C LYS A 439 7.49 -25.44 -6.23
N ASP A 440 6.59 -24.48 -6.47
CA ASP A 440 5.29 -24.42 -5.77
C ASP A 440 4.21 -24.67 -6.81
N GLU A 441 3.29 -25.60 -6.56
CA GLU A 441 2.26 -25.98 -7.56
C GLU A 441 2.94 -26.41 -8.86
N GLN A 442 4.03 -27.19 -8.78
CA GLN A 442 4.69 -27.76 -9.98
C GLN A 442 5.05 -26.66 -10.98
N ILE B 8 4.95 -22.97 23.47
CA ILE B 8 4.61 -23.91 24.53
C ILE B 8 3.32 -23.49 25.24
N SER B 9 3.15 -22.19 25.47
CA SER B 9 1.96 -21.68 26.15
C SER B 9 0.94 -21.18 25.13
N ILE B 10 -0.32 -21.55 25.37
CA ILE B 10 -1.43 -21.20 24.47
C ILE B 10 -2.57 -20.60 25.29
N ALA B 11 -3.26 -19.63 24.71
CA ALA B 11 -4.43 -19.01 25.30
C ALA B 11 -5.62 -19.20 24.37
N LEU B 12 -6.77 -19.57 24.95
CA LEU B 12 -7.98 -19.87 24.19
C LEU B 12 -9.06 -18.85 24.54
N LEU B 13 -9.72 -18.34 23.50
CA LEU B 13 -10.80 -17.36 23.65
C LEU B 13 -11.99 -17.85 22.85
N PRO B 14 -12.79 -18.75 23.41
CA PRO B 14 -14.02 -19.17 22.74
C PRO B 14 -15.07 -18.06 22.77
N PHE B 15 -16.19 -18.33 22.10
CA PHE B 15 -17.29 -17.38 22.11
C PHE B 15 -18.20 -17.65 23.31
N LEU B 16 -19.12 -16.73 23.56
CA LEU B 16 -19.98 -16.78 24.74
C LEU B 16 -21.22 -17.65 24.46
N ALA B 17 -20.96 -18.93 24.22
CA ALA B 17 -22.01 -19.89 23.99
C ALA B 17 -21.50 -21.26 24.39
N HIS B 18 -22.32 -21.99 25.17
CA HIS B 18 -21.90 -23.30 25.64
C HIS B 18 -21.69 -24.30 24.50
N GLY B 19 -22.24 -24.03 23.33
CA GLY B 19 -21.93 -24.83 22.16
C GLY B 19 -20.51 -24.70 21.68
N HIS B 20 -19.82 -23.61 22.05
CA HIS B 20 -18.42 -23.42 21.72
C HIS B 20 -17.50 -23.54 22.92
N ILE B 21 -18.03 -23.51 24.14
CA ILE B 21 -17.18 -23.66 25.31
C ILE B 21 -16.71 -25.11 25.44
N SER B 22 -17.58 -26.08 25.14
CA SER B 22 -17.20 -27.48 25.28
C SER B 22 -16.09 -27.87 24.29
N PRO B 23 -16.18 -27.57 22.99
CA PRO B 23 -15.08 -27.96 22.09
C PRO B 23 -13.76 -27.29 22.47
N PHE B 24 -13.78 -26.01 22.83
CA PHE B 24 -12.57 -25.35 23.27
C PHE B 24 -12.00 -25.97 24.53
N PHE B 25 -12.86 -26.35 25.48
CA PHE B 25 -12.38 -26.95 26.72
C PHE B 25 -11.79 -28.33 26.47
N GLU B 26 -12.41 -29.11 25.58
CA GLU B 26 -11.88 -30.43 25.26
C GLU B 26 -10.56 -30.32 24.52
N LEU B 27 -10.45 -29.36 23.60
CA LEU B 27 -9.17 -29.10 22.95
C LEU B 27 -8.12 -28.67 23.97
N ALA B 28 -8.53 -27.90 24.97
CA ALA B 28 -7.60 -27.52 26.04
C ALA B 28 -7.09 -28.75 26.79
N LYS B 29 -8.00 -29.64 27.16
CA LYS B 29 -7.60 -30.88 27.84
C LYS B 29 -6.69 -31.72 26.97
N GLN B 30 -6.92 -31.72 25.65
CA GLN B 30 -6.11 -32.54 24.75
C GLN B 30 -4.71 -31.93 24.56
N LEU B 31 -4.63 -30.60 24.49
CA LEU B 31 -3.32 -29.98 24.32
C LEU B 31 -2.55 -29.85 25.62
N ALA B 32 -3.22 -30.01 26.77
CA ALA B 32 -2.54 -29.95 28.05
C ALA B 32 -1.87 -31.27 28.43
N LYS B 33 -2.32 -32.38 27.86
CA LYS B 33 -1.74 -33.68 28.18
C LYS B 33 -0.58 -34.06 27.26
N ARG B 34 -0.36 -33.20 26.25
CA ARG B 34 0.74 -33.41 25.28
C ARG B 34 1.59 -32.15 25.22
N ASN B 35 2.90 -32.29 25.36
CA ASN B 35 3.86 -31.15 25.29
C ASN B 35 3.65 -30.28 26.53
N CYS B 36 2.81 -30.74 27.46
CA CYS B 36 2.65 -30.01 28.74
C CYS B 36 2.41 -28.55 28.41
N ASN B 37 1.68 -28.30 27.33
CA ASN B 37 1.40 -26.91 26.91
C ASN B 37 0.76 -26.18 28.08
N VAL B 38 1.37 -25.08 28.52
CA VAL B 38 0.75 -24.24 29.59
C VAL B 38 -0.57 -23.74 29.01
N PHE B 39 -1.68 -23.93 29.69
CA PHE B 39 -2.96 -23.60 29.03
C PHE B 39 -3.73 -22.51 29.76
N LEU B 40 -4.13 -21.47 29.03
CA LEU B 40 -4.92 -20.36 29.62
C LEU B 40 -6.22 -20.26 28.82
N CYS B 41 -7.40 -20.40 29.44
CA CYS B 41 -8.72 -20.39 28.72
C CYS B 41 -9.54 -19.20 29.19
N SER B 42 -9.79 -18.22 28.33
CA SER B 42 -10.46 -16.95 28.75
C SER B 42 -11.97 -17.09 28.62
N THR B 43 -12.66 -17.23 29.76
CA THR B 43 -14.13 -17.37 29.77
C THR B 43 -14.71 -16.50 30.87
N PRO B 44 -15.93 -15.90 30.75
CA PRO B 44 -16.58 -15.19 31.86
C PRO B 44 -16.78 -16.19 33.02
N ILE B 45 -16.77 -15.73 34.28
CA ILE B 45 -16.78 -16.64 35.46
C ILE B 45 -18.00 -17.56 35.39
N ASN B 46 -19.15 -17.05 34.96
CA ASN B 46 -20.38 -17.89 34.83
C ASN B 46 -20.14 -18.99 33.79
N LEU B 47 -19.52 -18.65 32.65
CA LEU B 47 -19.23 -19.67 31.60
C LEU B 47 -18.19 -20.69 32.08
N SER B 48 -17.16 -20.23 32.79
CA SER B 48 -16.06 -21.14 33.25
C SER B 48 -16.58 -22.03 34.37
N SER B 49 -17.56 -21.55 35.14
CA SER B 49 -18.12 -22.30 36.29
C SER B 49 -18.55 -23.71 35.89
N ILE B 50 -19.18 -23.86 34.73
CA ILE B 50 -19.68 -25.18 34.25
C ILE B 50 -18.52 -26.12 33.96
N LYS B 51 -17.39 -25.59 33.51
CA LYS B 51 -16.26 -26.45 33.11
C LYS B 51 -15.42 -26.83 34.32
N ASP B 52 -15.79 -26.37 35.51
CA ASP B 52 -14.91 -26.69 36.67
C ASP B 52 -15.27 -28.08 37.19
N LYS B 53 -14.53 -29.10 36.76
CA LYS B 53 -14.86 -30.48 37.15
C LYS B 53 -13.60 -31.33 36.95
N ASP B 54 -13.13 -31.49 35.71
CA ASP B 54 -11.82 -32.18 35.54
C ASP B 54 -10.93 -31.31 34.66
N SER B 55 -10.45 -30.17 35.18
CA SER B 55 -9.65 -29.23 34.35
C SER B 55 -8.37 -28.83 35.08
N SER B 56 -7.99 -29.56 36.14
CA SER B 56 -6.74 -29.26 36.81
C SER B 56 -5.58 -29.08 35.85
N ALA B 57 -5.68 -29.65 34.64
CA ALA B 57 -4.62 -29.51 33.64
C ALA B 57 -4.63 -28.12 33.01
N SER B 58 -5.80 -27.60 32.70
CA SER B 58 -5.92 -26.27 32.12
C SER B 58 -6.02 -25.21 33.22
N ILE B 59 -5.78 -23.96 32.83
CA ILE B 59 -5.91 -22.81 33.72
C ILE B 59 -6.99 -21.91 33.15
N LYS B 60 -8.02 -21.71 33.96
CA LYS B 60 -9.16 -20.91 33.50
C LYS B 60 -8.92 -19.48 33.97
N LEU B 61 -9.23 -18.53 33.09
CA LEU B 61 -8.95 -17.10 33.38
C LEU B 61 -10.26 -16.34 33.25
N VAL B 62 -10.55 -15.47 34.20
CA VAL B 62 -11.88 -14.81 34.18
C VAL B 62 -11.90 -13.65 33.21
N GLU B 63 -13.08 -13.05 33.04
CA GLU B 63 -13.23 -11.96 32.09
C GLU B 63 -14.54 -11.24 32.39
N LEU B 64 -14.44 -9.96 32.73
CA LEU B 64 -15.57 -9.17 33.17
C LEU B 64 -15.97 -8.18 32.10
N HIS B 65 -17.28 -8.06 31.85
CA HIS B 65 -17.80 -7.15 30.85
C HIS B 65 -18.46 -5.94 31.51
N ARG B 91 -26.95 -6.49 22.26
CA ARG B 91 -25.58 -6.36 21.74
C ARG B 91 -24.60 -6.95 22.76
N ASN B 92 -24.02 -8.12 22.48
CA ASN B 92 -23.00 -8.67 23.38
C ASN B 92 -21.94 -7.59 23.58
N ALA B 93 -21.64 -7.28 24.84
CA ALA B 93 -20.60 -6.28 25.12
C ALA B 93 -19.27 -6.92 24.77
N PHE B 94 -19.30 -8.21 24.45
CA PHE B 94 -18.05 -8.89 23.99
C PHE B 94 -17.38 -7.98 22.96
N GLU B 95 -18.18 -7.27 22.15
CA GLU B 95 -17.58 -6.42 21.09
C GLU B 95 -17.05 -5.15 21.73
N THR B 96 -16.97 -5.11 23.05
CA THR B 96 -16.45 -3.90 23.75
C THR B 96 -15.32 -4.31 24.67
N ALA B 97 -15.21 -5.60 24.97
CA ALA B 97 -14.20 -6.06 25.94
C ALA B 97 -12.87 -6.25 25.21
N GLY B 98 -12.71 -5.55 24.10
CA GLY B 98 -11.42 -5.63 23.41
C GLY B 98 -10.32 -5.30 24.38
N PRO B 99 -10.20 -4.03 24.82
CA PRO B 99 -9.09 -3.65 25.71
C PRO B 99 -8.99 -4.49 26.97
N THR B 100 -10.10 -5.09 27.43
CA THR B 100 -10.02 -6.00 28.57
C THR B 100 -9.21 -7.24 28.22
N PHE B 101 -9.51 -7.83 27.06
CA PHE B 101 -8.71 -8.98 26.61
C PHE B 101 -7.28 -8.56 26.28
N SER B 102 -7.10 -7.32 25.82
CA SER B 102 -5.74 -6.80 25.62
C SER B 102 -4.97 -6.78 26.93
N GLU B 103 -5.61 -6.34 28.01
CA GLU B 103 -4.98 -6.37 29.32
C GLU B 103 -4.69 -7.79 29.77
N ILE B 104 -5.63 -8.71 29.52
CA ILE B 104 -5.41 -10.11 29.89
C ILE B 104 -4.20 -10.68 29.18
N LEU B 105 -4.08 -10.42 27.86
CA LEU B 105 -2.92 -10.90 27.12
C LEU B 105 -1.65 -10.19 27.55
N LYS B 106 -1.75 -8.90 27.94
CA LYS B 106 -0.59 -8.17 28.43
C LYS B 106 -0.06 -8.79 29.71
N THR B 107 -0.96 -9.37 30.51
CA THR B 107 -0.53 -10.07 31.75
C THR B 107 -0.12 -11.50 31.40
N LEU B 108 -0.99 -12.25 30.72
CA LEU B 108 -0.69 -13.68 30.40
C LEU B 108 0.45 -13.76 29.37
N ASN B 109 0.36 -12.99 28.28
CA ASN B 109 1.39 -13.05 27.21
C ASN B 109 1.56 -14.50 26.76
N PRO B 110 0.54 -15.12 26.14
CA PRO B 110 0.65 -16.51 25.64
C PRO B 110 1.51 -16.59 24.38
N ASP B 111 2.10 -17.76 24.11
CA ASP B 111 2.95 -17.94 22.90
C ASP B 111 2.04 -18.05 21.67
N LEU B 112 0.73 -18.12 21.87
CA LEU B 112 -0.20 -18.30 20.75
C LEU B 112 -1.62 -18.14 21.26
N LEU B 113 -2.49 -17.64 20.38
CA LEU B 113 -3.91 -17.44 20.69
C LEU B 113 -4.76 -18.28 19.75
N ILE B 114 -5.77 -18.93 20.31
CA ILE B 114 -6.75 -19.70 19.53
C ILE B 114 -8.11 -19.07 19.75
N TYR B 115 -8.62 -18.41 18.71
CA TYR B 115 -9.83 -17.61 18.80
C TYR B 115 -10.98 -18.28 18.05
N ASP B 116 -12.18 -17.75 18.28
CA ASP B 116 -13.39 -18.29 17.67
C ASP B 116 -13.83 -17.42 16.50
N PHE B 117 -15.13 -17.42 16.18
CA PHE B 117 -15.59 -16.80 14.94
C PHE B 117 -16.06 -15.37 15.11
N ASN B 118 -16.63 -15.03 16.27
CA ASN B 118 -17.29 -13.74 16.43
C ASN B 118 -16.53 -12.71 17.25
N PRO B 119 -15.60 -13.08 18.14
CA PRO B 119 -14.81 -12.04 18.84
C PRO B 119 -14.26 -10.95 17.93
N SER B 120 -14.05 -11.20 16.64
CA SER B 120 -13.65 -10.14 15.67
C SER B 120 -12.33 -9.43 16.01
N TRP B 121 -12.25 -8.80 17.18
CA TRP B 121 -11.04 -8.02 17.55
C TRP B 121 -9.94 -8.97 18.03
N ALA B 122 -10.29 -10.22 18.28
CA ALA B 122 -9.31 -11.18 18.82
C ALA B 122 -8.07 -11.20 17.92
N PRO B 123 -8.21 -11.44 16.62
CA PRO B 123 -7.04 -11.55 15.76
C PRO B 123 -6.25 -10.22 15.75
N GLU B 124 -6.94 -9.10 15.82
CA GLU B 124 -6.29 -7.77 15.74
C GLU B 124 -5.52 -7.46 17.03
N ILE B 125 -6.13 -7.70 18.19
CA ILE B 125 -5.50 -7.40 19.51
C ILE B 125 -4.32 -8.34 19.73
N ALA B 126 -4.41 -9.56 19.20
CA ALA B 126 -3.31 -10.53 19.35
C ALA B 126 -2.08 -10.05 18.57
N SER B 127 -2.31 -9.49 17.40
CA SER B 127 -1.20 -8.99 16.56
C SER B 127 -0.60 -7.73 17.15
N SER B 128 -1.38 -6.99 17.94
CA SER B 128 -0.87 -5.78 18.61
C SER B 128 0.06 -6.20 19.75
N HIS B 129 0.02 -7.46 20.14
CA HIS B 129 0.98 -7.95 21.17
C HIS B 129 1.96 -8.89 20.47
N ASN B 130 1.95 -8.92 19.13
CA ASN B 130 2.86 -9.78 18.33
C ASN B 130 2.58 -11.23 18.69
N ILE B 131 1.31 -11.57 18.89
CA ILE B 131 0.94 -12.95 19.19
C ILE B 131 0.31 -13.54 17.94
N PRO B 132 0.84 -14.64 17.40
CA PRO B 132 0.19 -15.27 16.24
C PRO B 132 -1.16 -15.86 16.63
N ALA B 133 -2.14 -15.64 15.75
CA ALA B 133 -3.52 -16.03 16.01
C ALA B 133 -3.93 -17.15 15.07
N VAL B 134 -4.46 -18.23 15.65
CA VAL B 134 -4.93 -19.39 14.90
C VAL B 134 -6.42 -19.55 15.15
N TYR B 135 -7.18 -19.81 14.09
CA TYR B 135 -8.62 -19.94 14.18
C TYR B 135 -9.02 -21.39 14.43
N PHE B 136 -10.05 -21.56 15.27
CA PHE B 136 -10.59 -22.87 15.61
C PHE B 136 -12.01 -22.95 15.06
N LEU B 137 -12.22 -23.80 14.05
CA LEU B 137 -13.52 -24.00 13.44
C LEU B 137 -14.15 -25.26 14.03
N THR B 138 -15.28 -25.09 14.73
CA THR B 138 -15.96 -26.20 15.36
C THR B 138 -17.10 -26.76 14.51
N THR B 139 -17.15 -26.38 13.24
CA THR B 139 -18.20 -26.80 12.32
C THR B 139 -17.57 -27.62 11.20
N ALA B 140 -18.42 -28.37 10.49
CA ALA B 140 -17.97 -29.15 9.35
C ALA B 140 -17.30 -28.27 8.31
N ALA B 141 -16.35 -28.85 7.58
CA ALA B 141 -15.61 -28.09 6.58
C ALA B 141 -16.47 -27.75 5.37
N ALA B 142 -17.43 -28.61 5.02
CA ALA B 142 -18.22 -28.39 3.81
C ALA B 142 -19.17 -27.21 3.98
N SER B 143 -19.84 -27.12 5.12
CA SER B 143 -20.79 -26.04 5.36
C SER B 143 -20.11 -24.68 5.27
N SER B 144 -18.89 -24.58 5.79
CA SER B 144 -18.14 -23.32 5.66
C SER B 144 -17.59 -23.14 4.24
N SER B 145 -17.21 -24.26 3.60
CA SER B 145 -16.72 -24.22 2.23
C SER B 145 -17.75 -23.61 1.29
N ILE B 146 -19.04 -23.83 1.55
CA ILE B 146 -20.10 -23.22 0.77
C ILE B 146 -19.86 -21.73 0.63
N GLY B 147 -19.94 -21.01 1.75
CA GLY B 147 -19.77 -19.56 1.71
C GLY B 147 -18.37 -19.12 1.33
N LEU B 148 -17.35 -19.86 1.76
CA LEU B 148 -16.00 -19.44 1.43
C LEU B 148 -15.74 -19.51 -0.06
N HIS B 149 -16.33 -20.49 -0.76
CA HIS B 149 -16.17 -20.58 -2.24
C HIS B 149 -16.89 -19.43 -2.92
N ALA B 150 -18.06 -19.08 -2.42
CA ALA B 150 -18.88 -18.04 -3.05
C ALA B 150 -18.14 -16.71 -3.04
N PHE B 151 -17.13 -16.60 -2.17
CA PHE B 151 -16.31 -15.37 -2.09
C PHE B 151 -15.02 -15.59 -2.89
N LYS B 152 -14.26 -16.60 -2.54
CA LYS B 152 -12.95 -16.72 -3.23
C LYS B 152 -13.20 -16.86 -4.73
N ASN B 153 -14.10 -17.74 -5.11
CA ASN B 153 -14.37 -17.99 -6.56
C ASN B 153 -15.83 -17.62 -6.78
N PRO B 154 -16.15 -16.38 -7.19
CA PRO B 154 -17.55 -15.95 -7.24
C PRO B 154 -18.50 -16.75 -8.14
N GLY B 155 -18.10 -17.08 -9.35
CA GLY B 155 -19.02 -17.76 -10.27
C GLY B 155 -18.48 -19.08 -10.77
N GLU B 156 -17.64 -19.76 -10.01
CA GLU B 156 -16.98 -20.98 -10.53
C GLU B 156 -17.77 -22.25 -10.20
N LYS B 157 -18.87 -22.16 -9.46
CA LYS B 157 -19.75 -23.32 -9.17
C LYS B 157 -19.12 -24.15 -8.06
N TYR B 158 -19.93 -24.70 -7.16
CA TYR B 158 -19.34 -25.58 -6.11
C TYR B 158 -18.76 -26.80 -6.81
N PRO B 159 -17.61 -27.32 -6.35
CA PRO B 159 -16.96 -28.44 -7.01
C PRO B 159 -17.79 -29.72 -7.02
N PHE B 160 -18.87 -29.78 -6.23
CA PHE B 160 -19.72 -30.99 -6.16
C PHE B 160 -21.22 -30.67 -6.28
N PRO B 161 -21.97 -30.81 -7.44
CA PRO B 161 -23.40 -30.52 -7.40
C PRO B 161 -24.16 -31.39 -6.38
N ASP B 162 -23.79 -32.67 -6.27
CA ASP B 162 -24.50 -33.60 -5.35
C ASP B 162 -24.67 -32.97 -3.97
N PHE B 163 -23.60 -32.35 -3.43
CA PHE B 163 -23.67 -31.80 -2.06
C PHE B 163 -24.30 -30.41 -2.15
N TYR B 164 -23.72 -29.53 -2.98
CA TYR B 164 -24.32 -28.19 -3.17
C TYR B 164 -24.45 -27.88 -4.65
N ASP B 165 -25.66 -27.64 -5.10
CA ASP B 165 -25.86 -27.26 -6.52
C ASP B 165 -26.03 -25.74 -6.59
N ASN B 166 -24.95 -25.04 -6.89
CA ASN B 166 -24.98 -23.56 -6.95
C ASN B 166 -26.03 -23.10 -7.96
N SER B 167 -25.99 -23.63 -9.19
CA SER B 167 -26.89 -23.11 -10.25
C SER B 167 -28.22 -22.66 -9.63
N ASN B 178 -25.71 -7.50 3.99
CA ASN B 178 -25.43 -7.63 2.57
C ASN B 178 -23.93 -7.65 2.31
N MET B 179 -23.16 -7.15 3.29
CA MET B 179 -21.72 -7.08 3.16
C MET B 179 -21.04 -7.14 4.53
N LYS B 180 -21.66 -6.53 5.53
CA LYS B 180 -21.02 -6.30 6.82
C LYS B 180 -20.94 -7.59 7.63
N LEU B 181 -21.39 -8.69 7.05
CA LEU B 181 -21.30 -10.00 7.65
C LEU B 181 -20.47 -10.99 6.83
N LEU B 182 -20.47 -10.89 5.50
CA LEU B 182 -19.66 -11.78 4.69
C LEU B 182 -18.18 -11.56 4.96
N HIS B 183 -17.76 -10.29 5.06
CA HIS B 183 -16.37 -10.00 5.39
C HIS B 183 -16.01 -10.52 6.78
N ASP B 184 -16.99 -10.53 7.67
CA ASP B 184 -16.67 -10.95 9.05
C ASP B 184 -16.62 -12.47 9.13
N PHE B 185 -17.05 -13.17 8.09
CA PHE B 185 -16.95 -14.64 8.06
C PHE B 185 -15.58 -15.05 7.54
N ILE B 186 -15.08 -14.34 6.55
CA ILE B 186 -13.81 -14.70 5.88
C ILE B 186 -12.68 -14.25 6.78
N ALA B 187 -12.95 -13.19 7.53
CA ALA B 187 -11.91 -12.63 8.42
C ALA B 187 -11.24 -13.75 9.20
N CYS B 188 -12.05 -14.52 9.92
CA CYS B 188 -11.41 -15.51 10.77
C CYS B 188 -10.59 -16.50 9.97
N PHE B 189 -10.92 -16.69 8.69
CA PHE B 189 -10.08 -17.54 7.83
C PHE B 189 -8.86 -16.78 7.33
N GLU B 190 -9.03 -15.50 6.96
CA GLU B 190 -7.93 -14.71 6.44
C GLU B 190 -6.91 -14.40 7.53
N ARG B 191 -7.37 -13.89 8.67
CA ARG B 191 -6.46 -13.46 9.73
C ARG B 191 -5.83 -14.62 10.48
N SER B 192 -6.22 -15.86 10.19
CA SER B 192 -5.60 -17.01 10.85
C SER B 192 -4.16 -17.16 10.39
N CYS B 193 -3.24 -17.33 11.34
CA CYS B 193 -1.82 -17.40 11.02
C CYS B 193 -1.47 -18.80 10.54
N ASP B 194 -1.09 -18.91 9.27
CA ASP B 194 -0.58 -20.14 8.65
C ASP B 194 -1.60 -21.26 8.58
N ILE B 195 -2.12 -21.71 9.73
CA ILE B 195 -2.98 -22.87 9.79
C ILE B 195 -4.37 -22.47 10.29
N ILE B 196 -5.29 -23.43 10.23
CA ILE B 196 -6.62 -23.30 10.80
C ILE B 196 -6.99 -24.63 11.42
N LEU B 197 -7.19 -24.65 12.74
CA LEU B 197 -7.62 -25.85 13.43
C LEU B 197 -9.10 -26.09 13.20
N ILE B 198 -9.47 -27.35 13.01
CA ILE B 198 -10.86 -27.70 12.75
C ILE B 198 -11.25 -28.94 13.55
N LYS B 199 -12.43 -28.88 14.17
CA LYS B 199 -13.01 -30.03 14.86
C LYS B 199 -13.67 -30.93 13.82
N SER B 200 -12.83 -31.72 13.16
CA SER B 200 -13.29 -32.65 12.13
C SER B 200 -12.20 -33.69 11.93
N PHE B 201 -12.47 -34.66 11.06
CA PHE B 201 -11.53 -35.73 10.78
C PHE B 201 -11.61 -36.09 9.31
N ARG B 202 -10.47 -36.51 8.75
CA ARG B 202 -10.38 -36.74 7.32
C ARG B 202 -11.31 -37.86 6.86
N GLU B 203 -11.53 -38.86 7.72
CA GLU B 203 -12.35 -40.01 7.33
C GLU B 203 -13.79 -39.63 7.00
N LEU B 204 -14.24 -38.45 7.43
CA LEU B 204 -15.61 -38.02 7.17
C LEU B 204 -15.72 -37.00 6.05
N GLU B 205 -14.75 -36.10 5.91
CA GLU B 205 -14.84 -35.03 4.94
C GLU B 205 -13.45 -34.56 4.54
N GLY B 206 -12.56 -35.49 4.20
CA GLY B 206 -11.24 -35.10 3.75
C GLY B 206 -11.29 -34.27 2.48
N LYS B 207 -12.22 -34.62 1.58
CA LYS B 207 -12.40 -33.85 0.35
C LYS B 207 -12.72 -32.39 0.66
N TYR B 208 -13.72 -32.16 1.52
CA TYR B 208 -14.11 -30.80 1.85
C TYR B 208 -13.05 -30.08 2.67
N ILE B 209 -12.28 -30.83 3.48
CA ILE B 209 -11.20 -30.19 4.23
C ILE B 209 -10.11 -29.72 3.29
N ASP B 210 -9.75 -30.52 2.29
CA ASP B 210 -8.79 -30.08 1.29
C ASP B 210 -9.33 -28.89 0.50
N LEU B 211 -10.61 -28.93 0.15
CA LEU B 211 -11.21 -27.77 -0.53
C LEU B 211 -11.09 -26.51 0.31
N LEU B 212 -11.39 -26.61 1.61
CA LEU B 212 -11.29 -25.47 2.50
C LEU B 212 -9.85 -24.98 2.63
N SER B 213 -8.90 -25.93 2.66
CA SER B 213 -7.49 -25.58 2.67
C SER B 213 -7.12 -24.73 1.46
N THR B 214 -7.51 -25.17 0.27
CA THR B 214 -7.15 -24.41 -0.92
C THR B 214 -7.90 -23.09 -0.98
N LEU B 215 -9.15 -23.05 -0.52
CA LEU B 215 -9.93 -21.82 -0.62
C LEU B 215 -9.42 -20.76 0.36
N SER B 216 -8.99 -21.17 1.55
CA SER B 216 -8.53 -20.22 2.55
C SER B 216 -7.05 -19.88 2.41
N ASP B 217 -6.30 -20.62 1.60
CA ASP B 217 -4.84 -20.54 1.52
C ASP B 217 -4.19 -20.84 2.87
N LYS B 218 -4.88 -21.58 3.73
CA LYS B 218 -4.35 -21.99 5.02
C LYS B 218 -4.35 -23.51 5.11
N THR B 219 -3.46 -24.05 5.93
CA THR B 219 -3.40 -25.49 6.14
C THR B 219 -4.44 -25.87 7.18
N LEU B 220 -5.44 -26.64 6.76
CA LEU B 220 -6.45 -27.12 7.68
C LEU B 220 -5.88 -28.27 8.51
N VAL B 221 -5.83 -28.07 9.82
CA VAL B 221 -5.32 -29.08 10.73
C VAL B 221 -6.50 -29.65 11.51
N PRO B 222 -6.88 -30.90 11.25
CA PRO B 222 -8.00 -31.49 11.98
C PRO B 222 -7.56 -32.06 13.32
N VAL B 223 -8.36 -31.80 14.35
CA VAL B 223 -8.11 -32.30 15.69
C VAL B 223 -9.06 -33.44 16.04
N GLY B 224 -9.72 -34.03 15.03
CA GLY B 224 -10.62 -35.13 15.25
C GLY B 224 -11.85 -34.71 16.05
N PRO B 225 -12.58 -35.69 16.56
CA PRO B 225 -13.69 -35.38 17.45
C PRO B 225 -13.21 -35.17 18.88
N LEU B 226 -14.07 -34.54 19.67
CA LEU B 226 -13.77 -34.24 21.08
C LEU B 226 -14.93 -34.78 21.90
N VAL B 227 -14.68 -35.87 22.63
CA VAL B 227 -15.68 -36.66 23.36
C VAL B 227 -16.97 -36.79 22.56
N ASP B 236 -28.25 -36.09 38.36
CA ASP B 236 -27.17 -37.03 38.05
C ASP B 236 -27.39 -38.43 38.64
N PRO B 237 -28.01 -38.55 39.82
CA PRO B 237 -28.53 -39.85 40.24
C PRO B 237 -29.75 -40.32 39.43
N LYS B 238 -30.17 -39.57 38.43
CA LYS B 238 -31.32 -39.91 37.61
C LYS B 238 -30.95 -40.71 36.37
N THR B 239 -29.67 -41.02 36.17
CA THR B 239 -29.22 -41.73 34.98
C THR B 239 -29.00 -43.22 35.21
N GLU B 240 -29.09 -43.69 36.46
CA GLU B 240 -28.89 -45.12 36.73
C GLU B 240 -29.97 -45.96 36.06
N GLN B 241 -31.21 -45.47 36.07
CA GLN B 241 -32.28 -46.16 35.37
C GLN B 241 -31.96 -46.33 33.89
N ILE B 242 -31.36 -45.32 33.28
CA ILE B 242 -31.03 -45.37 31.85
C ILE B 242 -30.11 -46.56 31.56
N ILE B 243 -28.98 -46.63 32.26
CA ILE B 243 -28.01 -47.69 31.99
C ILE B 243 -28.57 -49.05 32.41
N ASN B 244 -29.33 -49.10 33.51
CA ASN B 244 -29.92 -50.37 33.92
C ASN B 244 -30.90 -50.88 32.87
N TRP B 245 -31.52 -49.98 32.11
CA TRP B 245 -32.46 -50.40 31.04
C TRP B 245 -31.71 -50.87 29.79
N LEU B 246 -30.66 -50.16 29.39
CA LEU B 246 -29.94 -50.46 28.13
C LEU B 246 -29.11 -51.73 28.28
N ASP B 247 -28.69 -52.05 29.48
CA ASP B 247 -27.79 -53.21 29.66
C ASP B 247 -28.59 -54.51 29.51
N LYS B 248 -29.89 -54.46 29.79
CA LYS B 248 -30.71 -55.69 29.77
C LYS B 248 -31.32 -55.89 28.38
N ARG B 249 -30.73 -55.27 27.36
CA ARG B 249 -31.21 -55.41 25.97
C ARG B 249 -30.05 -55.91 25.14
N ALA B 250 -30.33 -56.54 24.02
CA ALA B 250 -29.25 -57.17 23.24
C ALA B 250 -28.34 -56.15 22.56
N GLU B 251 -27.32 -56.64 21.87
CA GLU B 251 -26.32 -55.76 21.28
C GLU B 251 -26.83 -55.16 19.98
N SER B 252 -26.62 -53.85 19.81
CA SER B 252 -26.94 -53.14 18.57
C SER B 252 -28.42 -53.29 18.20
N THR B 253 -29.29 -53.28 19.20
CA THR B 253 -30.73 -53.35 18.97
C THR B 253 -31.49 -52.12 19.43
N VAL B 254 -30.84 -51.21 20.16
CA VAL B 254 -31.49 -50.01 20.68
C VAL B 254 -31.17 -48.84 19.76
N VAL B 255 -32.19 -48.03 19.49
CA VAL B 255 -32.05 -46.83 18.68
C VAL B 255 -32.19 -45.63 19.60
N PHE B 256 -31.16 -44.79 19.65
CA PHE B 256 -31.17 -43.59 20.47
C PHE B 256 -31.72 -42.43 19.64
N VAL B 257 -32.75 -41.77 20.16
CA VAL B 257 -33.42 -40.67 19.48
C VAL B 257 -33.24 -39.43 20.32
N CYS B 258 -32.72 -38.36 19.69
CA CYS B 258 -32.60 -37.05 20.38
C CYS B 258 -32.47 -35.95 19.33
N PHE B 259 -33.15 -34.82 19.55
CA PHE B 259 -33.04 -33.67 18.60
C PHE B 259 -32.39 -32.49 19.33
N GLY B 260 -31.35 -32.78 20.12
CA GLY B 260 -30.63 -31.73 20.86
C GLY B 260 -31.56 -30.89 21.71
N SER B 261 -31.48 -29.57 21.59
CA SER B 261 -32.41 -28.65 22.33
C SER B 261 -32.84 -27.53 21.40
N GLU B 262 -32.56 -27.67 20.10
CA GLU B 262 -32.90 -26.60 19.12
C GLU B 262 -34.41 -26.40 19.06
N TYR B 263 -35.17 -27.49 18.85
CA TYR B 263 -36.64 -27.39 18.71
C TYR B 263 -37.31 -28.56 19.42
N PHE B 264 -38.17 -28.28 20.41
CA PHE B 264 -38.93 -29.35 21.09
C PHE B 264 -40.02 -29.86 20.13
N LEU B 265 -39.97 -29.41 18.87
CA LEU B 265 -41.00 -29.76 17.85
C LEU B 265 -42.36 -29.22 18.33
N SER B 266 -43.43 -29.99 18.15
CA SER B 266 -44.78 -29.57 18.62
C SER B 266 -45.63 -30.82 18.81
N ASN B 267 -46.80 -30.71 19.43
CA ASN B 267 -47.73 -31.86 19.59
C ASN B 267 -48.05 -32.45 18.21
N GLU B 268 -47.79 -31.69 17.15
CA GLU B 268 -48.14 -32.18 15.80
C GLU B 268 -46.94 -32.96 15.27
N GLU B 269 -45.74 -32.51 15.62
CA GLU B 269 -44.53 -33.17 15.10
C GLU B 269 -44.10 -34.28 16.06
N LEU B 270 -44.32 -34.10 17.38
CA LEU B 270 -44.00 -35.23 18.23
C LEU B 270 -44.80 -36.46 17.85
N GLU B 271 -46.02 -36.27 17.34
CA GLU B 271 -46.85 -37.42 16.97
C GLU B 271 -46.23 -38.23 15.86
N GLU B 272 -45.73 -37.55 14.81
CA GLU B 272 -45.21 -38.25 13.64
C GLU B 272 -43.95 -39.05 13.96
N VAL B 273 -43.22 -38.69 15.01
CA VAL B 273 -42.01 -39.43 15.37
C VAL B 273 -42.36 -40.49 16.41
N ALA B 274 -43.34 -40.22 17.27
CA ALA B 274 -43.73 -41.20 18.27
C ALA B 274 -44.37 -42.42 17.63
N ILE B 275 -45.36 -42.20 16.74
CA ILE B 275 -45.99 -43.33 16.08
C ILE B 275 -45.01 -43.99 15.11
N GLY B 276 -44.09 -43.21 14.52
CA GLY B 276 -43.06 -43.80 13.69
C GLY B 276 -42.12 -44.70 14.45
N LEU B 277 -41.85 -44.37 15.71
CA LEU B 277 -41.06 -45.26 16.57
C LEU B 277 -41.87 -46.44 17.05
N GLU B 278 -43.20 -46.28 17.18
CA GLU B 278 -44.03 -47.40 17.60
C GLU B 278 -44.07 -48.50 16.55
N ILE B 279 -44.36 -48.12 15.30
CA ILE B 279 -44.44 -49.12 14.22
C ILE B 279 -43.08 -49.55 13.71
N SER B 280 -41.99 -48.97 14.23
CA SER B 280 -40.66 -49.43 13.85
C SER B 280 -40.33 -50.79 14.42
N THR B 281 -41.01 -51.19 15.50
CA THR B 281 -40.82 -52.50 16.14
C THR B 281 -39.36 -52.75 16.51
N VAL B 282 -38.75 -51.75 17.17
CA VAL B 282 -37.37 -51.86 17.62
C VAL B 282 -37.23 -51.07 18.91
N ASN B 283 -36.33 -51.53 19.78
CA ASN B 283 -36.09 -50.85 21.04
C ASN B 283 -35.51 -49.46 20.79
N PHE B 284 -35.86 -48.52 21.67
CA PHE B 284 -35.40 -47.15 21.49
C PHE B 284 -35.30 -46.45 22.84
N ILE B 285 -34.42 -45.45 22.89
CA ILE B 285 -34.34 -44.50 23.98
C ILE B 285 -34.55 -43.12 23.36
N TRP B 286 -35.76 -42.60 23.44
CA TRP B 286 -36.12 -41.32 22.83
C TRP B 286 -36.10 -40.26 23.93
N ALA B 287 -35.02 -39.48 23.99
CA ALA B 287 -34.87 -38.42 24.96
C ALA B 287 -35.48 -37.14 24.38
N VAL B 288 -36.63 -36.75 24.93
CA VAL B 288 -37.41 -35.60 24.38
C VAL B 288 -36.99 -34.30 25.08
N PHE B 303 -48.59 -45.73 21.32
CA PHE B 303 -47.51 -45.13 22.14
C PHE B 303 -48.06 -44.82 23.53
N VAL B 304 -48.68 -43.65 23.70
CA VAL B 304 -49.26 -43.21 25.01
C VAL B 304 -48.30 -43.58 26.18
N GLN B 305 -46.99 -43.65 25.93
CA GLN B 305 -45.96 -43.97 26.96
C GLN B 305 -46.14 -45.37 27.56
N ARG B 306 -47.29 -46.03 27.34
CA ARG B 306 -47.54 -47.34 28.00
C ARG B 306 -47.64 -48.45 26.97
N VAL B 307 -47.77 -48.10 25.68
CA VAL B 307 -47.79 -49.12 24.59
C VAL B 307 -46.55 -48.88 23.71
N GLY B 308 -45.54 -48.20 24.27
CA GLY B 308 -44.28 -48.01 23.53
C GLY B 308 -43.60 -49.35 23.36
N ASP B 309 -43.27 -49.74 22.11
CA ASP B 309 -42.64 -51.06 21.82
C ASP B 309 -41.25 -51.07 22.43
N ARG B 310 -41.15 -51.28 23.74
CA ARG B 310 -39.85 -51.38 24.42
C ARG B 310 -39.04 -50.10 24.19
N GLY B 311 -39.43 -49.02 24.88
CA GLY B 311 -38.70 -47.76 24.78
C GLY B 311 -38.67 -47.00 26.08
N LEU B 312 -37.94 -45.89 26.15
CA LEU B 312 -37.87 -45.06 27.38
C LEU B 312 -37.76 -43.59 27.00
N VAL B 313 -38.71 -42.77 27.45
CA VAL B 313 -38.67 -41.34 27.16
C VAL B 313 -38.07 -40.63 28.37
N VAL B 314 -37.22 -39.63 28.10
CA VAL B 314 -36.54 -38.87 29.14
C VAL B 314 -36.86 -37.40 28.94
N GLU B 315 -36.97 -36.66 30.06
CA GLU B 315 -37.32 -35.24 30.00
C GLU B 315 -36.13 -34.40 29.55
N GLY B 316 -35.13 -34.27 30.41
CA GLY B 316 -34.00 -33.38 30.15
C GLY B 316 -32.77 -34.06 29.58
N TRP B 317 -31.64 -33.85 30.25
CA TRP B 317 -30.37 -34.36 29.75
C TRP B 317 -30.33 -35.88 29.79
N ALA B 318 -29.77 -36.47 28.74
CA ALA B 318 -29.67 -37.92 28.60
C ALA B 318 -28.20 -38.30 28.41
N PRO B 319 -27.82 -39.53 28.81
CA PRO B 319 -26.44 -39.97 28.63
C PRO B 319 -26.12 -40.22 27.16
N GLN B 320 -26.06 -39.16 26.36
CA GLN B 320 -25.88 -39.33 24.92
C GLN B 320 -24.59 -40.08 24.61
N ALA B 321 -23.47 -39.60 25.15
CA ALA B 321 -22.20 -40.29 24.92
C ALA B 321 -22.20 -41.69 25.51
N ARG B 322 -22.82 -41.85 26.68
CA ARG B 322 -22.85 -43.15 27.35
C ARG B 322 -23.82 -44.11 26.69
N ILE B 323 -24.86 -43.61 26.02
CA ILE B 323 -25.76 -44.49 25.29
C ILE B 323 -25.16 -44.89 23.96
N LEU B 324 -24.57 -43.93 23.23
CA LEU B 324 -23.92 -44.25 21.96
C LEU B 324 -22.72 -45.17 22.18
N GLY B 325 -22.01 -45.00 23.31
CA GLY B 325 -20.90 -45.88 23.61
C GLY B 325 -21.30 -47.25 24.12
N HIS B 326 -22.55 -47.41 24.54
CA HIS B 326 -23.00 -48.71 25.01
C HIS B 326 -23.17 -49.66 23.84
N SER B 327 -22.88 -50.94 24.07
CA SER B 327 -22.87 -51.91 22.98
C SER B 327 -24.27 -52.25 22.48
N SER B 328 -25.31 -51.94 23.26
CA SER B 328 -26.67 -52.26 22.86
C SER B 328 -27.26 -51.28 21.85
N THR B 329 -26.59 -50.16 21.61
CA THR B 329 -27.08 -49.16 20.68
C THR B 329 -26.53 -49.42 19.28
N GLY B 330 -27.43 -49.47 18.30
CA GLY B 330 -27.06 -49.66 16.92
C GLY B 330 -27.75 -48.69 15.97
N GLY B 331 -28.29 -47.61 16.52
CA GLY B 331 -28.97 -46.60 15.73
C GLY B 331 -29.12 -45.28 16.48
N PHE B 332 -29.03 -44.17 15.75
CA PHE B 332 -29.08 -42.83 16.36
C PHE B 332 -29.94 -41.93 15.46
N VAL B 333 -31.20 -41.76 15.84
CA VAL B 333 -32.08 -40.79 15.16
C VAL B 333 -31.72 -39.40 15.67
N SER B 334 -31.15 -38.57 14.81
CA SER B 334 -30.58 -37.31 15.25
C SER B 334 -31.01 -36.17 14.34
N HIS B 335 -30.97 -34.95 14.88
CA HIS B 335 -31.20 -33.75 14.09
C HIS B 335 -29.95 -33.31 13.35
N CYS B 336 -28.87 -34.08 13.42
CA CYS B 336 -27.64 -33.85 12.64
C CYS B 336 -26.91 -32.58 13.09
N GLY B 337 -26.73 -32.45 14.40
CA GLY B 337 -25.76 -31.51 14.92
C GLY B 337 -24.36 -32.05 14.71
N TRP B 338 -23.39 -31.14 14.56
CA TRP B 338 -22.03 -31.56 14.25
C TRP B 338 -21.44 -32.39 15.38
N SER B 339 -21.60 -31.94 16.63
CA SER B 339 -21.10 -32.73 17.76
C SER B 339 -21.86 -34.04 17.86
N SER B 340 -23.15 -34.04 17.54
CA SER B 340 -23.94 -35.27 17.58
C SER B 340 -23.44 -36.29 16.57
N ILE B 341 -23.17 -35.84 15.33
CA ILE B 341 -22.67 -36.74 14.31
C ILE B 341 -21.26 -37.23 14.66
N ALA B 342 -20.42 -36.35 15.20
CA ALA B 342 -19.09 -36.76 15.62
C ALA B 342 -19.16 -37.83 16.70
N GLU B 343 -20.02 -37.63 17.70
CA GLU B 343 -20.18 -38.64 18.75
C GLU B 343 -20.74 -39.95 18.19
N SER B 344 -21.68 -39.86 17.26
CA SER B 344 -22.23 -41.07 16.66
C SER B 344 -21.18 -41.83 15.87
N MET B 345 -20.22 -41.12 15.26
CA MET B 345 -19.20 -41.80 14.48
C MET B 345 -18.03 -42.29 15.32
N LYS B 346 -17.76 -41.66 16.47
CA LYS B 346 -16.69 -42.16 17.33
C LYS B 346 -17.06 -43.49 17.98
N PHE B 347 -18.35 -43.80 18.10
CA PHE B 347 -18.80 -45.04 18.70
C PHE B 347 -19.41 -46.01 17.68
N GLY B 348 -19.30 -45.71 16.40
CA GLY B 348 -19.76 -46.63 15.37
C GLY B 348 -21.26 -46.83 15.29
N VAL B 349 -22.03 -45.83 15.69
CA VAL B 349 -23.50 -45.90 15.65
C VAL B 349 -23.96 -45.21 14.38
N PRO B 350 -24.59 -45.91 13.43
CA PRO B 350 -25.08 -45.26 12.21
C PRO B 350 -26.15 -44.24 12.52
N VAL B 351 -26.36 -43.33 11.57
CA VAL B 351 -27.14 -42.12 11.79
C VAL B 351 -28.44 -42.18 10.99
N ILE B 352 -29.54 -41.82 11.65
CA ILE B 352 -30.82 -41.60 11.01
C ILE B 352 -31.00 -40.08 10.96
N ALA B 353 -30.83 -39.50 9.78
CA ALA B 353 -30.82 -38.05 9.63
C ALA B 353 -32.23 -37.50 9.61
N MET B 354 -32.51 -36.55 10.51
CA MET B 354 -33.78 -35.85 10.56
C MET B 354 -33.49 -34.37 10.86
N ALA B 355 -32.86 -33.70 9.90
CA ALA B 355 -32.49 -32.31 10.03
C ALA B 355 -33.67 -31.40 9.70
N ARG B 356 -33.51 -30.10 9.96
CA ARG B 356 -34.56 -29.14 9.64
C ARG B 356 -34.01 -27.77 9.31
N HIS B 357 -33.16 -27.21 10.17
CA HIS B 357 -32.69 -25.84 10.02
C HIS B 357 -31.17 -25.78 10.20
N LEU B 358 -30.62 -24.60 9.93
CA LEU B 358 -29.18 -24.32 10.05
C LEU B 358 -28.43 -25.25 9.07
N ASP B 359 -27.19 -25.58 9.39
CA ASP B 359 -26.34 -26.43 8.56
C ASP B 359 -26.61 -27.91 8.79
N GLN B 360 -27.66 -28.24 9.54
CA GLN B 360 -27.94 -29.65 9.84
C GLN B 360 -28.25 -30.48 8.60
N PRO B 361 -29.01 -30.00 7.61
CA PRO B 361 -29.16 -30.81 6.39
C PRO B 361 -27.83 -31.11 5.71
N LEU B 362 -27.00 -30.09 5.50
CA LEU B 362 -25.69 -30.32 4.88
C LEU B 362 -24.89 -31.36 5.64
N ASN B 363 -24.95 -31.32 6.97
CA ASN B 363 -24.28 -32.34 7.77
C ASN B 363 -24.85 -33.72 7.45
N GLY B 364 -26.18 -33.84 7.47
CA GLY B 364 -26.84 -35.12 7.26
C GLY B 364 -26.40 -35.82 6.00
N LYS B 365 -26.70 -35.22 4.84
CA LYS B 365 -26.23 -35.79 3.57
C LYS B 365 -24.73 -36.04 3.60
N LEU B 366 -23.95 -35.19 4.28
CA LEU B 366 -22.52 -35.45 4.44
C LEU B 366 -22.29 -36.86 4.98
N ALA B 367 -22.86 -37.16 6.16
CA ALA B 367 -22.77 -38.51 6.70
C ALA B 367 -23.45 -39.54 5.80
N ALA B 368 -24.42 -39.12 4.98
CA ALA B 368 -25.01 -40.00 3.99
C ALA B 368 -24.13 -40.16 2.76
N GLU B 369 -23.28 -39.17 2.47
CA GLU B 369 -22.38 -39.28 1.33
C GLU B 369 -21.31 -40.33 1.58
N VAL B 370 -20.78 -40.40 2.82
CA VAL B 370 -19.74 -41.36 3.13
C VAL B 370 -20.28 -42.75 3.45
N GLY B 371 -21.58 -42.86 3.73
CA GLY B 371 -22.22 -44.15 3.89
C GLY B 371 -22.44 -44.62 5.31
N VAL B 372 -22.33 -43.74 6.30
CA VAL B 372 -22.52 -44.13 7.69
C VAL B 372 -23.87 -43.67 8.22
N GLY B 373 -24.80 -43.32 7.33
CA GLY B 373 -26.11 -42.90 7.77
C GLY B 373 -27.07 -42.81 6.59
N MET B 374 -28.32 -42.48 6.90
CA MET B 374 -29.35 -42.34 5.89
C MET B 374 -30.37 -41.31 6.34
N GLU B 375 -30.80 -40.47 5.41
CA GLU B 375 -31.79 -39.43 5.69
C GLU B 375 -33.20 -39.95 5.45
N VAL B 376 -34.15 -39.42 6.22
CA VAL B 376 -35.55 -39.74 5.98
C VAL B 376 -36.02 -38.98 4.74
N VAL B 377 -36.92 -39.60 3.99
CA VAL B 377 -37.43 -39.02 2.76
C VAL B 377 -38.62 -38.14 3.09
N ARG B 378 -38.50 -36.84 2.83
CA ARG B 378 -39.59 -35.89 3.17
C ARG B 378 -40.76 -36.07 2.20
N ASP B 379 -41.96 -36.30 2.74
CA ASP B 379 -43.16 -36.46 1.89
C ASP B 379 -43.81 -35.08 1.68
N GLU B 380 -43.65 -34.17 2.66
CA GLU B 380 -44.21 -32.80 2.53
C GLU B 380 -43.06 -31.81 2.34
N ASN B 381 -43.08 -30.68 3.05
CA ASN B 381 -42.00 -29.67 2.96
C ASN B 381 -41.66 -29.20 4.38
N GLY B 382 -42.65 -29.24 5.27
CA GLY B 382 -42.43 -28.84 6.68
C GLY B 382 -41.87 -30.00 7.49
N LYS B 383 -42.39 -31.19 7.26
CA LYS B 383 -41.95 -32.30 8.14
C LYS B 383 -42.03 -33.65 7.43
N TYR B 384 -41.79 -34.71 8.19
CA TYR B 384 -41.80 -36.06 7.62
C TYR B 384 -42.97 -36.83 8.21
N LYS B 385 -43.20 -38.04 7.70
CA LYS B 385 -44.36 -38.84 8.14
C LYS B 385 -43.85 -40.13 8.80
N ARG B 386 -44.69 -40.79 9.60
CA ARG B 386 -44.23 -41.97 10.36
C ARG B 386 -43.66 -43.04 9.45
N GLU B 387 -44.32 -43.33 8.34
CA GLU B 387 -43.73 -44.30 7.37
C GLU B 387 -42.28 -43.92 7.06
N GLY B 388 -42.04 -42.69 6.55
CA GLY B 388 -40.70 -42.26 6.22
C GLY B 388 -39.69 -42.52 7.32
N ILE B 389 -40.12 -42.44 8.58
CA ILE B 389 -39.22 -42.66 9.70
C ILE B 389 -39.04 -44.14 9.97
N ALA B 390 -40.15 -44.87 10.06
CA ALA B 390 -40.10 -46.30 10.35
C ALA B 390 -39.34 -47.06 9.28
N GLU B 391 -39.55 -46.69 8.01
CA GLU B 391 -38.85 -47.37 6.92
C GLU B 391 -37.34 -47.26 7.09
N VAL B 392 -36.83 -46.05 7.29
CA VAL B 392 -35.38 -45.87 7.39
C VAL B 392 -34.84 -46.50 8.66
N ILE B 393 -35.61 -46.45 9.77
CA ILE B 393 -35.13 -47.09 11.00
C ILE B 393 -34.97 -48.59 10.77
N ARG B 394 -35.99 -49.23 10.20
CA ARG B 394 -35.91 -50.67 9.94
C ARG B 394 -34.80 -50.99 8.96
N LYS B 395 -34.66 -50.18 7.90
CA LYS B 395 -33.62 -50.43 6.90
C LYS B 395 -32.24 -50.38 7.53
N VAL B 396 -31.98 -49.36 8.36
CA VAL B 396 -30.64 -49.18 8.90
C VAL B 396 -30.35 -50.20 10.00
N VAL B 397 -31.19 -50.24 11.04
CA VAL B 397 -30.78 -50.93 12.27
C VAL B 397 -31.02 -52.43 12.19
N VAL B 398 -32.10 -52.87 11.56
CA VAL B 398 -32.56 -54.25 11.68
C VAL B 398 -32.62 -55.00 10.35
N GLU B 399 -32.50 -54.31 9.22
CA GLU B 399 -32.64 -54.96 7.92
C GLU B 399 -31.28 -55.19 7.27
N LYS B 400 -31.26 -56.13 6.32
CA LYS B 400 -30.02 -56.43 5.61
C LYS B 400 -29.61 -55.30 4.68
N SER B 401 -30.59 -54.56 4.12
CA SER B 401 -30.27 -53.49 3.19
C SER B 401 -29.41 -52.40 3.83
N GLY B 402 -29.44 -52.26 5.14
CA GLY B 402 -28.62 -51.32 5.86
C GLY B 402 -27.29 -51.86 6.32
N GLU B 403 -26.95 -53.11 5.97
CA GLU B 403 -25.66 -53.66 6.36
C GLU B 403 -24.51 -52.82 5.82
N VAL B 404 -24.64 -52.33 4.59
CA VAL B 404 -23.59 -51.42 4.08
C VAL B 404 -23.38 -50.33 5.12
N ILE B 405 -24.44 -49.66 5.56
CA ILE B 405 -24.27 -48.49 6.48
C ILE B 405 -23.60 -48.93 7.79
N ARG B 406 -24.03 -50.05 8.35
CA ARG B 406 -23.49 -50.48 9.66
C ARG B 406 -22.02 -50.85 9.53
N ARG B 407 -21.68 -51.61 8.49
CA ARG B 407 -20.26 -52.03 8.27
C ARG B 407 -19.38 -50.79 8.20
N LYS B 408 -19.80 -49.78 7.44
CA LYS B 408 -18.98 -48.57 7.25
C LYS B 408 -18.80 -47.83 8.57
N ALA B 409 -19.86 -47.74 9.38
CA ALA B 409 -19.81 -47.01 10.66
C ALA B 409 -18.73 -47.64 11.56
N ARG B 410 -18.67 -48.97 11.57
CA ARG B 410 -17.71 -49.67 12.45
C ARG B 410 -16.31 -49.47 11.91
N GLU B 411 -16.14 -49.65 10.61
CA GLU B 411 -14.79 -49.57 10.00
C GLU B 411 -14.25 -48.16 10.20
N LEU B 412 -15.11 -47.17 10.00
CA LEU B 412 -14.67 -45.76 10.18
C LEU B 412 -14.33 -45.51 11.65
N SER B 413 -15.07 -46.10 12.59
CA SER B 413 -14.81 -45.94 14.04
C SER B 413 -13.46 -46.56 14.37
N GLU B 414 -13.19 -47.72 13.78
CA GLU B 414 -11.91 -48.39 14.02
C GLU B 414 -10.81 -47.46 13.51
N LYS B 415 -11.02 -46.85 12.34
CA LYS B 415 -9.98 -45.97 11.77
C LYS B 415 -9.77 -44.76 12.68
N MET B 416 -10.85 -44.20 13.18
CA MET B 416 -10.74 -42.96 13.99
C MET B 416 -9.93 -43.32 15.23
N LYS B 417 -10.06 -44.55 15.69
CA LYS B 417 -9.24 -45.01 16.81
C LYS B 417 -7.97 -45.72 16.37
N GLU B 418 -7.88 -46.13 15.11
CA GLU B 418 -6.66 -46.77 14.63
C GLU B 418 -5.54 -45.75 14.43
N LYS B 419 -5.90 -44.55 13.97
CA LYS B 419 -4.91 -43.45 13.84
C LYS B 419 -5.02 -42.55 15.06
N GLY B 420 -5.15 -43.14 16.25
CA GLY B 420 -5.43 -42.35 17.47
C GLY B 420 -4.31 -41.50 18.01
N GLU B 421 -4.62 -40.27 18.43
CA GLU B 421 -3.66 -39.37 19.13
C GLU B 421 -2.71 -38.66 18.16
N GLN B 422 -2.49 -39.23 16.98
CA GLN B 422 -1.55 -38.65 16.02
C GLN B 422 -2.08 -37.30 15.51
N GLU B 423 -3.38 -37.19 15.27
CA GLU B 423 -3.88 -35.93 14.64
C GLU B 423 -3.65 -34.73 15.56
N ILE B 424 -3.98 -34.87 16.83
CA ILE B 424 -3.71 -33.78 17.81
C ILE B 424 -2.20 -33.64 18.03
N ASP B 425 -1.47 -34.76 17.98
CA ASP B 425 0.02 -34.70 18.11
C ASP B 425 0.61 -33.91 16.95
N ARG B 426 0.16 -34.16 15.72
CA ARG B 426 0.62 -33.41 14.54
C ARG B 426 0.17 -31.95 14.64
N ALA B 427 -1.02 -31.73 15.19
CA ALA B 427 -1.52 -30.35 15.39
C ALA B 427 -0.63 -29.63 16.37
N VAL B 428 -0.24 -30.32 17.45
CA VAL B 428 0.63 -29.70 18.45
C VAL B 428 1.98 -29.38 17.86
N GLU B 429 2.55 -30.31 17.09
CA GLU B 429 3.86 -30.03 16.51
C GLU B 429 3.77 -28.90 15.48
N GLU B 430 2.66 -28.77 14.76
CA GLU B 430 2.53 -27.65 13.84
C GLU B 430 2.32 -26.33 14.60
N LEU B 431 1.62 -26.35 15.72
CA LEU B 431 1.52 -25.14 16.54
C LEU B 431 2.89 -24.71 17.06
N VAL B 432 3.68 -25.68 17.52
CA VAL B 432 5.05 -25.37 17.94
C VAL B 432 5.87 -24.85 16.78
N GLN B 433 5.63 -25.36 15.57
CA GLN B 433 6.28 -24.83 14.39
C GLN B 433 5.90 -23.36 14.18
N ILE B 434 4.63 -23.02 14.39
CA ILE B 434 4.21 -21.62 14.28
C ILE B 434 4.97 -20.78 15.30
N CYS B 435 5.05 -21.26 16.54
CA CYS B 435 5.73 -20.50 17.58
C CYS B 435 7.21 -20.29 17.26
N LYS B 436 7.88 -21.32 16.74
CA LYS B 436 9.29 -21.16 16.40
C LYS B 436 9.49 -20.31 15.15
N LYS B 437 8.54 -20.24 14.24
CA LYS B 437 8.78 -19.34 13.08
C LYS B 437 8.70 -17.91 13.59
N LYS B 438 8.15 -17.72 14.78
CA LYS B 438 7.99 -16.36 15.34
C LYS B 438 9.22 -16.03 16.20
N LYS B 439 10.14 -16.97 16.35
CA LYS B 439 11.40 -16.66 17.07
C LYS B 439 12.32 -15.99 16.05
N ASP B 440 11.99 -14.76 15.65
CA ASP B 440 12.83 -14.00 14.69
C ASP B 440 13.37 -12.79 15.46
N GLU B 441 14.68 -12.57 15.41
CA GLU B 441 15.31 -11.47 16.20
C GLU B 441 14.97 -11.66 17.67
N GLN B 442 15.02 -12.89 18.20
CA GLN B 442 14.82 -13.16 19.65
C GLN B 442 13.51 -12.55 20.14
N ILE C 8 40.07 50.49 -1.36
CA ILE C 8 39.10 50.83 -2.40
C ILE C 8 38.56 49.57 -3.07
N SER C 9 39.43 48.60 -3.32
CA SER C 9 39.04 47.36 -3.99
C SER C 9 38.78 46.26 -2.96
N ILE C 10 37.69 45.52 -3.15
CA ILE C 10 37.26 44.48 -2.23
C ILE C 10 36.96 43.21 -3.03
N ALA C 11 37.28 42.06 -2.45
CA ALA C 11 36.96 40.76 -3.02
C ALA C 11 36.08 39.98 -2.06
N LEU C 12 35.04 39.34 -2.59
CA LEU C 12 34.06 38.61 -1.80
C LEU C 12 34.12 37.13 -2.14
N LEU C 13 34.13 36.30 -1.10
CA LEU C 13 34.18 34.84 -1.25
C LEU C 13 33.05 34.25 -0.39
N PRO C 14 31.83 34.22 -0.92
CA PRO C 14 30.74 33.56 -0.20
C PRO C 14 30.90 32.05 -0.23
N PHE C 15 30.02 31.37 0.48
CA PHE C 15 30.01 29.91 0.47
C PHE C 15 29.18 29.39 -0.69
N LEU C 16 29.29 28.08 -0.94
CA LEU C 16 28.64 27.45 -2.08
C LEU C 16 27.19 27.07 -1.76
N ALA C 17 26.40 28.09 -1.50
CA ALA C 17 24.99 27.92 -1.21
C ALA C 17 24.25 29.19 -1.59
N HIS C 18 23.15 29.04 -2.34
CA HIS C 18 22.40 30.20 -2.79
C HIS C 18 21.82 31.01 -1.63
N GLY C 19 21.71 30.41 -0.44
CA GLY C 19 21.33 31.18 0.73
C GLY C 19 22.38 32.19 1.17
N HIS C 20 23.63 32.00 0.75
CA HIS C 20 24.70 32.95 1.04
C HIS C 20 25.16 33.73 -0.18
N ILE C 21 24.79 33.30 -1.39
CA ILE C 21 25.18 34.04 -2.58
C ILE C 21 24.38 35.33 -2.70
N SER C 22 23.09 35.29 -2.34
CA SER C 22 22.27 36.49 -2.45
C SER C 22 22.71 37.59 -1.49
N PRO C 23 22.92 37.34 -0.19
CA PRO C 23 23.38 38.44 0.67
C PRO C 23 24.72 39.02 0.25
N PHE C 24 25.67 38.16 -0.15
CA PHE C 24 26.95 38.65 -0.62
C PHE C 24 26.79 39.49 -1.88
N PHE C 25 25.93 39.06 -2.81
CA PHE C 25 25.73 39.81 -4.04
C PHE C 25 25.06 41.16 -3.78
N GLU C 26 24.09 41.19 -2.86
CA GLU C 26 23.45 42.46 -2.53
C GLU C 26 24.41 43.40 -1.82
N LEU C 27 25.25 42.86 -0.92
CA LEU C 27 26.29 43.68 -0.32
C LEU C 27 27.26 44.19 -1.36
N ALA C 28 27.55 43.39 -2.38
CA ALA C 28 28.40 43.84 -3.48
C ALA C 28 27.77 45.02 -4.21
N LYS C 29 26.48 44.90 -4.54
CA LYS C 29 25.78 45.99 -5.20
C LYS C 29 25.75 47.25 -4.33
N GLN C 30 25.65 47.06 -3.01
CA GLN C 30 25.59 48.22 -2.12
C GLN C 30 26.95 48.90 -1.98
N LEU C 31 28.03 48.11 -1.94
CA LEU C 31 29.35 48.70 -1.81
C LEU C 31 29.89 49.20 -3.15
N ALA C 32 29.30 48.78 -4.27
CA ALA C 32 29.75 49.26 -5.57
C ALA C 32 29.16 50.61 -5.93
N LYS C 33 28.04 51.00 -5.34
CA LYS C 33 27.41 52.28 -5.63
C LYS C 33 27.92 53.41 -4.75
N ARG C 34 28.74 53.03 -3.76
CA ARG C 34 29.32 54.01 -2.80
C ARG C 34 30.83 53.84 -2.80
N ASN C 35 31.57 54.94 -2.98
CA ASN C 35 33.05 54.93 -2.97
C ASN C 35 33.54 54.20 -4.21
N CYS C 36 32.62 53.84 -5.10
CA CYS C 36 33.02 53.25 -6.40
C CYS C 36 34.00 52.12 -6.10
N ASN C 37 33.75 51.42 -5.00
CA ASN C 37 34.65 50.30 -4.61
C ASN C 37 34.75 49.34 -5.78
N VAL C 38 35.98 49.08 -6.26
CA VAL C 38 36.18 48.07 -7.33
C VAL C 38 35.73 46.74 -6.72
N PHE C 39 34.83 46.01 -7.37
CA PHE C 39 34.28 44.82 -6.69
C PHE C 39 34.58 43.53 -7.42
N LEU C 40 35.15 42.57 -6.70
CA LEU C 40 35.47 41.24 -7.29
C LEU C 40 34.73 40.18 -6.47
N CYS C 41 33.84 39.36 -7.04
CA CYS C 41 33.03 38.35 -6.29
C CYS C 41 33.39 36.96 -6.78
N SER C 42 34.00 36.14 -5.92
CA SER C 42 34.52 34.81 -6.36
C SER C 42 33.45 33.74 -6.19
N THR C 43 32.86 33.30 -7.30
CA THR C 43 31.79 32.28 -7.26
C THR C 43 32.05 31.27 -8.37
N PRO C 44 31.72 29.94 -8.22
CA PRO C 44 31.81 28.98 -9.34
C PRO C 44 30.88 29.46 -10.46
N ILE C 45 31.19 29.17 -11.74
CA ILE C 45 30.44 29.74 -12.90
C ILE C 45 28.95 29.41 -12.77
N ASN C 46 28.62 28.19 -12.32
CA ASN C 46 27.19 27.81 -12.14
C ASN C 46 26.53 28.72 -11.08
N LEU C 47 27.23 28.97 -9.97
CA LEU C 47 26.69 29.85 -8.90
C LEU C 47 26.57 31.30 -9.39
N SER C 48 27.55 31.79 -10.14
CA SER C 48 27.55 33.21 -10.60
C SER C 48 26.49 33.38 -11.69
N SER C 49 26.21 32.32 -12.44
CA SER C 49 25.22 32.36 -13.55
C SER C 49 23.89 32.95 -13.12
N ILE C 50 23.41 32.57 -11.93
CA ILE C 50 22.10 33.05 -11.41
C ILE C 50 22.14 34.55 -11.12
N LYS C 51 23.29 35.07 -10.72
CA LYS C 51 23.39 36.49 -10.33
C LYS C 51 23.58 37.37 -11.55
N ASP C 52 23.65 36.79 -12.75
CA ASP C 52 23.94 37.65 -13.93
C ASP C 52 22.62 38.28 -14.40
N LYS C 53 22.34 39.49 -13.96
CA LYS C 53 21.06 40.15 -14.32
C LYS C 53 21.24 41.65 -14.13
N ASP C 54 21.46 42.13 -12.90
CA ASP C 54 21.79 43.57 -12.76
C ASP C 54 23.06 43.69 -11.91
N SER C 55 24.21 43.32 -12.47
CA SER C 55 25.47 43.33 -11.69
C SER C 55 26.58 44.05 -12.46
N SER C 56 26.23 44.79 -13.52
CA SER C 56 27.26 45.55 -14.23
C SER C 56 28.17 46.32 -13.29
N ALA C 57 27.71 46.62 -12.07
CA ALA C 57 28.54 47.34 -11.12
C ALA C 57 29.62 46.46 -10.52
N SER C 58 29.27 45.21 -10.18
CA SER C 58 30.23 44.27 -9.64
C SER C 58 30.93 43.50 -10.75
N ILE C 59 32.05 42.88 -10.40
CA ILE C 59 32.81 42.04 -11.31
C ILE C 59 32.82 40.63 -10.73
N LYS C 60 32.29 39.71 -11.52
CA LYS C 60 32.18 38.33 -11.05
C LYS C 60 33.41 37.58 -11.54
N LEU C 61 33.96 36.73 -10.70
CA LEU C 61 35.21 36.03 -11.02
C LEU C 61 34.95 34.53 -10.87
N VAL C 62 35.40 33.74 -11.83
CA VAL C 62 35.05 32.30 -11.80
C VAL C 62 35.95 31.54 -10.84
N GLU C 63 35.65 30.25 -10.66
CA GLU C 63 36.42 29.44 -9.73
C GLU C 63 36.12 27.99 -10.00
N LEU C 64 37.15 27.23 -10.39
CA LEU C 64 37.00 25.84 -10.82
C LEU C 64 37.53 24.91 -9.74
N HIS C 65 36.78 23.84 -9.47
CA HIS C 65 37.18 22.86 -8.47
C HIS C 65 37.66 21.57 -9.15
N ARG C 91 32.07 15.49 0.34
CA ARG C 91 33.08 16.47 0.82
C ARG C 91 33.24 17.59 -0.21
N ASN C 92 32.72 18.78 0.08
CA ASN C 92 32.93 19.92 -0.84
C ASN C 92 34.42 20.02 -1.09
N ALA C 93 34.82 20.04 -2.36
CA ALA C 93 36.25 20.19 -2.70
C ALA C 93 36.62 21.62 -2.36
N PHE C 94 35.62 22.44 -2.02
CA PHE C 94 35.94 23.82 -1.58
C PHE C 94 37.10 23.76 -0.59
N GLU C 95 37.15 22.70 0.23
CA GLU C 95 38.22 22.61 1.24
C GLU C 95 39.52 22.19 0.57
N THR C 96 39.56 22.22 -0.75
CA THR C 96 40.78 21.83 -1.49
C THR C 96 41.17 22.95 -2.44
N ALA C 97 40.25 23.87 -2.72
CA ALA C 97 40.51 24.93 -3.70
C ALA C 97 41.25 26.06 -2.99
N GLY C 98 41.93 25.75 -1.91
CA GLY C 98 42.72 26.79 -1.25
C GLY C 98 43.65 27.40 -2.26
N PRO C 99 44.67 26.68 -2.74
CA PRO C 99 45.66 27.28 -3.66
C PRO C 99 45.03 27.89 -4.91
N THR C 100 43.85 27.42 -5.32
CA THR C 100 43.17 28.06 -6.44
C THR C 100 42.76 29.48 -6.09
N PHE C 101 42.16 29.66 -4.91
CA PHE C 101 41.81 31.00 -4.45
C PHE C 101 43.06 31.82 -4.16
N SER C 102 44.15 31.16 -3.75
CA SER C 102 45.41 31.86 -3.59
C SER C 102 45.89 32.44 -4.92
N GLU C 103 45.78 31.66 -6.00
CA GLU C 103 46.12 32.15 -7.33
C GLU C 103 45.19 33.28 -7.74
N ILE C 104 43.90 33.16 -7.44
CA ILE C 104 42.95 34.23 -7.80
C ILE C 104 43.33 35.53 -7.10
N LEU C 105 43.66 35.46 -5.80
CA LEU C 105 44.07 36.66 -5.08
C LEU C 105 45.42 37.17 -5.56
N LYS C 106 46.30 36.26 -5.97
CA LYS C 106 47.59 36.66 -6.52
C LYS C 106 47.43 37.47 -7.80
N THR C 107 46.38 37.14 -8.55
CA THR C 107 46.08 37.92 -9.79
C THR C 107 45.27 39.16 -9.42
N LEU C 108 44.15 38.98 -8.69
CA LEU C 108 43.27 40.14 -8.34
C LEU C 108 43.98 41.06 -7.35
N ASN C 109 44.54 40.51 -6.28
CA ASN C 109 45.20 41.33 -5.23
C ASN C 109 44.23 42.40 -4.75
N PRO C 110 43.11 42.04 -4.09
CA PRO C 110 42.14 43.02 -3.56
C PRO C 110 42.68 43.73 -2.32
N ASP C 111 42.19 44.94 -2.04
CA ASP C 111 42.63 45.72 -0.85
C ASP C 111 42.01 45.10 0.41
N LEU C 112 41.09 44.14 0.24
CA LEU C 112 40.41 43.56 1.38
C LEU C 112 39.59 42.36 0.91
N LEU C 113 39.44 41.38 1.80
CA LEU C 113 38.67 40.17 1.53
C LEU C 113 37.51 40.06 2.51
N ILE C 114 36.33 39.71 2.00
CA ILE C 114 35.14 39.48 2.82
C ILE C 114 34.74 38.01 2.62
N TYR C 115 34.96 37.21 3.66
CA TYR C 115 34.78 35.76 3.59
C TYR C 115 33.56 35.33 4.38
N ASP C 116 33.17 34.07 4.17
CA ASP C 116 31.99 33.50 4.83
C ASP C 116 32.43 32.61 5.99
N PHE C 117 31.61 31.62 6.34
CA PHE C 117 31.82 30.88 7.58
C PHE C 117 32.59 29.58 7.39
N ASN C 118 32.45 28.94 6.24
CA ASN C 118 32.99 27.59 6.07
C ASN C 118 34.25 27.50 5.20
N PRO C 119 34.53 28.45 4.30
CA PRO C 119 35.80 28.37 3.56
C PRO C 119 37.03 28.09 4.42
N SER C 120 37.02 28.42 5.71
CA SER C 120 38.12 28.05 6.64
C SER C 120 39.50 28.60 6.26
N TRP C 121 40.00 28.24 5.07
CA TRP C 121 41.35 28.67 4.65
C TRP C 121 41.33 30.11 4.16
N ALA C 122 40.13 30.65 3.94
CA ALA C 122 40.02 32.02 3.40
C ALA C 122 40.83 32.97 4.27
N PRO C 123 40.61 33.03 5.58
CA PRO C 123 41.32 34.00 6.41
C PRO C 123 42.83 33.75 6.37
N GLU C 124 43.24 32.49 6.29
CA GLU C 124 44.68 32.12 6.32
C GLU C 124 45.36 32.51 5.00
N ILE C 125 44.75 32.19 3.87
CA ILE C 125 45.33 32.47 2.52
C ILE C 125 45.37 33.98 2.30
N ALA C 126 44.41 34.70 2.85
CA ALA C 126 44.36 36.17 2.69
C ALA C 126 45.55 36.80 3.43
N SER C 127 45.88 36.27 4.60
CA SER C 127 47.00 36.80 5.40
C SER C 127 48.34 36.43 4.75
N SER C 128 48.37 35.36 3.97
CA SER C 128 49.59 34.96 3.26
C SER C 128 49.84 35.94 2.10
N HIS C 129 48.84 36.72 1.75
CA HIS C 129 49.03 37.76 0.71
C HIS C 129 48.98 39.13 1.40
N ASN C 130 49.01 39.14 2.73
CA ASN C 130 48.96 40.39 3.53
C ASN C 130 47.67 41.12 3.20
N ILE C 131 46.58 40.36 3.05
CA ILE C 131 45.27 40.97 2.80
C ILE C 131 44.46 40.88 4.08
N PRO C 132 43.99 42.00 4.63
CA PRO C 132 43.13 41.92 5.81
C PRO C 132 41.79 41.27 5.48
N ALA C 133 41.35 40.38 6.37
CA ALA C 133 40.16 39.58 6.16
C ALA C 133 39.07 39.99 7.14
N VAL C 134 37.88 40.30 6.60
CA VAL C 134 36.72 40.69 7.40
C VAL C 134 35.63 39.65 7.19
N TYR C 135 34.98 39.25 8.28
CA TYR C 135 33.94 38.23 8.23
C TYR C 135 32.57 38.85 8.02
N PHE C 136 31.75 38.18 7.22
CA PHE C 136 30.38 38.61 6.91
C PHE C 136 29.42 37.58 7.51
N LEU C 137 28.68 37.98 8.54
CA LEU C 137 27.71 37.11 9.19
C LEU C 137 26.33 37.45 8.65
N THR C 138 25.70 36.48 7.98
CA THR C 138 24.38 36.67 7.39
C THR C 138 23.26 36.16 8.28
N THR C 139 23.55 35.89 9.55
CA THR C 139 22.60 35.37 10.50
C THR C 139 22.40 36.38 11.63
N ALA C 140 21.32 36.22 12.37
CA ALA C 140 21.05 37.08 13.52
C ALA C 140 22.20 37.02 14.52
N ALA C 141 22.39 38.13 15.24
CA ALA C 141 23.48 38.21 16.20
C ALA C 141 23.22 37.34 17.42
N ALA C 142 21.96 37.17 17.82
CA ALA C 142 21.66 36.43 19.04
C ALA C 142 21.95 34.94 18.87
N SER C 143 21.54 34.36 17.74
CA SER C 143 21.74 32.94 17.52
C SER C 143 23.22 32.57 17.55
N SER C 144 24.08 33.44 17.01
CA SER C 144 25.52 33.21 17.08
C SER C 144 26.05 33.50 18.48
N SER C 145 25.48 34.53 19.13
CA SER C 145 25.87 34.88 20.49
C SER C 145 25.71 33.71 21.45
N ILE C 146 24.69 32.87 21.22
CA ILE C 146 24.50 31.66 22.03
C ILE C 146 25.81 30.88 22.12
N GLY C 147 26.26 30.35 20.98
CA GLY C 147 27.47 29.54 20.99
C GLY C 147 28.73 30.32 21.31
N LEU C 148 28.80 31.58 20.88
CA LEU C 148 30.02 32.35 21.15
C LEU C 148 30.18 32.61 22.64
N HIS C 149 29.08 32.79 23.38
CA HIS C 149 29.16 32.98 24.85
C HIS C 149 29.60 31.69 25.52
N ALA C 150 29.09 30.57 25.05
CA ALA C 150 29.38 29.26 25.68
C ALA C 150 30.87 28.97 25.61
N PHE C 151 31.58 29.67 24.71
CA PHE C 151 33.05 29.50 24.60
C PHE C 151 33.74 30.63 25.36
N LYS C 152 33.44 31.86 25.02
CA LYS C 152 34.22 32.94 25.66
C LYS C 152 34.01 32.85 27.18
N ASN C 153 32.76 32.75 27.61
CA ASN C 153 32.45 32.71 29.06
C ASN C 153 31.79 31.35 29.32
N PRO C 154 32.55 30.30 29.70
CA PRO C 154 31.98 28.97 29.79
C PRO C 154 30.78 28.76 30.72
N GLY C 155 30.84 29.29 31.93
CA GLY C 155 29.76 29.02 32.89
C GLY C 155 29.11 30.29 33.41
N GLU C 156 29.11 31.37 32.63
CA GLU C 156 28.62 32.66 33.18
C GLU C 156 27.14 32.89 32.89
N LYS C 157 26.47 31.97 32.19
CA LYS C 157 25.00 32.05 31.94
C LYS C 157 24.73 33.07 30.83
N TYR C 158 23.76 32.80 29.97
CA TYR C 158 23.45 33.81 28.93
C TYR C 158 22.90 35.04 29.64
N PRO C 159 23.24 36.26 29.16
CA PRO C 159 22.83 37.48 29.83
C PRO C 159 21.32 37.68 29.89
N PHE C 160 20.55 36.88 29.13
CA PHE C 160 19.06 37.02 29.11
C PHE C 160 18.35 35.67 29.27
N PRO C 161 17.79 35.20 30.44
CA PRO C 161 17.09 33.91 30.44
C PRO C 161 15.91 33.89 29.46
N ASP C 162 15.16 35.00 29.36
CA ASP C 162 13.96 35.06 28.50
C ASP C 162 14.29 34.52 27.10
N PHE C 163 15.42 34.92 26.52
CA PHE C 163 15.76 34.51 25.15
C PHE C 163 16.41 33.13 25.22
N TYR C 164 17.48 33.01 26.00
CA TYR C 164 18.13 31.68 26.18
C TYR C 164 18.33 31.40 27.67
N ASP C 165 17.75 30.31 28.14
CA ASP C 165 17.96 29.93 29.56
C ASP C 165 19.01 28.82 29.59
N ASN C 166 20.26 29.19 29.85
CA ASN C 166 21.37 28.21 29.87
C ASN C 166 21.08 27.12 30.90
N SER C 167 20.74 27.50 32.14
CA SER C 167 20.59 26.49 33.21
C SER C 167 20.06 25.18 32.63
N ASN C 178 32.76 17.21 18.58
CA ASN C 178 32.89 17.52 20.00
C ASN C 178 33.85 18.68 20.21
N MET C 179 34.69 18.93 19.22
CA MET C 179 35.69 19.99 19.30
C MET C 179 36.02 20.53 17.92
N LYS C 180 36.06 19.66 16.92
CA LYS C 180 36.60 19.99 15.60
C LYS C 180 35.65 20.89 14.83
N LEU C 181 34.53 21.25 15.45
CA LEU C 181 33.57 22.17 14.88
C LEU C 181 33.38 23.45 15.68
N LEU C 182 33.50 23.38 17.01
CA LEU C 182 33.39 24.58 17.82
C LEU C 182 34.49 25.58 17.50
N HIS C 183 35.72 25.08 17.36
CA HIS C 183 36.83 25.94 16.99
C HIS C 183 36.63 26.55 15.61
N ASP C 184 35.95 25.79 14.74
CA ASP C 184 35.79 26.30 13.36
C ASP C 184 34.65 27.33 13.31
N PHE C 185 33.88 27.45 14.38
CA PHE C 185 32.82 28.49 14.45
C PHE C 185 33.41 29.80 14.94
N ILE C 186 34.31 29.72 15.90
CA ILE C 186 34.89 30.93 16.54
C ILE C 186 35.93 31.50 15.60
N ALA C 187 36.53 30.60 14.84
CA ALA C 187 37.60 31.03 13.91
C ALA C 187 37.14 32.26 13.12
N CYS C 188 36.02 32.13 12.45
CA CYS C 188 35.64 33.26 11.60
C CYS C 188 35.44 34.53 12.41
N PHE C 189 35.13 34.41 13.70
CA PHE C 189 35.06 35.59 14.55
C PHE C 189 36.44 36.04 15.00
N GLU C 190 37.31 35.09 15.35
CA GLU C 190 38.66 35.42 15.82
C GLU C 190 39.51 36.00 14.70
N ARG C 191 39.56 35.30 13.55
CA ARG C 191 40.43 35.72 12.47
C ARG C 191 39.94 36.95 11.72
N SER C 192 38.75 37.46 12.05
CA SER C 192 38.26 38.66 11.40
C SER C 192 39.07 39.86 11.83
N CYS C 193 39.51 40.67 10.86
CA CYS C 193 40.39 41.79 11.13
C CYS C 193 39.56 42.97 11.64
N ASP C 194 39.76 43.34 12.91
CA ASP C 194 39.18 44.53 13.53
C ASP C 194 37.66 44.47 13.65
N ILE C 195 36.95 44.36 12.54
CA ILE C 195 35.50 44.45 12.53
C ILE C 195 34.90 43.14 12.05
N ILE C 196 33.57 43.05 12.16
CA ILE C 196 32.80 41.94 11.62
C ILE C 196 31.51 42.52 11.04
N LEU C 197 31.33 42.37 9.73
CA LEU C 197 30.12 42.82 9.08
C LEU C 197 28.98 41.84 9.36
N ILE C 198 27.78 42.38 9.58
CA ILE C 198 26.62 41.55 9.90
C ILE C 198 25.41 42.04 9.13
N LYS C 199 24.66 41.10 8.55
CA LYS C 199 23.38 41.39 7.90
C LYS C 199 22.32 41.48 8.97
N SER C 200 22.27 42.64 9.64
CA SER C 200 21.30 42.89 10.69
C SER C 200 21.22 44.39 10.89
N PHE C 201 20.34 44.82 11.79
CA PHE C 201 20.15 46.23 12.06
C PHE C 201 19.87 46.40 13.56
N ARG C 202 20.31 47.55 14.08
CA ARG C 202 20.23 47.79 15.51
C ARG C 202 18.80 47.81 16.02
N GLU C 203 17.86 48.27 15.20
CA GLU C 203 16.47 48.40 15.63
C GLU C 203 15.84 47.05 15.99
N LEU C 204 16.43 45.95 15.56
CA LEU C 204 15.88 44.63 15.84
C LEU C 204 16.64 43.88 16.94
N GLU C 205 17.95 44.05 17.03
CA GLU C 205 18.74 43.28 17.99
C GLU C 205 20.02 44.04 18.33
N GLY C 206 19.89 45.33 18.66
CA GLY C 206 21.07 46.09 19.07
C GLY C 206 21.70 45.53 20.33
N LYS C 207 20.87 45.04 21.25
CA LYS C 207 21.38 44.42 22.47
C LYS C 207 22.27 43.22 22.14
N TYR C 208 21.78 42.32 21.29
CA TYR C 208 22.55 41.13 20.96
C TYR C 208 23.75 41.48 20.08
N ILE C 209 23.65 42.53 19.27
CA ILE C 209 24.81 42.95 18.47
C ILE C 209 25.91 43.47 19.37
N ASP C 210 25.57 44.27 20.38
CA ASP C 210 26.56 44.73 21.34
C ASP C 210 27.14 43.56 22.13
N LEU C 211 26.30 42.59 22.51
CA LEU C 211 26.81 41.41 23.17
C LEU C 211 27.82 40.67 22.30
N LEU C 212 27.50 40.50 21.02
CA LEU C 212 28.41 39.82 20.10
C LEU C 212 29.70 40.62 19.92
N SER C 213 29.61 41.95 19.88
CA SER C 213 30.79 42.80 19.82
C SER C 213 31.71 42.53 21.00
N THR C 214 31.17 42.54 22.21
CA THR C 214 32.00 42.33 23.38
C THR C 214 32.54 40.90 23.43
N LEU C 215 31.75 39.92 23.00
CA LEU C 215 32.19 38.54 23.10
C LEU C 215 33.29 38.23 22.08
N SER C 216 33.21 38.82 20.88
CA SER C 216 34.20 38.55 19.86
C SER C 216 35.42 39.45 19.95
N ASP C 217 35.37 40.51 20.76
CA ASP C 217 36.38 41.57 20.78
C ASP C 217 36.52 42.25 19.43
N LYS C 218 35.47 42.21 18.60
CA LYS C 218 35.46 42.87 17.31
C LYS C 218 34.29 43.85 17.25
N THR C 219 34.44 44.87 16.42
CA THR C 219 33.37 45.84 16.24
C THR C 219 32.36 45.29 15.25
N LEU C 220 31.15 45.04 15.71
CA LEU C 220 30.09 44.56 14.82
C LEU C 220 29.56 45.73 14.01
N VAL C 221 29.70 45.64 12.69
CA VAL C 221 29.24 46.68 11.79
C VAL C 221 28.00 46.13 11.07
N PRO C 222 26.81 46.65 11.35
CA PRO C 222 25.61 46.18 10.67
C PRO C 222 25.42 46.88 9.33
N VAL C 223 25.07 46.09 8.32
CA VAL C 223 24.79 46.60 6.99
C VAL C 223 23.29 46.60 6.69
N GLY C 224 22.47 46.49 7.72
CA GLY C 224 21.03 46.50 7.56
C GLY C 224 20.54 45.30 6.78
N PRO C 225 19.29 45.37 6.32
CA PRO C 225 18.78 44.32 5.45
C PRO C 225 19.20 44.54 4.01
N LEU C 226 19.10 43.47 3.22
CA LEU C 226 19.47 43.49 1.81
C LEU C 226 18.28 42.96 1.02
N VAL C 227 17.58 43.85 0.32
CA VAL C 227 16.31 43.59 -0.36
C VAL C 227 15.41 42.69 0.46
N ASP C 236 8.10 33.55 -15.03
CA ASP C 236 8.09 34.97 -14.72
C ASP C 236 6.85 35.71 -15.28
N PRO C 237 6.33 35.30 -16.44
CA PRO C 237 4.97 35.75 -16.82
C PRO C 237 3.87 35.13 -15.96
N LYS C 238 4.21 34.33 -14.97
CA LYS C 238 3.23 33.68 -14.11
C LYS C 238 2.90 34.48 -12.86
N THR C 239 3.49 35.66 -12.69
CA THR C 239 3.28 36.47 -11.49
C THR C 239 2.28 37.60 -11.70
N GLU C 240 1.82 37.82 -12.93
CA GLU C 240 0.86 38.90 -13.18
C GLU C 240 -0.46 38.63 -12.47
N GLN C 241 -0.89 37.36 -12.44
CA GLN C 241 -2.09 36.98 -11.70
C GLN C 241 -1.96 37.35 -10.23
N ILE C 242 -0.77 37.16 -9.65
CA ILE C 242 -0.56 37.46 -8.24
C ILE C 242 -0.85 38.93 -7.94
N ILE C 243 -0.20 39.83 -8.67
CA ILE C 243 -0.37 41.26 -8.41
C ILE C 243 -1.79 41.71 -8.77
N ASN C 244 -2.35 41.16 -9.84
CA ASN C 244 -3.72 41.53 -10.21
C ASN C 244 -4.71 41.12 -9.13
N TRP C 245 -4.39 40.07 -8.37
CA TRP C 245 -5.27 39.62 -7.27
C TRP C 245 -5.11 40.51 -6.03
N LEU C 246 -3.87 40.85 -5.68
CA LEU C 246 -3.59 41.60 -4.43
C LEU C 246 -4.03 43.06 -4.56
N ASP C 247 -4.05 43.57 -5.78
CA ASP C 247 -4.36 45.02 -5.95
C ASP C 247 -5.86 45.23 -5.74
N LYS C 248 -6.67 44.22 -6.00
CA LYS C 248 -8.14 44.38 -5.91
C LYS C 248 -8.64 44.06 -4.51
N ARG C 249 -7.75 44.10 -3.52
CA ARG C 249 -8.11 43.84 -2.12
C ARG C 249 -7.72 45.06 -1.32
N ALA C 250 -8.34 45.26 -0.16
CA ALA C 250 -8.10 46.50 0.59
C ALA C 250 -6.70 46.53 1.23
N GLU C 251 -6.39 47.64 1.89
CA GLU C 251 -5.05 47.83 2.44
C GLU C 251 -4.88 47.06 3.74
N SER C 252 -3.75 46.37 3.87
CA SER C 252 -3.36 45.68 5.10
C SER C 252 -4.42 44.65 5.53
N THR C 253 -5.01 43.98 4.54
CA THR C 253 -5.98 42.93 4.81
C THR C 253 -5.56 41.55 4.34
N VAL C 254 -4.48 41.44 3.58
CA VAL C 254 -3.99 40.18 3.04
C VAL C 254 -2.87 39.67 3.93
N VAL C 255 -2.88 38.37 4.21
CA VAL C 255 -1.84 37.71 4.99
C VAL C 255 -1.05 36.81 4.05
N PHE C 256 0.24 37.06 3.95
CA PHE C 256 1.12 36.26 3.11
C PHE C 256 1.68 35.11 3.92
N VAL C 257 1.50 33.89 3.41
CA VAL C 257 1.93 32.68 4.08
C VAL C 257 2.96 32.00 3.21
N CYS C 258 4.14 31.70 3.80
CA CYS C 258 5.20 30.96 3.09
C CYS C 258 6.15 30.34 4.10
N PHE C 259 6.57 29.10 3.88
CA PHE C 259 7.54 28.44 4.79
C PHE C 259 8.84 28.17 4.02
N GLY C 260 9.26 29.15 3.21
CA GLY C 260 10.50 29.01 2.42
C GLY C 260 10.51 27.75 1.59
N SER C 261 11.57 26.96 1.67
CA SER C 261 11.65 25.66 0.93
C SER C 261 12.26 24.61 1.85
N GLU C 262 12.38 24.92 3.15
CA GLU C 262 13.02 23.97 4.10
C GLU C 262 12.19 22.69 4.21
N TYR C 263 10.88 22.82 4.46
CA TYR C 263 10.02 21.63 4.63
C TYR C 263 8.66 21.88 3.97
N PHE C 264 8.28 21.03 3.00
CA PHE C 264 6.94 21.13 2.36
C PHE C 264 5.90 20.65 3.36
N LEU C 265 6.31 20.39 4.62
CA LEU C 265 5.41 19.85 5.66
C LEU C 265 4.92 18.46 5.21
N SER C 266 3.66 18.14 5.45
CA SER C 266 3.09 16.84 5.00
C SER C 266 1.58 17.00 4.86
N ASN C 267 0.89 16.01 4.28
CA ASN C 267 -0.59 16.06 4.16
C ASN C 267 -1.20 16.20 5.56
N GLU C 268 -0.41 15.92 6.60
CA GLU C 268 -0.97 15.98 7.97
C GLU C 268 -0.78 17.40 8.49
N GLU C 269 0.34 18.02 8.09
CA GLU C 269 0.63 19.38 8.60
C GLU C 269 0.03 20.40 7.64
N LEU C 270 -0.02 20.12 6.33
CA LEU C 270 -0.71 21.09 5.49
C LEU C 270 -2.15 21.28 5.93
N GLU C 271 -2.78 20.23 6.46
CA GLU C 271 -4.17 20.33 6.88
C GLU C 271 -4.35 21.34 8.00
N GLU C 272 -3.47 21.29 9.01
CA GLU C 272 -3.62 22.14 10.18
C GLU C 272 -3.44 23.62 9.86
N VAL C 273 -2.73 23.94 8.77
CA VAL C 273 -2.53 25.33 8.40
C VAL C 273 -3.59 25.76 7.39
N ALA C 274 -4.05 24.82 6.55
CA ALA C 274 -5.09 25.15 5.59
C ALA C 274 -6.42 25.45 6.27
N ILE C 275 -6.84 24.57 7.18
CA ILE C 275 -8.10 24.82 7.89
C ILE C 275 -7.93 26.00 8.85
N GLY C 276 -6.73 26.20 9.39
CA GLY C 276 -6.49 27.37 10.21
C GLY C 276 -6.59 28.67 9.44
N LEU C 277 -6.20 28.66 8.16
CA LEU C 277 -6.39 29.81 7.31
C LEU C 277 -7.84 29.97 6.88
N GLU C 278 -8.58 28.85 6.78
CA GLU C 278 -9.99 28.94 6.40
C GLU C 278 -10.81 29.62 7.49
N ILE C 279 -10.67 29.17 8.74
CA ILE C 279 -11.44 29.75 9.84
C ILE C 279 -10.87 31.07 10.32
N SER C 280 -9.75 31.53 9.76
CA SER C 280 -9.22 32.84 10.12
C SER C 280 -10.07 33.97 9.56
N THR C 281 -10.86 33.70 8.51
CA THR C 281 -11.75 34.69 7.90
C THR C 281 -11.00 35.96 7.51
N VAL C 282 -9.88 35.78 6.80
CA VAL C 282 -9.09 36.90 6.31
C VAL C 282 -8.43 36.49 5.00
N ASN C 283 -8.24 37.47 4.12
CA ASN C 283 -7.60 37.21 2.83
C ASN C 283 -6.17 36.74 3.03
N PHE C 284 -5.71 35.87 2.14
CA PHE C 284 -4.35 35.34 2.28
C PHE C 284 -3.81 34.95 0.92
N ILE C 285 -2.49 34.98 0.82
CA ILE C 285 -1.75 34.41 -0.30
C ILE C 285 -0.80 33.38 0.30
N TRP C 286 -1.19 32.11 0.24
CA TRP C 286 -0.41 31.01 0.82
C TRP C 286 0.36 30.33 -0.29
N ALA C 287 1.65 30.66 -0.40
CA ALA C 287 2.52 30.08 -1.40
C ALA C 287 3.12 28.79 -0.83
N VAL C 288 2.65 27.66 -1.37
CA VAL C 288 3.05 26.32 -0.82
C VAL C 288 4.29 25.79 -1.55
N PHE C 303 -11.79 24.36 2.77
CA PHE C 303 -10.66 24.79 1.92
C PHE C 303 -10.83 24.16 0.54
N VAL C 304 -10.34 22.93 0.35
CA VAL C 304 -10.44 22.20 -0.95
C VAL C 304 -10.14 23.15 -2.14
N GLN C 305 -9.33 24.21 -1.92
CA GLN C 305 -8.96 25.19 -2.97
C GLN C 305 -10.16 25.95 -3.52
N ARG C 306 -11.39 25.51 -3.26
CA ARG C 306 -12.57 26.15 -3.89
C ARG C 306 -13.45 26.81 -2.82
N VAL C 307 -13.22 26.48 -1.54
CA VAL C 307 -13.97 27.15 -0.43
C VAL C 307 -12.95 27.93 0.41
N GLY C 308 -11.81 28.26 -0.19
CA GLY C 308 -10.83 29.11 0.50
C GLY C 308 -11.40 30.50 0.69
N ASP C 309 -11.44 30.99 1.93
CA ASP C 309 -12.03 32.33 2.24
C ASP C 309 -11.16 33.41 1.59
N ARG C 310 -11.30 33.59 0.28
CA ARG C 310 -10.56 34.66 -0.43
C ARG C 310 -9.06 34.45 -0.25
N GLY C 311 -8.51 33.46 -0.95
CA GLY C 311 -7.07 33.19 -0.90
C GLY C 311 -6.52 32.71 -2.23
N LEU C 312 -5.20 32.57 -2.33
CA LEU C 312 -4.57 32.08 -3.59
C LEU C 312 -3.36 31.20 -3.23
N VAL C 313 -3.37 29.94 -3.68
CA VAL C 313 -2.24 29.05 -3.43
C VAL C 313 -1.35 29.04 -4.67
N VAL C 314 -0.03 29.04 -4.45
CA VAL C 314 0.95 29.07 -5.52
C VAL C 314 1.87 27.87 -5.35
N GLU C 315 2.32 27.30 -6.47
CA GLU C 315 3.18 26.13 -6.45
C GLU C 315 4.61 26.49 -6.05
N GLY C 316 5.32 27.17 -6.93
CA GLY C 316 6.73 27.45 -6.72
C GLY C 316 7.04 28.83 -6.18
N TRP C 317 7.90 29.56 -6.89
CA TRP C 317 8.36 30.86 -6.40
C TRP C 317 7.22 31.87 -6.42
N ALA C 318 7.15 32.69 -5.36
CA ALA C 318 6.14 33.70 -5.18
C ALA C 318 6.78 35.07 -5.03
N PRO C 319 6.08 36.15 -5.43
CA PRO C 319 6.65 37.48 -5.26
C PRO C 319 6.71 37.91 -3.80
N GLN C 320 7.59 37.27 -3.02
CA GLN C 320 7.63 37.52 -1.58
C GLN C 320 7.90 38.99 -1.30
N ALA C 321 8.97 39.54 -1.88
CA ALA C 321 9.28 40.94 -1.66
C ALA C 321 8.19 41.84 -2.23
N ARG C 322 7.62 41.47 -3.38
CA ARG C 322 6.59 42.29 -4.01
C ARG C 322 5.24 42.18 -3.30
N ILE C 323 4.99 41.06 -2.62
CA ILE C 323 3.76 40.95 -1.84
C ILE C 323 3.90 41.67 -0.51
N LEU C 324 5.03 41.50 0.18
CA LEU C 324 5.25 42.23 1.43
C LEU C 324 5.32 43.72 1.20
N GLY C 325 5.86 44.16 0.05
CA GLY C 325 5.90 45.57 -0.26
C GLY C 325 4.58 46.14 -0.72
N HIS C 326 3.63 45.29 -1.12
CA HIS C 326 2.33 45.79 -1.54
C HIS C 326 1.53 46.28 -0.34
N SER C 327 0.74 47.32 -0.56
CA SER C 327 0.04 47.96 0.55
C SER C 327 -1.09 47.11 1.10
N SER C 328 -1.56 46.11 0.35
CA SER C 328 -2.68 45.29 0.79
C SER C 328 -2.26 44.21 1.79
N THR C 329 -0.97 44.00 2.00
CA THR C 329 -0.50 42.98 2.92
C THR C 329 -0.29 43.58 4.30
N GLY C 330 -0.87 42.93 5.30
CA GLY C 330 -0.73 43.36 6.68
C GLY C 330 -0.40 42.21 7.63
N GLY C 331 0.06 41.09 7.07
CA GLY C 331 0.41 39.92 7.84
C GLY C 331 1.29 38.95 7.08
N PHE C 332 2.23 38.30 7.78
CA PHE C 332 3.19 37.40 7.14
C PHE C 332 3.36 36.17 8.03
N VAL C 333 2.67 35.09 7.70
CA VAL C 333 2.86 33.80 8.37
C VAL C 333 4.13 33.18 7.80
N SER C 334 5.16 33.07 8.64
CA SER C 334 6.47 32.69 8.16
C SER C 334 7.10 31.63 9.06
N HIS C 335 8.03 30.88 8.49
CA HIS C 335 8.84 29.92 9.25
C HIS C 335 10.01 30.59 9.95
N CYS C 336 10.11 31.92 9.86
CA CYS C 336 11.10 32.71 10.60
C CYS C 336 12.53 32.45 10.10
N GLY C 337 12.70 32.48 8.79
CA GLY C 337 14.02 32.64 8.22
C GLY C 337 14.53 34.05 8.40
N TRP C 338 15.85 34.19 8.50
CA TRP C 338 16.41 35.50 8.80
C TRP C 338 16.12 36.48 7.67
N SER C 339 16.33 36.07 6.41
CA SER C 339 16.00 36.95 5.29
C SER C 339 14.50 37.22 5.23
N SER C 340 13.69 36.23 5.60
CA SER C 340 12.24 36.42 5.60
C SER C 340 11.83 37.47 6.63
N ILE C 341 12.38 37.39 7.84
CA ILE C 341 12.05 38.37 8.87
C ILE C 341 12.57 39.75 8.48
N ALA C 342 13.77 39.81 7.90
CA ALA C 342 14.30 41.09 7.46
C ALA C 342 13.40 41.74 6.41
N GLU C 343 12.96 40.94 5.43
CA GLU C 343 12.06 41.48 4.40
C GLU C 343 10.72 41.89 5.01
N SER C 344 10.21 41.12 5.96
CA SER C 344 8.95 41.48 6.61
C SER C 344 9.09 42.78 7.38
N MET C 345 10.25 43.05 7.94
CA MET C 345 10.43 44.28 8.71
C MET C 345 10.79 45.48 7.86
N LYS C 346 11.40 45.27 6.69
CA LYS C 346 11.67 46.41 5.81
C LYS C 346 10.40 46.98 5.20
N PHE C 347 9.32 46.20 5.13
CA PHE C 347 8.06 46.65 4.56
C PHE C 347 6.97 46.82 5.61
N GLY C 348 7.32 46.72 6.90
CA GLY C 348 6.35 46.97 7.96
C GLY C 348 5.24 45.96 8.09
N VAL C 349 5.47 44.71 7.68
CA VAL C 349 4.49 43.65 7.77
C VAL C 349 4.76 42.85 9.03
N PRO C 350 3.84 42.83 10.00
CA PRO C 350 4.07 42.05 11.22
C PRO C 350 4.15 40.55 10.93
N VAL C 351 4.74 39.82 11.86
CA VAL C 351 5.15 38.44 11.64
C VAL C 351 4.30 37.49 12.47
N ILE C 352 3.84 36.42 11.83
CA ILE C 352 3.20 35.29 12.50
C ILE C 352 4.24 34.18 12.52
N ALA C 353 4.84 33.95 13.68
CA ALA C 353 5.96 33.02 13.79
C ALA C 353 5.46 31.59 13.85
N MET C 354 5.98 30.76 12.93
CA MET C 354 5.69 29.32 12.90
C MET C 354 7.01 28.60 12.56
N ALA C 355 7.95 28.65 13.49
CA ALA C 355 9.25 28.03 13.30
C ALA C 355 9.19 26.54 13.66
N ARG C 356 10.28 25.83 13.35
CA ARG C 356 10.33 24.42 13.69
C ARG C 356 11.76 23.95 13.97
N HIS C 357 12.70 24.23 13.06
CA HIS C 357 14.04 23.71 13.18
C HIS C 357 15.06 24.82 12.95
N LEU C 358 16.34 24.48 13.18
CA LEU C 358 17.47 25.40 13.02
C LEU C 358 17.28 26.57 13.99
N ASP C 359 17.83 27.73 13.65
CA ASP C 359 17.75 28.93 14.47
C ASP C 359 16.44 29.69 14.29
N GLN C 360 15.49 29.10 13.57
CA GLN C 360 14.22 29.78 13.31
C GLN C 360 13.42 30.08 14.58
N PRO C 361 13.33 29.21 15.58
CA PRO C 361 12.66 29.62 16.83
C PRO C 361 13.32 30.84 17.47
N LEU C 362 14.64 30.82 17.64
CA LEU C 362 15.33 31.97 18.23
C LEU C 362 15.03 33.24 17.46
N ASN C 363 14.97 33.16 16.13
CA ASN C 363 14.59 34.34 15.35
C ASN C 363 13.19 34.80 15.71
N GLY C 364 12.23 33.86 15.74
CA GLY C 364 10.84 34.18 15.99
C GLY C 364 10.63 34.98 17.25
N LYS C 365 10.95 34.37 18.40
CA LYS C 365 10.87 35.10 19.67
C LYS C 365 11.64 36.40 19.62
N LEU C 366 12.76 36.44 18.89
CA LEU C 366 13.48 37.70 18.70
C LEU C 366 12.53 38.78 18.17
N ALA C 367 11.91 38.53 17.03
CA ALA C 367 10.91 39.48 16.52
C ALA C 367 9.72 39.63 17.45
N ALA C 368 9.45 38.62 18.29
CA ALA C 368 8.42 38.75 19.31
C ALA C 368 8.91 39.52 20.53
N GLU C 369 10.22 39.53 20.78
CA GLU C 369 10.77 40.31 21.89
C GLU C 369 10.65 41.80 21.63
N VAL C 370 10.89 42.23 20.39
CA VAL C 370 10.82 43.66 20.06
C VAL C 370 9.40 44.13 19.79
N GLY C 371 8.46 43.22 19.56
CA GLY C 371 7.06 43.57 19.44
C GLY C 371 6.51 43.68 18.04
N VAL C 372 7.22 43.20 17.03
CA VAL C 372 6.76 43.29 15.65
C VAL C 372 6.20 41.95 15.15
N GLY C 373 5.90 41.03 16.06
CA GLY C 373 5.36 39.75 15.65
C GLY C 373 4.86 38.98 16.84
N MET C 374 4.29 37.81 16.56
CA MET C 374 3.77 36.93 17.60
C MET C 374 3.88 35.48 17.15
N GLU C 375 4.28 34.62 18.08
CA GLU C 375 4.42 33.20 17.79
C GLU C 375 3.12 32.46 18.08
N VAL C 376 2.88 31.38 17.32
CA VAL C 376 1.74 30.52 17.61
C VAL C 376 2.05 29.68 18.84
N VAL C 377 1.03 29.40 19.64
CA VAL C 377 1.19 28.64 20.87
C VAL C 377 1.07 27.16 20.55
N ARG C 378 2.17 26.42 20.77
CA ARG C 378 2.18 24.97 20.44
C ARG C 378 1.31 24.20 21.45
N ASP C 379 0.34 23.43 20.95
CA ASP C 379 -0.52 22.61 21.84
C ASP C 379 0.12 21.24 22.03
N GLU C 380 0.88 20.78 21.03
CA GLU C 380 1.57 19.46 21.13
C GLU C 380 3.07 19.69 21.28
N ASN C 381 3.89 18.94 20.53
CA ASN C 381 5.36 19.11 20.57
C ASN C 381 5.89 19.05 19.14
N GLY C 382 5.18 18.32 18.27
CA GLY C 382 5.59 18.23 16.85
C GLY C 382 5.04 19.39 16.04
N LYS C 383 3.80 19.77 16.31
CA LYS C 383 3.21 20.82 15.45
C LYS C 383 2.15 21.63 16.19
N TYR C 384 1.48 22.49 15.45
CA TYR C 384 0.46 23.37 16.06
C TYR C 384 -0.91 22.97 15.52
N LYS C 385 -1.96 23.58 16.06
CA LYS C 385 -3.34 23.21 15.67
C LYS C 385 -4.01 24.42 15.02
N ARG C 386 -5.09 24.20 14.26
CA ARG C 386 -5.72 25.31 13.51
C ARG C 386 -6.13 26.45 14.44
N GLU C 387 -6.74 26.13 15.58
CA GLU C 387 -7.06 27.22 16.55
C GLU C 387 -5.82 28.08 16.81
N GLY C 388 -4.72 27.48 17.29
CA GLY C 388 -3.52 28.23 17.58
C GLY C 388 -3.09 29.15 16.45
N ILE C 389 -3.36 28.77 15.21
CA ILE C 389 -2.98 29.59 14.06
C ILE C 389 -4.02 30.68 13.82
N ALA C 390 -5.29 30.30 13.79
CA ALA C 390 -6.36 31.27 13.53
C ALA C 390 -6.40 32.35 14.60
N GLU C 391 -6.21 31.96 15.86
CA GLU C 391 -6.24 32.93 16.95
C GLU C 391 -5.19 34.02 16.73
N VAL C 392 -3.94 33.62 16.47
CA VAL C 392 -2.88 34.61 16.34
C VAL C 392 -3.05 35.42 15.07
N ILE C 393 -3.55 34.80 13.98
CA ILE C 393 -3.78 35.56 12.76
C ILE C 393 -4.81 36.66 13.01
N ARG C 394 -5.94 36.30 13.63
CA ARG C 394 -6.97 37.29 13.92
C ARG C 394 -6.46 38.35 14.89
N LYS C 395 -5.71 37.94 15.91
CA LYS C 395 -5.19 38.90 16.88
C LYS C 395 -4.29 39.92 16.21
N VAL C 396 -3.38 39.46 15.36
CA VAL C 396 -2.39 40.36 14.77
C VAL C 396 -3.02 41.23 13.70
N VAL C 397 -3.63 40.61 12.68
CA VAL C 397 -3.93 41.35 11.46
C VAL C 397 -5.22 42.14 11.58
N VAL C 398 -6.24 41.60 12.25
CA VAL C 398 -7.59 42.16 12.17
C VAL C 398 -8.16 42.60 13.51
N GLU C 399 -7.52 42.25 14.63
CA GLU C 399 -8.06 42.56 15.95
C GLU C 399 -7.34 43.75 16.57
N LYS C 400 -8.00 44.38 17.54
CA LYS C 400 -7.41 45.53 18.22
C LYS C 400 -6.24 45.12 19.12
N SER C 401 -6.29 43.90 19.67
CA SER C 401 -5.24 43.45 20.58
C SER C 401 -3.87 43.42 19.89
N GLY C 402 -3.84 43.29 18.57
CA GLY C 402 -2.61 43.30 17.82
C GLY C 402 -2.18 44.66 17.33
N GLU C 403 -2.90 45.73 17.70
CA GLU C 403 -2.50 47.07 17.28
C GLU C 403 -1.09 47.39 17.78
N VAL C 404 -0.77 46.99 18.99
CA VAL C 404 0.62 47.21 19.46
C VAL C 404 1.56 46.66 18.38
N ILE C 405 1.36 45.42 17.96
CA ILE C 405 2.32 44.79 17.01
C ILE C 405 2.38 45.58 15.69
N ARG C 406 1.24 45.96 15.17
CA ARG C 406 1.20 46.65 13.86
C ARG C 406 1.89 48.00 13.95
N ARG C 407 1.56 48.76 15.01
CA ARG C 407 2.16 50.12 15.19
C ARG C 407 3.68 49.99 15.21
N LYS C 408 4.20 49.02 15.95
CA LYS C 408 5.66 48.86 16.10
C LYS C 408 6.29 48.51 14.75
N ALA C 409 5.65 47.65 13.98
CA ALA C 409 6.20 47.21 12.67
C ALA C 409 6.38 48.43 11.76
N ARG C 410 5.39 49.33 11.72
CA ARG C 410 5.45 50.53 10.85
C ARG C 410 6.51 51.49 11.38
N GLU C 411 6.55 51.71 12.69
CA GLU C 411 7.50 52.69 13.26
C GLU C 411 8.93 52.19 13.01
N LEU C 412 9.14 50.90 13.21
CA LEU C 412 10.48 50.33 12.98
C LEU C 412 10.85 50.42 11.50
N SER C 413 9.89 50.21 10.59
CA SER C 413 10.12 50.31 9.13
C SER C 413 10.51 51.73 8.78
N GLU C 414 9.83 52.69 9.39
CA GLU C 414 10.13 54.11 9.13
C GLU C 414 11.56 54.34 9.60
N LYS C 415 11.93 53.80 10.75
CA LYS C 415 13.30 54.03 11.27
C LYS C 415 14.32 53.41 10.33
N MET C 416 14.04 52.21 9.84
CA MET C 416 15.03 51.50 9.01
C MET C 416 15.23 52.32 7.75
N LYS C 417 14.19 53.03 7.33
CA LYS C 417 14.33 53.94 6.20
C LYS C 417 14.63 55.37 6.61
N GLU C 418 14.42 55.71 7.88
CA GLU C 418 14.73 57.07 8.34
C GLU C 418 16.24 57.26 8.48
N LYS C 419 16.93 56.21 8.93
CA LYS C 419 18.42 56.26 9.00
C LYS C 419 18.99 55.57 7.76
N GLY C 420 18.41 55.86 6.60
CA GLY C 420 18.80 55.13 5.38
C GLY C 420 20.15 55.43 4.77
N GLU C 421 20.88 54.39 4.34
CA GLU C 421 22.16 54.53 3.59
C GLU C 421 23.34 54.81 4.52
N GLN C 422 23.09 55.35 5.70
CA GLN C 422 24.18 55.70 6.63
C GLN C 422 24.88 54.44 7.11
N GLU C 423 24.14 53.37 7.40
CA GLU C 423 24.79 52.19 8.01
C GLU C 423 25.82 51.57 7.06
N ILE C 424 25.47 51.40 5.79
CA ILE C 424 26.43 50.90 4.78
C ILE C 424 27.50 51.96 4.53
N ASP C 425 27.13 53.24 4.58
CA ASP C 425 28.12 54.33 4.41
C ASP C 425 29.16 54.28 5.53
N ARG C 426 28.71 54.11 6.78
CA ARG C 426 29.63 53.98 7.93
C ARG C 426 30.44 52.70 7.80
N ALA C 427 29.83 51.64 7.27
CA ALA C 427 30.54 50.36 7.07
C ALA C 427 31.63 50.57 6.04
N VAL C 428 31.33 51.32 4.97
CA VAL C 428 32.32 51.56 3.94
C VAL C 428 33.46 52.40 4.48
N GLU C 429 33.15 53.44 5.25
CA GLU C 429 34.22 54.26 5.78
C GLU C 429 35.07 53.47 6.79
N GLU C 430 34.47 52.54 7.53
CA GLU C 430 35.27 51.71 8.42
C GLU C 430 36.12 50.71 7.66
N LEU C 431 35.60 50.17 6.55
CA LEU C 431 36.44 49.31 5.70
C LEU C 431 37.63 50.07 5.15
N VAL C 432 37.40 51.31 4.69
CA VAL C 432 38.49 52.14 4.21
C VAL C 432 39.47 52.44 5.34
N GLN C 433 38.95 52.60 6.57
CA GLN C 433 39.84 52.76 7.72
C GLN C 433 40.71 51.52 7.90
N ILE C 434 40.14 50.33 7.73
CA ILE C 434 40.94 49.11 7.81
C ILE C 434 42.05 49.13 6.76
N CYS C 435 41.68 49.50 5.53
CA CYS C 435 42.67 49.52 4.45
C CYS C 435 43.79 50.52 4.72
N LYS C 436 43.46 51.69 5.25
CA LYS C 436 44.50 52.68 5.54
C LYS C 436 45.33 52.28 6.77
N LYS C 437 44.79 51.52 7.71
CA LYS C 437 45.67 51.12 8.83
C LYS C 437 46.70 50.14 8.30
N LYS C 438 46.44 49.59 7.11
CA LYS C 438 47.37 48.58 6.52
C LYS C 438 48.38 49.29 5.63
N LYS C 439 48.26 50.60 5.47
CA LYS C 439 49.28 51.36 4.72
C LYS C 439 50.41 51.64 5.69
N ASP C 440 51.15 50.60 6.08
CA ASP C 440 52.31 50.75 6.98
C ASP C 440 53.55 50.38 6.18
N GLU C 441 54.58 51.24 6.19
CA GLU C 441 55.77 51.00 5.35
C GLU C 441 55.37 50.85 3.89
N GLN C 442 54.45 51.69 3.40
CA GLN C 442 54.06 51.69 1.97
C GLN C 442 53.66 50.30 1.48
N ILE D 8 -62.20 -1.53 -10.59
CA ILE D 8 -61.87 -0.24 -10.00
C ILE D 8 -60.79 -0.37 -8.94
N SER D 9 -60.86 -1.41 -8.12
CA SER D 9 -59.90 -1.64 -7.05
C SER D 9 -58.82 -2.61 -7.49
N ILE D 10 -57.56 -2.28 -7.18
CA ILE D 10 -56.41 -3.08 -7.59
C ILE D 10 -55.51 -3.30 -6.37
N ALA D 11 -54.91 -4.49 -6.30
CA ALA D 11 -53.95 -4.84 -5.26
C ALA D 11 -52.62 -5.19 -5.89
N LEU D 12 -51.53 -4.67 -5.32
CA LEU D 12 -50.19 -4.86 -5.85
C LEU D 12 -49.35 -5.66 -4.88
N LEU D 13 -48.64 -6.66 -5.40
CA LEU D 13 -47.76 -7.52 -4.61
C LEU D 13 -46.39 -7.55 -5.29
N PRO D 14 -45.56 -6.55 -5.03
CA PRO D 14 -44.18 -6.59 -5.55
C PRO D 14 -43.35 -7.61 -4.80
N PHE D 15 -42.12 -7.78 -5.27
CA PHE D 15 -41.19 -8.69 -4.61
C PHE D 15 -40.44 -7.95 -3.49
N LEU D 16 -39.73 -8.72 -2.67
CA LEU D 16 -39.06 -8.18 -1.48
C LEU D 16 -37.68 -7.64 -1.86
N ALA D 17 -37.69 -6.60 -2.69
CA ALA D 17 -36.46 -5.94 -3.11
C ALA D 17 -36.80 -4.51 -3.47
N HIS D 18 -36.01 -3.56 -2.95
CA HIS D 18 -36.28 -2.15 -3.22
C HIS D 18 -36.16 -1.80 -4.69
N GLY D 19 -35.48 -2.62 -5.48
CA GLY D 19 -35.47 -2.43 -6.91
C GLY D 19 -36.81 -2.68 -7.57
N HIS D 20 -37.70 -3.41 -6.90
CA HIS D 20 -39.05 -3.64 -7.40
C HIS D 20 -40.12 -2.91 -6.61
N ILE D 21 -39.79 -2.39 -5.42
CA ILE D 21 -40.77 -1.64 -4.64
C ILE D 21 -41.03 -0.28 -5.27
N SER D 22 -39.97 0.37 -5.79
CA SER D 22 -40.15 1.69 -6.39
C SER D 22 -41.00 1.66 -7.64
N PRO D 23 -40.76 0.78 -8.62
CA PRO D 23 -41.65 0.78 -9.80
C PRO D 23 -43.10 0.46 -9.46
N PHE D 24 -43.33 -0.50 -8.57
CA PHE D 24 -44.70 -0.80 -8.15
C PHE D 24 -45.34 0.39 -7.45
N PHE D 25 -44.59 1.10 -6.60
CA PHE D 25 -45.15 2.24 -5.89
C PHE D 25 -45.46 3.39 -6.85
N GLU D 26 -44.59 3.62 -7.84
CA GLU D 26 -44.85 4.66 -8.82
C GLU D 26 -46.05 4.32 -9.69
N LEU D 27 -46.16 3.04 -10.08
CA LEU D 27 -47.35 2.61 -10.81
C LEU D 27 -48.59 2.78 -9.96
N ALA D 28 -48.48 2.55 -8.65
CA ALA D 28 -49.60 2.78 -7.75
C ALA D 28 -50.02 4.25 -7.75
N LYS D 29 -49.05 5.15 -7.64
CA LYS D 29 -49.35 6.57 -7.67
C LYS D 29 -49.96 6.97 -9.01
N GLN D 30 -49.53 6.34 -10.10
CA GLN D 30 -50.06 6.69 -11.41
C GLN D 30 -51.49 6.17 -11.60
N LEU D 31 -51.78 4.98 -11.08
CA LEU D 31 -53.12 4.44 -11.24
C LEU D 31 -54.09 5.00 -10.21
N ALA D 32 -53.59 5.62 -9.14
CA ALA D 32 -54.47 6.22 -8.13
C ALA D 32 -54.96 7.60 -8.53
N LYS D 33 -54.26 8.29 -9.43
CA LYS D 33 -54.66 9.62 -9.87
C LYS D 33 -55.60 9.60 -11.06
N ARG D 34 -55.79 8.39 -11.61
CA ARG D 34 -56.68 8.20 -12.79
C ARG D 34 -57.70 7.13 -12.46
N ASN D 35 -58.98 7.42 -12.66
CA ASN D 35 -60.08 6.45 -12.41
C ASN D 35 -60.21 6.24 -10.91
N CYS D 36 -59.46 7.01 -10.13
CA CYS D 36 -59.62 6.97 -8.65
C CYS D 36 -59.57 5.51 -8.24
N ASN D 37 -58.73 4.73 -8.92
CA ASN D 37 -58.62 3.30 -8.60
C ASN D 37 -58.29 3.16 -7.12
N VAL D 38 -59.14 2.43 -6.38
CA VAL D 38 -58.82 2.15 -4.94
C VAL D 38 -57.54 1.34 -4.95
N PHE D 39 -56.52 1.76 -4.21
CA PHE D 39 -55.22 1.06 -4.36
C PHE D 39 -54.75 0.39 -3.09
N LEU D 40 -54.42 -0.90 -3.17
CA LEU D 40 -53.92 -1.65 -2.01
C LEU D 40 -52.55 -2.21 -2.38
N CYS D 41 -51.46 -1.89 -1.65
CA CYS D 41 -50.07 -2.34 -2.00
C CYS D 41 -49.53 -3.21 -0.88
N SER D 42 -49.32 -4.50 -1.15
CA SER D 42 -48.93 -5.46 -0.08
C SER D 42 -47.42 -5.51 0.08
N THR D 43 -46.90 -4.90 1.15
CA THR D 43 -45.44 -4.88 1.39
C THR D 43 -45.19 -5.17 2.87
N PRO D 44 -44.08 -5.84 3.28
CA PRO D 44 -43.73 -5.99 4.70
C PRO D 44 -43.54 -4.60 5.31
N ILE D 45 -43.82 -4.40 6.60
CA ILE D 45 -43.85 -3.05 7.24
C ILE D 45 -42.50 -2.36 7.01
N ASN D 46 -41.39 -3.09 7.11
CA ASN D 46 -40.04 -2.50 6.88
C ASN D 46 -39.94 -2.00 5.43
N LEU D 47 -40.42 -2.79 4.46
CA LEU D 47 -40.38 -2.36 3.04
C LEU D 47 -41.31 -1.17 2.78
N SER D 48 -42.49 -1.16 3.40
CA SER D 48 -43.48 -0.07 3.15
C SER D 48 -43.00 1.21 3.84
N SER D 49 -42.24 1.06 4.93
CA SER D 49 -41.74 2.23 5.71
C SER D 49 -41.05 3.25 4.83
N ILE D 50 -40.23 2.79 3.89
CA ILE D 50 -39.46 3.69 2.97
C ILE D 50 -40.39 4.47 2.06
N LYS D 51 -41.51 3.88 1.67
CA LYS D 51 -42.42 4.52 0.70
C LYS D 51 -43.35 5.49 1.41
N ASP D 52 -43.25 5.63 2.73
CA ASP D 52 -44.23 6.50 3.41
C ASP D 52 -43.74 7.95 3.32
N LYS D 53 -44.23 8.69 2.34
CA LYS D 53 -43.75 10.08 2.13
C LYS D 53 -44.82 10.81 1.31
N ASP D 54 -45.06 10.41 0.05
CA ASP D 54 -46.20 11.03 -0.67
C ASP D 54 -47.06 9.91 -1.24
N SER D 55 -47.79 9.20 -0.38
CA SER D 55 -48.60 8.04 -0.85
C SER D 55 -50.03 8.12 -0.30
N SER D 56 -50.43 9.28 0.21
CA SER D 56 -51.81 9.41 0.68
C SER D 56 -52.82 8.89 -0.34
N ALA D 57 -52.44 8.82 -1.62
CA ALA D 57 -53.36 8.30 -2.63
C ALA D 57 -53.49 6.79 -2.56
N SER D 58 -52.37 6.09 -2.36
CA SER D 58 -52.37 4.64 -2.25
C SER D 58 -52.61 4.22 -0.80
N ILE D 59 -52.99 2.96 -0.63
CA ILE D 59 -53.18 2.36 0.69
C ILE D 59 -52.18 1.21 0.82
N LYS D 60 -51.34 1.34 1.83
CA LYS D 60 -50.29 0.34 2.02
C LYS D 60 -50.81 -0.69 3.01
N LEU D 61 -50.54 -1.96 2.75
CA LEU D 61 -51.08 -3.05 3.57
C LEU D 61 -49.91 -3.87 4.08
N VAL D 62 -49.91 -4.23 5.35
CA VAL D 62 -48.73 -4.90 5.92
C VAL D 62 -48.74 -6.39 5.58
N GLU D 63 -47.66 -7.07 5.95
CA GLU D 63 -47.55 -8.49 5.64
C GLU D 63 -46.43 -9.09 6.50
N LEU D 64 -46.78 -10.04 7.35
CA LEU D 64 -45.87 -10.61 8.32
C LEU D 64 -45.47 -12.01 7.91
N HIS D 65 -44.18 -12.32 8.02
CA HIS D 65 -43.66 -13.64 7.66
C HIS D 65 -43.32 -14.44 8.92
N ARG D 91 -33.53 -18.90 2.41
CA ARG D 91 -34.83 -19.16 1.72
C ARG D 91 -35.84 -18.09 2.15
N ASN D 92 -36.17 -17.16 1.25
CA ASN D 92 -37.22 -16.17 1.58
C ASN D 92 -38.45 -16.95 2.02
N ALA D 93 -38.99 -16.62 3.19
CA ALA D 93 -40.21 -17.30 3.66
C ALA D 93 -41.34 -16.79 2.78
N PHE D 94 -41.06 -15.80 1.94
CA PHE D 94 -42.10 -15.34 0.98
C PHE D 94 -42.74 -16.57 0.35
N GLU D 95 -41.96 -17.63 0.13
CA GLU D 95 -42.51 -18.83 -0.54
C GLU D 95 -43.33 -19.62 0.46
N THR D 96 -43.62 -19.03 1.62
CA THR D 96 -44.42 -19.72 2.65
C THR D 96 -45.60 -18.85 3.04
N ALA D 97 -45.55 -17.57 2.70
CA ALA D 97 -46.61 -16.63 3.12
C ALA D 97 -47.75 -16.72 2.12
N GLY D 98 -47.86 -17.84 1.44
CA GLY D 98 -49.00 -18.00 0.54
C GLY D 98 -50.27 -17.75 1.31
N PRO D 99 -50.66 -18.66 2.23
CA PRO D 99 -51.94 -18.49 2.93
C PRO D 99 -52.09 -17.16 3.63
N THR D 100 -50.99 -16.50 4.00
CA THR D 100 -51.09 -15.16 4.57
C THR D 100 -51.63 -14.18 3.54
N PHE D 101 -51.08 -14.21 2.33
CA PHE D 101 -51.60 -13.36 1.26
C PHE D 101 -53.00 -13.79 0.85
N SER D 102 -53.32 -15.07 0.98
CA SER D 102 -54.69 -15.53 0.74
C SER D 102 -55.65 -14.88 1.73
N GLU D 103 -55.25 -14.80 3.00
CA GLU D 103 -56.06 -14.11 4.01
C GLU D 103 -56.19 -12.63 3.69
N ILE D 104 -55.08 -12.01 3.25
CA ILE D 104 -55.12 -10.58 2.92
C ILE D 104 -56.12 -10.34 1.78
N LEU D 105 -56.07 -11.17 0.74
CA LEU D 105 -57.01 -11.02 -0.36
C LEU D 105 -58.43 -11.35 0.07
N LYS D 106 -58.59 -12.29 0.99
CA LYS D 106 -59.92 -12.63 1.51
C LYS D 106 -60.53 -11.44 2.22
N THR D 107 -59.69 -10.63 2.86
CA THR D 107 -60.18 -9.40 3.53
C THR D 107 -60.30 -8.27 2.50
N LEU D 108 -59.23 -7.99 1.76
CA LEU D 108 -59.23 -6.88 0.78
C LEU D 108 -60.18 -7.19 -0.39
N ASN D 109 -60.05 -8.39 -0.97
CA ASN D 109 -60.88 -8.77 -2.15
C ASN D 109 -60.75 -7.69 -3.23
N PRO D 110 -59.55 -7.50 -3.83
CA PRO D 110 -59.36 -6.51 -4.91
C PRO D 110 -60.00 -6.98 -6.23
N ASP D 111 -60.35 -6.03 -7.10
CA ASP D 111 -60.96 -6.38 -8.41
C ASP D 111 -59.87 -6.91 -9.35
N LEU D 112 -58.61 -6.86 -8.93
CA LEU D 112 -57.51 -7.29 -9.78
C LEU D 112 -56.22 -7.29 -8.97
N LEU D 113 -55.31 -8.21 -9.33
CA LEU D 113 -54.02 -8.34 -8.68
C LEU D 113 -52.90 -8.10 -9.68
N ILE D 114 -51.89 -7.34 -9.28
CA ILE D 114 -50.71 -7.09 -10.09
C ILE D 114 -49.51 -7.65 -9.34
N TYR D 115 -48.96 -8.76 -9.83
CA TYR D 115 -47.92 -9.51 -9.15
C TYR D 115 -46.58 -9.34 -9.86
N ASP D 116 -45.53 -9.79 -9.18
CA ASP D 116 -44.16 -9.69 -9.70
C ASP D 116 -43.71 -11.04 -10.23
N PHE D 117 -42.39 -11.29 -10.23
CA PHE D 117 -41.85 -12.44 -10.94
C PHE D 117 -41.64 -13.65 -10.05
N ASN D 118 -41.32 -13.45 -8.78
CA ASN D 118 -40.91 -14.55 -7.93
C ASN D 118 -41.95 -15.02 -6.91
N PRO D 119 -42.94 -14.21 -6.50
CA PRO D 119 -43.97 -14.74 -5.59
C PRO D 119 -44.54 -16.09 -6.01
N SER D 120 -44.51 -16.46 -7.29
CA SER D 120 -44.92 -17.81 -7.74
C SER D 120 -46.38 -18.18 -7.41
N TRP D 121 -46.73 -18.19 -6.14
CA TRP D 121 -48.10 -18.61 -5.72
C TRP D 121 -49.09 -17.47 -5.95
N ALA D 122 -48.59 -16.28 -6.21
CA ALA D 122 -49.47 -15.11 -6.37
C ALA D 122 -50.53 -15.43 -7.42
N PRO D 123 -50.16 -15.84 -8.64
CA PRO D 123 -51.16 -16.06 -9.68
C PRO D 123 -52.14 -17.18 -9.26
N GLU D 124 -51.65 -18.19 -8.56
CA GLU D 124 -52.49 -19.34 -8.16
C GLU D 124 -53.48 -18.96 -7.07
N ILE D 125 -53.03 -18.24 -6.04
CA ILE D 125 -53.89 -17.85 -4.89
C ILE D 125 -54.93 -16.83 -5.36
N ALA D 126 -54.56 -16.01 -6.35
CA ALA D 126 -55.51 -15.01 -6.89
C ALA D 126 -56.66 -15.71 -7.60
N SER D 127 -56.35 -16.77 -8.33
CA SER D 127 -57.38 -17.53 -9.08
C SER D 127 -58.27 -18.31 -8.11
N SER D 128 -57.74 -18.66 -6.94
CA SER D 128 -58.55 -19.36 -5.92
C SER D 128 -59.55 -18.39 -5.31
N HIS D 129 -59.37 -17.11 -5.53
CA HIS D 129 -60.38 -16.12 -5.06
C HIS D 129 -61.08 -15.55 -6.28
N ASN D 130 -60.86 -16.16 -7.46
CA ASN D 130 -61.49 -15.71 -8.73
C ASN D 130 -61.04 -14.29 -9.00
N ILE D 131 -59.77 -13.98 -8.71
CA ILE D 131 -59.23 -12.65 -8.99
C ILE D 131 -58.33 -12.77 -10.22
N PRO D 132 -58.58 -12.02 -11.29
CA PRO D 132 -57.68 -12.04 -12.43
C PRO D 132 -56.33 -11.44 -12.08
N ALA D 133 -55.28 -12.11 -12.54
CA ALA D 133 -53.90 -11.75 -12.19
C ALA D 133 -53.18 -11.23 -13.43
N VAL D 134 -52.59 -10.04 -13.30
CA VAL D 134 -51.82 -9.41 -14.37
C VAL D 134 -50.38 -9.26 -13.91
N TYR D 135 -49.44 -9.58 -14.80
CA TYR D 135 -48.02 -9.53 -14.47
C TYR D 135 -47.44 -8.17 -14.81
N PHE D 136 -46.53 -7.69 -13.95
CA PHE D 136 -45.85 -6.42 -14.12
C PHE D 136 -44.37 -6.71 -14.33
N LEU D 137 -43.88 -6.45 -15.54
CA LEU D 137 -42.48 -6.66 -15.89
C LEU D 137 -41.76 -5.32 -15.81
N THR D 138 -40.80 -5.22 -14.90
CA THR D 138 -40.04 -3.99 -14.69
C THR D 138 -38.71 -3.98 -15.43
N THR D 139 -38.53 -4.91 -16.38
CA THR D 139 -37.30 -5.05 -17.13
C THR D 139 -37.60 -4.81 -18.61
N ALA D 140 -36.55 -4.54 -19.38
CA ALA D 140 -36.69 -4.35 -20.81
C ALA D 140 -37.32 -5.57 -21.47
N ALA D 141 -38.05 -5.33 -22.57
CA ALA D 141 -38.74 -6.42 -23.25
C ALA D 141 -37.76 -7.35 -23.97
N ALA D 142 -36.65 -6.82 -24.47
CA ALA D 142 -35.72 -7.64 -25.24
C ALA D 142 -35.01 -8.67 -24.38
N SER D 143 -34.55 -8.25 -23.20
CA SER D 143 -33.83 -9.17 -22.31
C SER D 143 -34.70 -10.35 -21.93
N SER D 144 -35.99 -10.12 -21.69
CA SER D 144 -36.90 -11.22 -21.40
C SER D 144 -37.25 -12.01 -22.67
N SER D 145 -37.34 -11.31 -23.80
CA SER D 145 -37.61 -11.95 -25.07
C SER D 145 -36.57 -13.01 -25.41
N ILE D 146 -35.31 -12.77 -25.00
CA ILE D 146 -34.25 -13.75 -25.19
C ILE D 146 -34.71 -15.12 -24.70
N GLY D 147 -34.91 -15.24 -23.38
CA GLY D 147 -35.30 -16.51 -22.81
C GLY D 147 -36.68 -16.98 -23.23
N LEU D 148 -37.63 -16.06 -23.40
CA LEU D 148 -38.97 -16.47 -23.79
C LEU D 148 -38.98 -17.08 -25.19
N HIS D 149 -38.14 -16.60 -26.09
CA HIS D 149 -38.06 -17.20 -27.46
C HIS D 149 -37.44 -18.58 -27.39
N ALA D 150 -36.43 -18.75 -26.55
CA ALA D 150 -35.69 -20.01 -26.45
C ALA D 150 -36.64 -21.12 -26.00
N PHE D 151 -37.77 -20.75 -25.42
CA PHE D 151 -38.78 -21.74 -24.97
C PHE D 151 -39.88 -21.83 -26.03
N LYS D 152 -40.51 -20.71 -26.34
CA LYS D 152 -41.66 -20.84 -27.27
C LYS D 152 -41.17 -21.44 -28.59
N ASN D 153 -40.09 -20.89 -29.12
CA ASN D 153 -39.57 -21.37 -30.44
C ASN D 153 -38.17 -21.91 -30.16
N PRO D 154 -38.00 -23.22 -29.89
CA PRO D 154 -36.70 -23.72 -29.46
C PRO D 154 -35.50 -23.50 -30.40
N GLY D 155 -35.66 -23.76 -31.68
CA GLY D 155 -34.49 -23.66 -32.59
C GLY D 155 -34.73 -22.69 -33.73
N GLU D 156 -35.57 -21.67 -33.53
CA GLU D 156 -35.94 -20.80 -34.68
C GLU D 156 -35.01 -19.58 -34.80
N LYS D 157 -34.06 -19.40 -33.87
CA LYS D 157 -33.06 -18.30 -33.95
C LYS D 157 -33.72 -16.99 -33.48
N TYR D 158 -32.98 -16.15 -32.79
CA TYR D 158 -33.57 -14.85 -32.39
C TYR D 158 -33.83 -14.06 -33.66
N PRO D 159 -34.94 -13.31 -33.74
CA PRO D 159 -35.30 -12.58 -34.95
C PRO D 159 -34.28 -11.52 -35.35
N PHE D 160 -33.34 -11.17 -34.46
CA PHE D 160 -32.32 -10.13 -34.77
C PHE D 160 -30.89 -10.58 -34.41
N PRO D 161 -29.96 -11.05 -35.32
CA PRO D 161 -28.62 -11.39 -34.86
C PRO D 161 -27.90 -10.21 -34.20
N ASP D 162 -28.07 -9.00 -34.76
CA ASP D 162 -27.36 -7.79 -34.23
C ASP D 162 -27.52 -7.71 -32.70
N PHE D 163 -28.73 -7.93 -32.18
CA PHE D 163 -28.97 -7.79 -30.73
C PHE D 163 -28.57 -9.10 -30.06
N TYR D 164 -29.15 -10.21 -30.51
CA TYR D 164 -28.75 -11.52 -29.95
C TYR D 164 -28.44 -12.50 -31.08
N ASP D 165 -27.22 -13.01 -31.11
CA ASP D 165 -26.88 -14.03 -32.13
C ASP D 165 -26.94 -15.41 -31.48
N ASN D 166 -28.07 -16.08 -31.65
CA ASN D 166 -28.27 -17.42 -31.04
C ASN D 166 -27.16 -18.37 -31.49
N SER D 167 -26.93 -18.47 -32.81
CA SER D 167 -25.97 -19.49 -33.31
C SER D 167 -24.85 -19.70 -32.29
N ASN D 178 -31.80 -26.49 -14.20
CA ASN D 178 -31.85 -27.02 -15.55
C ASN D 178 -33.27 -27.01 -16.10
N MET D 179 -34.24 -26.94 -15.19
CA MET D 179 -35.64 -26.96 -15.57
C MET D 179 -36.50 -26.21 -14.56
N LYS D 180 -36.14 -26.33 -13.28
CA LYS D 180 -37.00 -25.88 -12.19
C LYS D 180 -37.00 -24.36 -12.07
N LEU D 181 -36.29 -23.70 -12.98
CA LEU D 181 -36.25 -22.25 -13.06
C LEU D 181 -36.79 -21.70 -14.37
N LEU D 182 -36.59 -22.41 -15.49
CA LEU D 182 -37.12 -21.96 -16.77
C LEU D 182 -38.65 -21.91 -16.75
N HIS D 183 -39.27 -22.95 -16.18
CA HIS D 183 -40.73 -22.96 -16.06
C HIS D 183 -41.21 -21.82 -15.15
N ASP D 184 -40.38 -21.47 -14.18
CA ASP D 184 -40.84 -20.43 -13.23
C ASP D 184 -40.66 -19.04 -13.85
N PHE D 185 -39.97 -18.95 -14.97
CA PHE D 185 -39.82 -17.66 -15.68
C PHE D 185 -41.01 -17.45 -16.60
N ILE D 186 -41.45 -18.51 -17.26
CA ILE D 186 -42.54 -18.41 -18.26
C ILE D 186 -43.85 -18.30 -17.52
N ALA D 187 -43.88 -18.91 -16.34
CA ALA D 187 -45.11 -18.90 -15.53
C ALA D 187 -45.70 -17.50 -15.49
N CYS D 188 -44.90 -16.55 -15.03
CA CYS D 188 -45.50 -15.23 -14.88
C CYS D 188 -46.01 -14.66 -16.19
N PHE D 189 -45.47 -15.13 -17.32
CA PHE D 189 -46.02 -14.73 -18.61
C PHE D 189 -47.26 -15.54 -18.97
N GLU D 190 -47.23 -16.85 -18.68
CA GLU D 190 -48.36 -17.71 -19.01
C GLU D 190 -49.57 -17.40 -18.14
N ARG D 191 -49.38 -17.34 -16.82
CA ARG D 191 -50.49 -17.16 -15.91
C ARG D 191 -51.04 -15.75 -15.90
N SER D 192 -50.42 -14.82 -16.62
CA SER D 192 -50.94 -13.46 -16.69
C SER D 192 -52.25 -13.43 -17.47
N CYS D 193 -53.26 -12.77 -16.90
CA CYS D 193 -54.59 -12.75 -17.50
C CYS D 193 -54.62 -11.72 -18.62
N ASP D 194 -54.79 -12.20 -19.86
CA ASP D 194 -55.00 -11.37 -21.05
C ASP D 194 -53.79 -10.48 -21.40
N ILE D 195 -53.40 -9.60 -20.49
CA ILE D 195 -52.38 -8.60 -20.78
C ILE D 195 -51.18 -8.82 -19.87
N ILE D 196 -50.11 -8.07 -20.16
CA ILE D 196 -48.91 -8.02 -19.32
C ILE D 196 -48.44 -6.57 -19.30
N LEU D 197 -48.45 -5.96 -18.12
CA LEU D 197 -47.94 -4.60 -17.96
C LEU D 197 -46.42 -4.61 -17.96
N ILE D 198 -45.83 -3.61 -18.60
CA ILE D 198 -44.37 -3.53 -18.71
C ILE D 198 -43.93 -2.09 -18.47
N LYS D 199 -42.88 -1.93 -17.68
CA LYS D 199 -42.22 -0.64 -17.45
C LYS D 199 -41.28 -0.38 -18.63
N SER D 200 -41.87 0.07 -19.72
CA SER D 200 -41.11 0.37 -20.94
C SER D 200 -41.97 1.27 -21.81
N PHE D 201 -41.43 1.69 -22.94
CA PHE D 201 -42.13 2.57 -23.86
C PHE D 201 -41.77 2.18 -25.28
N ARG D 202 -42.73 2.38 -26.19
CA ARG D 202 -42.56 1.92 -27.56
C ARG D 202 -41.41 2.64 -28.27
N GLU D 203 -41.16 3.90 -27.92
CA GLU D 203 -40.12 4.67 -28.59
C GLU D 203 -38.73 4.07 -28.41
N LEU D 204 -38.53 3.20 -27.42
CA LEU D 204 -37.23 2.60 -27.17
C LEU D 204 -37.12 1.17 -27.65
N GLU D 205 -38.19 0.39 -27.59
CA GLU D 205 -38.12 -1.02 -27.94
C GLU D 205 -39.50 -1.52 -28.36
N GLY D 206 -40.16 -0.80 -29.25
CA GLY D 206 -41.45 -1.26 -29.75
C GLY D 206 -41.34 -2.59 -30.49
N LYS D 207 -40.24 -2.77 -31.22
CA LYS D 207 -40.00 -4.03 -31.91
C LYS D 207 -39.95 -5.20 -30.92
N TYR D 208 -39.16 -5.06 -29.87
CA TYR D 208 -39.05 -6.15 -28.90
C TYR D 208 -40.32 -6.31 -28.07
N ILE D 209 -41.07 -5.23 -27.87
CA ILE D 209 -42.34 -5.35 -27.16
C ILE D 209 -43.34 -6.13 -27.98
N ASP D 210 -43.40 -5.87 -29.29
CA ASP D 210 -44.27 -6.66 -30.17
C ASP D 210 -43.81 -8.11 -30.22
N LEU D 211 -42.50 -8.33 -30.27
CA LEU D 211 -41.99 -9.71 -30.22
C LEU D 211 -42.45 -10.42 -28.95
N LEU D 212 -42.33 -9.74 -27.80
CA LEU D 212 -42.74 -10.33 -26.53
C LEU D 212 -44.25 -10.59 -26.51
N SER D 213 -45.03 -9.68 -27.10
CA SER D 213 -46.46 -9.88 -27.23
C SER D 213 -46.77 -11.17 -27.98
N THR D 214 -46.15 -11.36 -29.14
CA THR D 214 -46.44 -12.56 -29.91
C THR D 214 -45.91 -13.81 -29.22
N LEU D 215 -44.77 -13.72 -28.53
CA LEU D 215 -44.19 -14.90 -27.90
C LEU D 215 -45.00 -15.34 -26.69
N SER D 216 -45.54 -14.39 -25.94
CA SER D 216 -46.30 -14.73 -24.74
C SER D 216 -47.77 -14.99 -25.01
N ASP D 217 -48.26 -14.66 -26.21
CA ASP D 217 -49.69 -14.67 -26.53
C ASP D 217 -50.47 -13.73 -25.64
N LYS D 218 -49.82 -12.71 -25.08
CA LYS D 218 -50.46 -11.71 -24.25
C LYS D 218 -50.23 -10.32 -24.85
N THR D 219 -51.14 -9.41 -24.56
CA THR D 219 -51.00 -8.04 -25.03
C THR D 219 -50.08 -7.29 -24.08
N LEU D 220 -48.92 -6.87 -24.58
CA LEU D 220 -47.98 -6.09 -23.78
C LEU D 220 -48.50 -4.66 -23.68
N VAL D 221 -48.78 -4.21 -22.48
CA VAL D 221 -49.25 -2.86 -22.22
C VAL D 221 -48.12 -2.08 -21.57
N PRO D 222 -47.51 -1.12 -22.26
CA PRO D 222 -46.43 -0.34 -21.66
C PRO D 222 -46.98 0.81 -20.84
N VAL D 223 -46.40 1.01 -19.66
CA VAL D 223 -46.77 2.10 -18.78
C VAL D 223 -45.70 3.19 -18.78
N GLY D 224 -44.82 3.19 -19.78
CA GLY D 224 -43.80 4.20 -19.88
C GLY D 224 -42.80 4.12 -18.75
N PRO D 225 -42.00 5.17 -18.59
CA PRO D 225 -41.10 5.24 -17.45
C PRO D 225 -41.82 5.75 -16.20
N LEU D 226 -41.21 5.50 -15.06
CA LEU D 226 -41.74 5.92 -13.77
C LEU D 226 -40.66 6.71 -13.04
N VAL D 227 -40.85 8.02 -12.96
CA VAL D 227 -39.86 8.99 -12.47
C VAL D 227 -38.45 8.63 -12.94
N ASP D 236 -29.98 14.61 3.48
CA ASP D 236 -30.82 15.37 2.57
C ASP D 236 -30.48 16.87 2.51
N PRO D 237 -30.04 17.47 3.61
CA PRO D 237 -29.38 18.79 3.50
C PRO D 237 -28.01 18.73 2.84
N LYS D 238 -27.56 17.57 2.40
CA LYS D 238 -26.26 17.40 1.77
C LYS D 238 -26.29 17.56 0.26
N THR D 239 -27.46 17.83 -0.33
CA THR D 239 -27.61 17.93 -1.77
C THR D 239 -27.61 19.37 -2.28
N GLU D 240 -27.64 20.35 -1.39
CA GLU D 240 -27.66 21.75 -1.82
C GLU D 240 -26.36 22.11 -2.55
N GLN D 241 -25.23 21.59 -2.07
CA GLN D 241 -23.97 21.80 -2.76
C GLN D 241 -24.02 21.28 -4.19
N ILE D 242 -24.69 20.13 -4.40
CA ILE D 242 -24.78 19.54 -5.74
C ILE D 242 -25.44 20.51 -6.71
N ILE D 243 -26.65 20.99 -6.37
CA ILE D 243 -27.37 21.86 -7.28
C ILE D 243 -26.67 23.20 -7.41
N ASN D 244 -26.09 23.72 -6.33
CA ASN D 244 -25.38 24.98 -6.41
C ASN D 244 -24.17 24.88 -7.34
N TRP D 245 -23.61 23.68 -7.47
CA TRP D 245 -22.46 23.48 -8.39
C TRP D 245 -22.92 23.36 -9.84
N LEU D 246 -24.00 22.63 -10.10
CA LEU D 246 -24.46 22.35 -11.48
C LEU D 246 -25.08 23.60 -12.08
N ASP D 247 -25.63 24.48 -11.27
CA ASP D 247 -26.34 25.64 -11.83
C ASP D 247 -25.33 26.65 -12.36
N LYS D 248 -24.12 26.65 -11.82
CA LYS D 248 -23.11 27.67 -12.22
C LYS D 248 -22.28 27.16 -13.39
N ARG D 249 -22.79 26.16 -14.12
CA ARG D 249 -22.09 25.60 -15.30
C ARG D 249 -23.02 25.74 -16.49
N ALA D 250 -22.47 25.74 -17.69
CA ALA D 250 -23.32 26.01 -18.87
C ALA D 250 -24.26 24.86 -19.19
N GLU D 251 -25.08 25.05 -20.23
CA GLU D 251 -26.10 24.06 -20.55
C GLU D 251 -25.49 22.89 -21.31
N SER D 252 -25.88 21.68 -20.92
CA SER D 252 -25.50 20.45 -21.61
C SER D 252 -23.98 20.30 -21.71
N THR D 253 -23.27 20.69 -20.64
CA THR D 253 -21.83 20.56 -20.57
C THR D 253 -21.35 19.63 -19.46
N VAL D 254 -22.24 19.21 -18.55
CA VAL D 254 -21.89 18.36 -17.43
C VAL D 254 -22.24 16.91 -17.77
N VAL D 255 -21.34 15.99 -17.43
CA VAL D 255 -21.54 14.57 -17.64
C VAL D 255 -21.74 13.93 -16.27
N PHE D 256 -22.89 13.30 -16.07
CA PHE D 256 -23.19 12.62 -14.83
C PHE D 256 -22.72 11.17 -14.91
N VAL D 257 -21.90 10.76 -13.95
CA VAL D 257 -21.32 9.42 -13.91
C VAL D 257 -21.82 8.74 -12.65
N CYS D 258 -22.40 7.54 -12.84
CA CYS D 258 -22.84 6.71 -11.69
C CYS D 258 -22.99 5.26 -12.13
N PHE D 259 -22.53 4.32 -11.29
CA PHE D 259 -22.67 2.87 -11.62
C PHE D 259 -23.61 2.23 -10.61
N GLY D 260 -24.71 2.93 -10.26
CA GLY D 260 -25.68 2.40 -9.30
C GLY D 260 -25.04 2.00 -8.00
N SER D 261 -25.30 0.78 -7.53
CA SER D 261 -24.67 0.26 -6.28
C SER D 261 -24.29 -1.20 -6.50
N GLU D 262 -24.33 -1.67 -7.74
CA GLU D 262 -24.04 -3.10 -8.05
C GLU D 262 -22.58 -3.41 -7.70
N TYR D 263 -21.64 -2.60 -8.20
CA TYR D 263 -20.20 -2.86 -7.97
C TYR D 263 -19.46 -1.54 -7.73
N PHE D 264 -18.81 -1.39 -6.57
CA PHE D 264 -18.01 -0.18 -6.29
C PHE D 264 -16.73 -0.26 -7.13
N LEU D 265 -16.64 -1.24 -8.04
CA LEU D 265 -15.42 -1.48 -8.87
C LEU D 265 -14.27 -1.83 -7.93
N SER D 266 -13.07 -1.32 -8.20
CA SER D 266 -11.89 -1.56 -7.33
C SER D 266 -10.89 -0.43 -7.54
N ASN D 267 -9.86 -0.33 -6.70
CA ASN D 267 -8.80 0.69 -6.89
C ASN D 267 -8.18 0.54 -8.27
N GLU D 268 -8.39 -0.60 -8.92
CA GLU D 268 -7.77 -0.83 -10.24
C GLU D 268 -8.73 -0.31 -11.30
N GLU D 269 -10.03 -0.45 -11.04
CA GLU D 269 -11.02 -0.03 -12.05
C GLU D 269 -11.40 1.42 -11.79
N LEU D 270 -11.43 1.86 -10.52
CA LEU D 270 -11.68 3.29 -10.34
C LEU D 270 -10.65 4.14 -11.06
N GLU D 271 -9.41 3.65 -11.16
CA GLU D 271 -8.36 4.43 -11.82
C GLU D 271 -8.67 4.66 -13.29
N GLU D 272 -9.10 3.61 -14.00
CA GLU D 272 -9.33 3.71 -15.43
C GLU D 272 -10.47 4.65 -15.77
N VAL D 273 -11.39 4.89 -14.85
CA VAL D 273 -12.51 5.80 -15.12
C VAL D 273 -12.17 7.19 -14.63
N ALA D 274 -11.38 7.28 -13.55
CA ALA D 274 -11.00 8.59 -13.03
C ALA D 274 -10.07 9.31 -13.99
N ILE D 275 -9.02 8.63 -14.47
CA ILE D 275 -8.12 9.27 -15.42
C ILE D 275 -8.81 9.47 -16.76
N GLY D 276 -9.75 8.58 -17.11
CA GLY D 276 -10.52 8.77 -18.32
C GLY D 276 -11.41 10.00 -18.25
N LEU D 277 -11.94 10.31 -17.07
CA LEU D 277 -12.69 11.55 -16.88
C LEU D 277 -11.78 12.76 -16.82
N GLU D 278 -10.53 12.59 -16.35
CA GLU D 278 -9.61 13.71 -16.31
C GLU D 278 -9.23 14.17 -17.72
N ILE D 279 -8.82 13.24 -18.58
CA ILE D 279 -8.41 13.60 -19.94
C ILE D 279 -9.59 13.85 -20.87
N SER D 280 -10.83 13.66 -20.38
CA SER D 280 -12.00 13.98 -21.19
C SER D 280 -12.19 15.47 -21.37
N THR D 281 -11.62 16.28 -20.47
CA THR D 281 -11.69 17.74 -20.54
C THR D 281 -13.14 18.24 -20.63
N VAL D 282 -13.98 17.72 -19.74
CA VAL D 282 -15.39 18.12 -19.69
C VAL D 282 -15.85 18.04 -18.24
N ASN D 283 -16.78 18.92 -17.88
CA ASN D 283 -17.33 18.93 -16.53
C ASN D 283 -18.07 17.63 -16.25
N PHE D 284 -18.02 17.18 -14.99
CA PHE D 284 -18.66 15.93 -14.63
C PHE D 284 -19.07 15.95 -13.17
N ILE D 285 -20.09 15.16 -12.87
CA ILE D 285 -20.48 14.84 -11.50
C ILE D 285 -20.42 13.32 -11.39
N TRP D 286 -19.33 12.81 -10.83
CA TRP D 286 -19.10 11.37 -10.71
C TRP D 286 -19.45 10.95 -9.29
N ALA D 287 -20.64 10.39 -9.12
CA ALA D 287 -21.10 9.91 -7.82
C ALA D 287 -20.63 8.47 -7.64
N VAL D 288 -19.65 8.30 -6.75
CA VAL D 288 -18.99 6.98 -6.54
C VAL D 288 -19.71 6.18 -5.45
N PHE D 303 -5.99 13.66 -11.38
CA PHE D 303 -7.27 13.59 -10.63
C PHE D 303 -6.98 13.92 -9.16
N VAL D 304 -6.60 12.93 -8.36
CA VAL D 304 -6.31 13.12 -6.90
C VAL D 304 -7.35 14.06 -6.25
N GLN D 305 -8.59 14.10 -6.78
CA GLN D 305 -9.70 14.94 -6.24
C GLN D 305 -9.39 16.44 -6.31
N ARG D 306 -8.14 16.83 -6.55
CA ARG D 306 -7.78 18.27 -6.51
C ARG D 306 -7.34 18.76 -7.88
N VAL D 307 -7.08 17.84 -8.82
CA VAL D 307 -6.73 18.23 -10.22
C VAL D 307 -7.85 17.69 -11.13
N GLY D 308 -9.02 17.43 -10.55
CA GLY D 308 -10.17 17.01 -11.38
C GLY D 308 -10.59 18.16 -12.27
N ASP D 309 -10.65 17.94 -13.60
CA ASP D 309 -11.01 19.01 -14.57
C ASP D 309 -12.46 19.41 -14.34
N ARG D 310 -12.71 20.21 -13.31
CA ARG D 310 -14.08 20.71 -13.04
C ARG D 310 -15.04 19.54 -12.83
N GLY D 311 -14.94 18.88 -11.68
CA GLY D 311 -15.85 17.76 -11.36
C GLY D 311 -16.19 17.72 -9.88
N LEU D 312 -17.10 16.83 -9.49
CA LEU D 312 -17.49 16.68 -8.06
C LEU D 312 -17.76 15.20 -7.76
N VAL D 313 -17.04 14.63 -6.80
CA VAL D 313 -17.26 13.24 -6.41
C VAL D 313 -18.15 13.22 -5.18
N VAL D 314 -19.09 12.28 -5.14
CA VAL D 314 -20.04 12.15 -4.04
C VAL D 314 -19.93 10.73 -3.48
N GLU D 315 -20.10 10.59 -2.18
CA GLU D 315 -20.00 9.30 -1.52
C GLU D 315 -21.22 8.43 -1.77
N GLY D 316 -22.35 8.80 -1.19
CA GLY D 316 -23.54 7.96 -1.25
C GLY D 316 -24.55 8.38 -2.29
N TRP D 317 -25.80 8.60 -1.87
CA TRP D 317 -26.87 8.90 -2.80
C TRP D 317 -26.67 10.27 -3.45
N ALA D 318 -26.96 10.33 -4.74
CA ALA D 318 -26.81 11.54 -5.53
C ALA D 318 -28.15 11.91 -6.18
N PRO D 319 -28.38 13.20 -6.44
CA PRO D 319 -29.64 13.60 -7.10
C PRO D 319 -29.67 13.16 -8.56
N GLN D 320 -29.78 11.85 -8.79
CA GLN D 320 -29.72 11.34 -10.15
C GLN D 320 -30.80 11.95 -11.02
N ALA D 321 -32.06 11.85 -10.59
CA ALA D 321 -33.15 12.44 -11.35
C ALA D 321 -33.01 13.95 -11.45
N ARG D 322 -32.56 14.60 -10.38
CA ARG D 322 -32.42 16.06 -10.37
C ARG D 322 -31.23 16.53 -11.18
N ILE D 323 -30.19 15.70 -11.32
CA ILE D 323 -29.05 16.06 -12.16
C ILE D 323 -29.38 15.83 -13.63
N LEU D 324 -30.00 14.68 -13.95
CA LEU D 324 -30.39 14.42 -15.33
C LEU D 324 -31.45 15.42 -15.80
N GLY D 325 -32.33 15.85 -14.90
CA GLY D 325 -33.32 16.85 -15.26
C GLY D 325 -32.79 18.26 -15.35
N HIS D 326 -31.62 18.52 -14.78
CA HIS D 326 -31.03 19.84 -14.86
C HIS D 326 -30.53 20.12 -16.28
N SER D 327 -30.65 21.38 -16.70
CA SER D 327 -30.33 21.72 -18.08
C SER D 327 -28.83 21.68 -18.37
N SER D 328 -27.99 21.70 -17.34
CA SER D 328 -26.55 21.70 -17.55
C SER D 328 -25.99 20.32 -17.86
N THR D 329 -26.78 19.26 -17.72
CA THR D 329 -26.31 17.92 -17.98
C THR D 329 -26.60 17.53 -19.42
N GLY D 330 -25.57 17.05 -20.10
CA GLY D 330 -25.69 16.60 -21.48
C GLY D 330 -25.03 15.26 -21.73
N GLY D 331 -24.76 14.52 -20.65
CA GLY D 331 -24.13 13.21 -20.74
C GLY D 331 -24.31 12.39 -19.48
N PHE D 332 -24.46 11.07 -19.64
CA PHE D 332 -24.73 10.18 -18.50
C PHE D 332 -23.90 8.90 -18.69
N VAL D 333 -22.76 8.83 -18.02
CA VAL D 333 -21.95 7.62 -18.00
C VAL D 333 -22.60 6.65 -17.01
N SER D 334 -23.15 5.56 -17.50
CA SER D 334 -23.98 4.69 -16.69
C SER D 334 -23.60 3.23 -16.88
N HIS D 335 -23.92 2.42 -15.87
CA HIS D 335 -23.77 0.97 -15.97
C HIS D 335 -24.95 0.31 -16.68
N CYS D 336 -25.89 1.11 -17.19
CA CYS D 336 -27.01 0.63 -18.02
C CYS D 336 -27.99 -0.22 -17.21
N GLY D 337 -28.38 0.29 -16.05
CA GLY D 337 -29.57 -0.22 -15.40
C GLY D 337 -30.82 0.26 -16.11
N TRP D 338 -31.87 -0.55 -16.03
CA TRP D 338 -33.09 -0.23 -16.77
C TRP D 338 -33.70 1.08 -16.29
N SER D 339 -33.82 1.24 -14.97
CA SER D 339 -34.34 2.51 -14.44
C SER D 339 -33.40 3.66 -14.77
N SER D 340 -32.10 3.41 -14.79
CA SER D 340 -31.15 4.46 -15.13
C SER D 340 -31.32 4.91 -16.57
N ILE D 341 -31.46 3.97 -17.50
CA ILE D 341 -31.64 4.32 -18.91
C ILE D 341 -33.00 5.01 -19.11
N ALA D 342 -34.03 4.54 -18.42
CA ALA D 342 -35.33 5.20 -18.52
C ALA D 342 -35.25 6.65 -18.04
N GLU D 343 -34.60 6.88 -16.91
CA GLU D 343 -34.46 8.25 -16.42
C GLU D 343 -33.61 9.10 -17.36
N SER D 344 -32.56 8.52 -17.93
CA SER D 344 -31.73 9.25 -18.88
C SER D 344 -32.52 9.63 -20.13
N MET D 345 -33.47 8.80 -20.54
CA MET D 345 -34.24 9.10 -21.74
C MET D 345 -35.43 10.00 -21.47
N LYS D 346 -35.97 10.01 -20.24
CA LYS D 346 -37.06 10.93 -19.95
C LYS D 346 -36.58 12.38 -19.89
N PHE D 347 -35.30 12.62 -19.66
CA PHE D 347 -34.75 13.96 -19.60
C PHE D 347 -33.85 14.29 -20.78
N GLY D 348 -33.81 13.43 -21.80
CA GLY D 348 -33.06 13.72 -23.01
C GLY D 348 -31.55 13.76 -22.85
N VAL D 349 -31.01 13.01 -21.89
CA VAL D 349 -29.58 12.95 -21.65
C VAL D 349 -29.03 11.71 -22.35
N PRO D 350 -28.15 11.85 -23.35
CA PRO D 350 -27.60 10.66 -24.02
C PRO D 350 -26.76 9.83 -23.07
N VAL D 351 -26.57 8.57 -23.46
CA VAL D 351 -26.03 7.54 -22.56
C VAL D 351 -24.64 7.14 -23.01
N ILE D 352 -23.72 7.04 -22.05
CA ILE D 352 -22.41 6.45 -22.23
C ILE D 352 -22.47 5.09 -21.56
N ALA D 353 -22.56 4.03 -22.37
CA ALA D 353 -22.78 2.69 -21.85
C ALA D 353 -21.48 2.10 -21.33
N MET D 354 -21.50 1.65 -20.06
CA MET D 354 -20.38 0.98 -19.43
C MET D 354 -20.95 -0.17 -18.58
N ALA D 355 -21.52 -1.16 -19.25
CA ALA D 355 -22.13 -2.30 -18.58
C ALA D 355 -21.07 -3.34 -18.23
N ARG D 356 -21.49 -4.34 -17.45
CA ARG D 356 -20.56 -5.42 -17.09
C ARG D 356 -21.28 -6.74 -16.87
N HIS D 357 -22.32 -6.76 -16.05
CA HIS D 357 -22.97 -8.01 -15.67
C HIS D 357 -24.49 -7.86 -15.81
N LEU D 358 -25.17 -8.99 -15.63
CA LEU D 358 -26.63 -9.08 -15.72
C LEU D 358 -27.08 -8.68 -17.12
N ASP D 359 -28.29 -8.15 -17.26
CA ASP D 359 -28.83 -7.72 -18.53
C ASP D 359 -28.37 -6.32 -18.94
N GLN D 360 -27.42 -5.76 -18.22
CA GLN D 360 -26.96 -4.40 -18.52
C GLN D 360 -26.33 -4.27 -19.90
N PRO D 361 -25.52 -5.22 -20.40
CA PRO D 361 -25.05 -5.09 -21.79
C PRO D 361 -26.20 -5.04 -22.79
N LEU D 362 -27.15 -5.98 -22.70
CA LEU D 362 -28.29 -5.98 -23.61
C LEU D 362 -29.02 -4.64 -23.58
N ASN D 363 -29.17 -4.06 -22.38
CA ASN D 363 -29.79 -2.73 -22.30
C ASN D 363 -28.96 -1.71 -23.06
N GLY D 364 -27.65 -1.69 -22.83
CA GLY D 364 -26.76 -0.72 -23.44
C GLY D 364 -26.89 -0.65 -24.94
N LYS D 365 -26.52 -1.75 -25.62
CA LYS D 365 -26.70 -1.82 -27.07
C LYS D 365 -28.12 -1.48 -27.49
N LEU D 366 -29.11 -1.84 -26.67
CA LEU D 366 -30.48 -1.44 -26.95
C LEU D 366 -30.56 0.08 -27.14
N ALA D 367 -30.15 0.84 -26.14
CA ALA D 367 -30.10 2.29 -26.29
C ALA D 367 -29.14 2.72 -27.39
N ALA D 368 -28.14 1.91 -27.71
CA ALA D 368 -27.27 2.18 -28.84
C ALA D 368 -27.91 1.81 -30.17
N GLU D 369 -28.84 0.86 -30.16
CA GLU D 369 -29.54 0.49 -31.39
C GLU D 369 -30.45 1.61 -31.86
N VAL D 370 -31.14 2.28 -30.94
CA VAL D 370 -32.06 3.36 -31.30
C VAL D 370 -31.36 4.69 -31.53
N GLY D 371 -30.11 4.82 -31.07
CA GLY D 371 -29.31 5.99 -31.37
C GLY D 371 -29.22 7.05 -30.29
N VAL D 372 -29.64 6.75 -29.07
CA VAL D 372 -29.60 7.73 -27.98
C VAL D 372 -28.43 7.47 -27.04
N GLY D 373 -27.44 6.68 -27.46
CA GLY D 373 -26.29 6.42 -26.63
C GLY D 373 -25.21 5.73 -27.42
N MET D 374 -24.08 5.50 -26.73
CA MET D 374 -22.95 4.81 -27.33
C MET D 374 -22.19 4.04 -26.26
N GLU D 375 -21.76 2.84 -26.61
CA GLU D 375 -21.01 1.99 -25.70
C GLU D 375 -19.51 2.23 -25.84
N VAL D 376 -18.79 2.06 -24.73
CA VAL D 376 -17.33 2.13 -24.78
C VAL D 376 -16.80 0.85 -25.42
N VAL D 377 -15.72 0.97 -26.17
CA VAL D 377 -15.12 -0.15 -26.88
C VAL D 377 -14.15 -0.85 -25.95
N ARG D 378 -14.44 -2.11 -25.61
CA ARG D 378 -13.59 -2.88 -24.67
C ARG D 378 -12.26 -3.25 -25.35
N ASP D 379 -11.14 -2.88 -24.73
CA ASP D 379 -9.80 -3.23 -25.29
C ASP D 379 -9.37 -4.58 -24.72
N GLU D 380 -9.83 -4.91 -23.50
CA GLU D 380 -9.48 -6.22 -22.88
C GLU D 380 -10.73 -7.10 -22.84
N ASN D 381 -10.99 -7.76 -21.72
CA ASN D 381 -12.20 -8.61 -21.57
C ASN D 381 -12.81 -8.34 -20.20
N GLY D 382 -11.98 -7.95 -19.22
CA GLY D 382 -12.48 -7.63 -17.88
C GLY D 382 -12.96 -6.20 -17.79
N LYS D 383 -12.23 -5.28 -18.42
CA LYS D 383 -12.62 -3.87 -18.25
C LYS D 383 -12.21 -3.02 -19.44
N TYR D 384 -12.39 -1.72 -19.30
CA TYR D 384 -12.08 -0.79 -20.40
C TYR D 384 -10.90 0.08 -20.00
N LYS D 385 -10.40 0.89 -20.93
CA LYS D 385 -9.22 1.72 -20.66
C LYS D 385 -9.60 3.19 -20.76
N ARG D 386 -8.81 4.09 -20.18
CA ARG D 386 -9.17 5.52 -20.14
C ARG D 386 -9.42 6.08 -21.53
N GLU D 387 -8.57 5.76 -22.50
CA GLU D 387 -8.84 6.21 -23.90
C GLU D 387 -10.26 5.82 -24.30
N GLY D 388 -10.61 4.53 -24.24
CA GLY D 388 -11.94 4.08 -24.63
C GLY D 388 -13.05 4.89 -23.99
N ILE D 389 -12.83 5.39 -22.77
CA ILE D 389 -13.85 6.17 -22.08
C ILE D 389 -13.83 7.63 -22.55
N ALA D 390 -12.64 8.22 -22.57
CA ALA D 390 -12.51 9.62 -22.96
C ALA D 390 -12.96 9.84 -24.40
N GLU D 391 -12.62 8.92 -25.29
CA GLU D 391 -13.04 9.05 -26.69
C GLU D 391 -14.55 9.14 -26.81
N VAL D 392 -15.27 8.21 -26.18
CA VAL D 392 -16.72 8.20 -26.33
C VAL D 392 -17.35 9.39 -25.62
N ILE D 393 -16.78 9.80 -24.48
CA ILE D 393 -17.32 10.99 -23.80
C ILE D 393 -17.20 12.21 -24.69
N ARG D 394 -16.02 12.43 -25.27
CA ARG D 394 -15.82 13.57 -26.14
C ARG D 394 -16.71 13.48 -27.38
N LYS D 395 -16.82 12.29 -27.96
CA LYS D 395 -17.63 12.11 -29.15
C LYS D 395 -19.09 12.46 -28.87
N VAL D 396 -19.63 11.97 -27.76
CA VAL D 396 -21.06 12.17 -27.48
C VAL D 396 -21.34 13.59 -27.04
N VAL D 397 -20.66 14.06 -25.99
CA VAL D 397 -21.14 15.26 -25.31
C VAL D 397 -20.66 16.53 -25.99
N VAL D 398 -19.43 16.55 -26.51
CA VAL D 398 -18.79 17.80 -26.93
C VAL D 398 -18.41 17.82 -28.41
N GLU D 399 -18.46 16.70 -29.11
CA GLU D 399 -18.01 16.64 -30.50
C GLU D 399 -19.20 16.64 -31.45
N LYS D 400 -18.93 17.03 -32.70
CA LYS D 400 -19.98 17.04 -33.72
C LYS D 400 -20.42 15.64 -34.11
N SER D 401 -19.51 14.66 -34.06
CA SER D 401 -19.84 13.30 -34.46
C SER D 401 -20.96 12.71 -33.60
N GLY D 402 -21.14 13.21 -32.39
CA GLY D 402 -22.21 12.77 -31.52
C GLY D 402 -23.49 13.56 -31.63
N GLU D 403 -23.57 14.51 -32.57
CA GLU D 403 -24.80 15.27 -32.74
C GLU D 403 -25.97 14.36 -33.07
N VAL D 404 -25.73 13.35 -33.89
CA VAL D 404 -26.83 12.38 -34.16
C VAL D 404 -27.37 11.93 -32.81
N ILE D 405 -26.51 11.47 -31.91
CA ILE D 405 -26.99 10.89 -30.63
C ILE D 405 -27.79 11.92 -29.83
N ARG D 406 -27.27 13.14 -29.74
CA ARG D 406 -27.92 14.17 -28.91
C ARG D 406 -29.28 14.54 -29.49
N ARG D 407 -29.33 14.75 -30.81
CA ARG D 407 -30.61 15.12 -31.48
C ARG D 407 -31.66 14.05 -31.18
N LYS D 408 -31.30 12.79 -31.29
CA LYS D 408 -32.26 11.68 -31.10
C LYS D 408 -32.76 11.67 -29.65
N ALA D 409 -31.86 11.88 -28.70
CA ALA D 409 -32.23 11.86 -27.26
C ALA D 409 -33.31 12.90 -26.98
N ARG D 410 -33.16 14.11 -27.53
CA ARG D 410 -34.13 15.20 -27.30
C ARG D 410 -35.44 14.89 -28.01
N GLU D 411 -35.37 14.41 -29.25
CA GLU D 411 -36.60 14.16 -30.03
C GLU D 411 -37.39 13.05 -29.34
N LEU D 412 -36.68 12.02 -28.89
CA LEU D 412 -37.36 10.90 -28.20
C LEU D 412 -37.96 11.39 -26.88
N SER D 413 -37.29 12.29 -26.17
CA SER D 413 -37.79 12.86 -24.89
C SER D 413 -39.05 13.65 -25.15
N GLU D 414 -39.04 14.41 -26.25
CA GLU D 414 -40.23 15.21 -26.61
C GLU D 414 -41.36 14.23 -26.87
N LYS D 415 -41.08 13.13 -27.56
CA LYS D 415 -42.14 12.16 -27.89
C LYS D 415 -42.68 11.54 -26.60
N MET D 416 -41.80 11.19 -25.68
CA MET D 416 -42.23 10.50 -24.46
C MET D 416 -43.14 11.45 -23.70
N LYS D 417 -42.90 12.74 -23.83
CA LYS D 417 -43.79 13.72 -23.23
C LYS D 417 -44.84 14.24 -24.19
N GLU D 418 -44.69 14.01 -25.50
CA GLU D 418 -45.70 14.45 -26.46
C GLU D 418 -46.92 13.53 -26.41
N LYS D 419 -46.69 12.24 -26.20
CA LYS D 419 -47.82 11.28 -26.03
C LYS D 419 -48.04 11.06 -24.54
N GLY D 420 -47.99 12.12 -23.74
CA GLY D 420 -48.03 11.97 -22.28
C GLY D 420 -49.35 11.56 -21.65
N GLU D 421 -49.30 10.64 -20.68
CA GLU D 421 -50.49 10.25 -19.87
C GLU D 421 -51.38 9.24 -20.60
N GLN D 422 -51.32 9.21 -21.92
CA GLN D 422 -52.19 8.31 -22.69
C GLN D 422 -51.82 6.85 -22.42
N GLU D 423 -50.54 6.54 -22.31
CA GLU D 423 -50.15 5.11 -22.19
C GLU D 423 -50.70 4.50 -20.92
N ILE D 424 -50.56 5.19 -19.79
CA ILE D 424 -51.15 4.72 -18.51
C ILE D 424 -52.67 4.80 -18.59
N ASP D 425 -53.20 5.81 -19.28
CA ASP D 425 -54.67 5.93 -19.45
C ASP D 425 -55.20 4.73 -20.23
N ARG D 426 -54.53 4.34 -21.31
CA ARG D 426 -54.92 3.16 -22.10
C ARG D 426 -54.74 1.90 -21.27
N ALA D 427 -53.69 1.86 -20.43
CA ALA D 427 -53.45 0.71 -19.55
C ALA D 427 -54.59 0.61 -18.56
N VAL D 428 -55.03 1.74 -18.01
CA VAL D 428 -56.12 1.72 -17.05
C VAL D 428 -57.42 1.27 -17.70
N GLU D 429 -57.70 1.77 -18.91
CA GLU D 429 -58.93 1.35 -19.55
C GLU D 429 -58.88 -0.14 -19.93
N GLU D 430 -57.69 -0.67 -20.26
CA GLU D 430 -57.61 -2.10 -20.53
C GLU D 430 -57.73 -2.92 -19.26
N LEU D 431 -57.21 -2.43 -18.13
CA LEU D 431 -57.43 -3.12 -16.85
C LEU D 431 -58.91 -3.15 -16.51
N VAL D 432 -59.61 -2.03 -16.70
CA VAL D 432 -61.06 -2.01 -16.47
C VAL D 432 -61.76 -2.95 -17.44
N GLN D 433 -61.26 -3.08 -18.66
CA GLN D 433 -61.80 -4.07 -19.59
C GLN D 433 -61.63 -5.48 -19.04
N ILE D 434 -60.48 -5.76 -18.44
CA ILE D 434 -60.28 -7.08 -17.82
C ILE D 434 -61.31 -7.30 -16.72
N CYS D 435 -61.50 -6.28 -15.87
CA CYS D 435 -62.45 -6.41 -14.77
C CYS D 435 -63.87 -6.65 -15.26
N LYS D 436 -64.28 -5.94 -16.32
CA LYS D 436 -65.64 -6.12 -16.83
C LYS D 436 -65.77 -7.45 -17.58
N LYS D 437 -64.72 -8.01 -18.15
CA LYS D 437 -64.92 -9.32 -18.80
C LYS D 437 -65.16 -10.34 -17.70
N LYS D 438 -64.82 -9.99 -16.46
CA LYS D 438 -64.98 -10.94 -15.34
C LYS D 438 -66.35 -10.75 -14.69
N LYS D 439 -67.13 -9.78 -15.18
CA LYS D 439 -68.52 -9.64 -14.69
C LYS D 439 -69.36 -10.62 -15.47
N ASP D 440 -69.18 -11.92 -15.20
CA ASP D 440 -69.97 -12.98 -15.87
C ASP D 440 -70.81 -13.65 -14.78
N GLU D 441 -72.12 -13.77 -14.99
CA GLU D 441 -73.02 -14.32 -13.95
C GLU D 441 -72.89 -13.49 -12.67
N GLN D 442 -72.82 -12.16 -12.79
CA GLN D 442 -72.81 -11.26 -11.60
C GLN D 442 -71.70 -11.65 -10.62
#